data_3J4R
#
_entry.id   3J4R
#
_cell.length_a   1.000
_cell.length_b   1.000
_cell.length_c   1.000
_cell.angle_alpha   90.00
_cell.angle_beta   90.00
_cell.angle_gamma   90.00
#
_symmetry.space_group_name_H-M   'P 1'
#
loop_
_entity.id
_entity.type
_entity.pdbx_description
1 polymer 'A-kinase anchor protein 18'
2 polymer 'cAMP-dependent protein kinase type II-alpha regulatory subunit'
3 polymer 'cAMP-dependent protein kinase catalytic subunit alpha'
#
loop_
_entity_poly.entity_id
_entity_poly.type
_entity_poly.pdbx_seq_one_letter_code
_entity_poly.pdbx_strand_id
1 'polypeptide(L)'
;MERPAAGEIDANKCDHLSRGEEGTGDLETSPVGSLADLPFAAVDIQDDCGLPDVPQGNVPQGNPKRSKENRGDRNDHVKK
RKKAKKDYQPNYFLSIPITNKKITAGIKVLQNSILRQDNRLTKAMVGDGSFHITLLVMQLLNEDEVNIGTDALLELKPFV
EEILEGKHLTLPFHGIGTFQGQVGFVKLADGDHVSALLEIAETAKRTFQEKGILAGESRTFKPHLTFMKLSKAPMLWKKG
VRKIEPGLYEQFIDHRFGEEILYQIDLCSMLKKKQSNGYYHCESSIVIGEKDRKEPEDAELVRLSKRLVENAVLKAVQQY
LEETQNKKQPGEGNSVKAEEGDRNGDGSDNNRK
;
A
2 'polypeptide(L)'
;MSHIQIPAGLTELLQGYTVEVLRQQPPDLVDFAVEYFTRLREARRQESDTFIVSPTTFHTQESSAVPVIEEDGESDSDSE
DADLEVPVPSKFTRRVSVCAETFNPDEEEEDNDPRVVHPKTDEQRCRLQEACKDILLFKNLDQEQLSQVLDAMFEKIVKT
DEHVIDQGDDGDNFYVIERGTYDILVTKDNQTRSVGQYDNRGSFGELALMYNTPRAATIIATSEGSLWGLDRVTFRRIIV
KNNAKKRKMFESFIESVPLFKSLEMSERMKIVDVIGEKIYKDGERIIAQGEKADSFYIIESGEVSILIRSKTKSNKNGGN
QEVEIAHCHKGQYFGELALVTNKPRAASAYAVGDVKCLVMDVQAFERLLGPCMDIMKRNISHYEEQLVKMFGSNLDLMDP
GQ
;
B,C
3 'polypeptide(L)'
;MGNAAAAKKGSEQESVKEFLAKAKEDFLKKWETPSQNTAQLDQFDRIKTLGTGSFGRVMLVKHKESGNHYAMKILDKQKV
VKLKQIEHTLNEKRILQAVNFPFLVKLEFSFKDNSNLYMVMEYVAGGEMFSHLRRIGRFSEPHARFYAAQIVLTFEYLHS
LDLIYRDLKPENLLIDQQGYIQVTDFGFAKRVKGRTWTLCGTPEYLAPEIILSKGYNKAVDWWALGVLIYEMAAGYPPFF
ADQPIQIYEKIVSGKVRFPSHFSSDLKDLLRNLLQVDLTKRFGNLKNGVNDIKNHKWFATTDWIAIYQRKVEAPFIPKFK
GPGDTSNFDDYEEEEIRVSINEKCGKEFTEF
;
D,E
#
# COMPACT_ATOMS: atom_id res chain seq x y z
N TYR A 88 -10.76 -19.54 12.24
CA TYR A 88 -10.59 -20.96 11.79
C TYR A 88 -9.25 -21.14 11.05
N GLN A 89 -8.81 -22.39 10.91
CA GLN A 89 -7.59 -22.68 10.17
C GLN A 89 -7.91 -23.02 8.71
N PRO A 90 -7.53 -22.13 7.77
CA PRO A 90 -7.78 -22.49 6.36
C PRO A 90 -6.88 -23.62 5.88
N ASN A 91 -7.36 -24.38 4.90
CA ASN A 91 -6.52 -25.39 4.22
C ASN A 91 -6.44 -25.19 2.70
N TYR A 92 -7.23 -24.22 2.20
CA TYR A 92 -7.28 -23.85 0.79
C TYR A 92 -7.26 -22.33 0.59
N PHE A 93 -6.82 -21.88 -0.57
CA PHE A 93 -6.84 -20.44 -0.87
C PHE A 93 -6.95 -20.19 -2.36
N LEU A 94 -7.56 -19.05 -2.71
CA LEU A 94 -7.44 -18.50 -4.05
C LEU A 94 -6.11 -17.77 -4.14
N SER A 95 -5.38 -18.08 -5.20
CA SER A 95 -4.02 -17.60 -5.40
C SER A 95 -3.92 -16.85 -6.71
N ILE A 96 -3.27 -15.68 -6.66
CA ILE A 96 -2.78 -15.00 -7.85
C ILE A 96 -1.30 -15.37 -8.01
N PRO A 97 -0.97 -16.25 -8.97
CA PRO A 97 0.45 -16.65 -9.13
C PRO A 97 1.26 -15.48 -9.70
N ILE A 98 2.53 -15.39 -9.31
CA ILE A 98 3.41 -14.41 -9.93
C ILE A 98 4.02 -15.00 -11.20
N THR A 99 3.60 -14.49 -12.35
CA THR A 99 4.04 -14.99 -13.65
C THR A 99 5.08 -14.09 -14.32
N ASN A 100 5.24 -12.87 -13.83
CA ASN A 100 6.25 -11.94 -14.33
C ASN A 100 7.63 -12.39 -13.84
N LYS A 101 8.41 -12.97 -14.74
CA LYS A 101 9.73 -13.55 -14.39
C LYS A 101 10.68 -12.55 -13.74
N LYS A 102 10.53 -11.26 -14.06
CA LYS A 102 11.34 -10.21 -13.46
C LYS A 102 11.09 -10.09 -11.96
N ILE A 103 9.82 -10.23 -11.56
CA ILE A 103 9.47 -10.18 -10.14
C ILE A 103 10.12 -11.33 -9.40
N THR A 104 9.93 -12.54 -9.91
CA THR A 104 10.43 -13.73 -9.17
C THR A 104 11.95 -13.79 -9.17
N ALA A 105 12.56 -13.34 -10.27
CA ALA A 105 14.03 -13.23 -10.38
C ALA A 105 14.59 -12.20 -9.40
N GLY A 106 13.93 -11.06 -9.25
CA GLY A 106 14.30 -10.05 -8.26
C GLY A 106 14.21 -10.55 -6.82
N ILE A 107 13.15 -11.30 -6.51
CA ILE A 107 12.99 -11.93 -5.19
C ILE A 107 14.07 -12.99 -4.92
N LYS A 108 14.39 -13.78 -5.94
CA LYS A 108 15.47 -14.77 -5.83
C LYS A 108 16.80 -14.09 -5.42
N VAL A 109 17.09 -12.95 -6.05
CA VAL A 109 18.25 -12.12 -5.73
C VAL A 109 18.20 -11.64 -4.28
N LEU A 110 17.05 -11.11 -3.87
CA LEU A 110 16.83 -10.67 -2.48
C LEU A 110 17.08 -11.82 -1.48
N GLN A 111 16.45 -12.94 -1.73
CA GLN A 111 16.63 -14.13 -0.89
C GLN A 111 18.10 -14.54 -0.81
N ASN A 112 18.75 -14.65 -1.97
CA ASN A 112 20.17 -15.00 -1.98
C ASN A 112 21.07 -13.99 -1.25
N SER A 113 20.79 -12.68 -1.38
CA SER A 113 21.63 -11.69 -0.70
C SER A 113 21.49 -11.80 0.84
N ILE A 114 20.27 -12.09 1.30
CA ILE A 114 20.04 -12.33 2.71
C ILE A 114 20.84 -13.56 3.15
N LEU A 115 20.79 -14.62 2.34
CA LEU A 115 21.45 -15.89 2.68
C LEU A 115 22.97 -15.82 2.72
N ARG A 116 23.57 -14.95 1.90
CA ARG A 116 25.02 -14.78 1.93
C ARG A 116 25.45 -14.02 3.18
N GLN A 117 24.52 -13.28 3.76
CA GLN A 117 24.78 -12.57 5.01
C GLN A 117 24.62 -13.49 6.24
N ASP A 118 23.66 -14.41 6.14
CA ASP A 118 23.33 -15.38 7.19
C ASP A 118 22.73 -16.64 6.56
N ASN A 119 23.58 -17.64 6.29
CA ASN A 119 23.13 -18.87 5.59
C ASN A 119 22.19 -19.80 6.38
N ARG A 120 22.12 -19.63 7.69
CA ARG A 120 21.20 -20.48 8.45
C ARG A 120 19.74 -20.04 8.30
N LEU A 121 19.50 -18.94 7.58
CA LEU A 121 18.12 -18.54 7.21
C LEU A 121 17.56 -19.31 6.01
N THR A 122 18.34 -20.27 5.50
CA THR A 122 17.97 -21.07 4.32
C THR A 122 16.52 -21.62 4.33
N LYS A 123 16.14 -22.34 5.38
CA LYS A 123 14.81 -22.97 5.43
C LYS A 123 13.65 -21.98 5.66
N ALA A 124 13.96 -20.73 6.03
CA ALA A 124 12.92 -19.69 6.17
C ALA A 124 12.43 -19.15 4.83
N MET A 125 13.24 -19.31 3.79
CA MET A 125 12.94 -18.76 2.46
C MET A 125 11.84 -19.56 1.80
N VAL A 126 10.88 -18.87 1.18
CA VAL A 126 9.85 -19.59 0.46
C VAL A 126 10.46 -20.15 -0.82
N GLY A 127 9.92 -21.30 -1.21
CA GLY A 127 10.49 -22.07 -2.30
C GLY A 127 10.36 -21.41 -3.64
N ASP A 128 11.37 -21.62 -4.48
CA ASP A 128 11.29 -21.24 -5.88
C ASP A 128 10.01 -21.81 -6.48
N GLY A 129 9.30 -20.97 -7.22
CA GLY A 129 8.09 -21.40 -7.94
C GLY A 129 6.80 -21.27 -7.15
N SER A 130 6.91 -20.93 -5.87
CA SER A 130 5.74 -20.84 -4.98
C SER A 130 5.16 -19.42 -4.86
N PHE A 131 5.76 -18.43 -5.51
CA PHE A 131 5.38 -17.03 -5.26
C PHE A 131 3.95 -16.73 -5.73
N HIS A 132 3.18 -16.06 -4.85
CA HIS A 132 1.76 -15.78 -5.09
C HIS A 132 1.26 -14.66 -4.17
N ILE A 133 0.11 -14.10 -4.51
CA ILE A 133 -0.67 -13.26 -3.62
C ILE A 133 -1.89 -14.07 -3.21
N THR A 134 -2.18 -14.12 -1.91
CA THR A 134 -3.38 -14.81 -1.46
C THR A 134 -4.56 -13.83 -1.61
N LEU A 135 -5.59 -14.28 -2.31
CA LEU A 135 -6.77 -13.47 -2.54
C LEU A 135 -7.85 -13.78 -1.50
N LEU A 136 -7.97 -15.05 -1.10
CA LEU A 136 -9.06 -15.50 -0.22
C LEU A 136 -8.64 -16.80 0.43
N VAL A 137 -8.80 -16.94 1.74
CA VAL A 137 -8.56 -18.24 2.38
C VAL A 137 -9.90 -18.94 2.64
N MET A 138 -9.88 -20.25 2.85
CA MET A 138 -11.10 -21.01 3.07
C MET A 138 -10.83 -22.39 3.64
N GLN A 139 -11.90 -23.09 4.01
CA GLN A 139 -11.80 -24.51 4.39
C GLN A 139 -12.56 -25.36 3.39
N LEU A 140 -11.86 -26.29 2.74
CA LEU A 140 -12.52 -27.35 1.94
C LEU A 140 -12.16 -28.67 2.57
N LEU A 141 -13.14 -29.33 3.16
CA LEU A 141 -12.89 -30.44 4.09
C LEU A 141 -13.24 -31.84 3.57
N ASN A 142 -13.68 -31.94 2.32
CA ASN A 142 -13.92 -33.22 1.66
C ASN A 142 -13.97 -33.08 0.13
N GLU A 143 -14.08 -34.21 -0.56
CA GLU A 143 -14.13 -34.25 -2.03
C GLU A 143 -15.24 -33.36 -2.61
N ASP A 144 -16.44 -33.43 -2.02
CA ASP A 144 -17.58 -32.63 -2.50
C ASP A 144 -17.30 -31.15 -2.36
N GLU A 145 -16.72 -30.76 -1.22
CA GLU A 145 -16.40 -29.37 -0.94
C GLU A 145 -15.29 -28.85 -1.82
N VAL A 146 -14.32 -29.72 -2.13
CA VAL A 146 -13.29 -29.40 -3.12
C VAL A 146 -13.95 -29.15 -4.49
N ASN A 147 -14.91 -29.99 -4.87
CA ASN A 147 -15.68 -29.74 -6.10
C ASN A 147 -16.48 -28.44 -6.04
N ILE A 148 -17.12 -28.19 -4.90
CA ILE A 148 -17.88 -26.94 -4.64
C ILE A 148 -16.99 -25.69 -4.77
N GLY A 149 -15.78 -25.75 -4.19
CA GLY A 149 -14.79 -24.67 -4.35
C GLY A 149 -14.49 -24.39 -5.82
N THR A 150 -14.27 -25.45 -6.57
CA THR A 150 -14.02 -25.36 -8.01
C THR A 150 -15.20 -24.69 -8.73
N ASP A 151 -16.42 -25.13 -8.41
CA ASP A 151 -17.64 -24.49 -8.92
C ASP A 151 -17.73 -22.99 -8.59
N ALA A 152 -17.45 -22.66 -7.33
CA ALA A 152 -17.47 -21.28 -6.86
C ALA A 152 -16.44 -20.40 -7.57
N LEU A 153 -15.25 -20.96 -7.84
CA LEU A 153 -14.21 -20.25 -8.61
C LEU A 153 -14.69 -19.93 -10.02
N LEU A 154 -15.31 -20.92 -10.68
CA LEU A 154 -15.87 -20.75 -12.01
C LEU A 154 -16.92 -19.64 -12.02
N GLU A 155 -17.81 -19.69 -11.04
CA GLU A 155 -18.87 -18.70 -10.86
C GLU A 155 -18.31 -17.29 -10.60
N LEU A 156 -17.13 -17.22 -9.99
CA LEU A 156 -16.50 -15.93 -9.68
C LEU A 156 -16.01 -15.16 -10.92
N LYS A 157 -15.64 -15.90 -11.96
CA LYS A 157 -15.03 -15.30 -13.15
C LYS A 157 -15.76 -14.06 -13.70
N PRO A 158 -17.05 -14.21 -14.08
CA PRO A 158 -17.79 -13.05 -14.61
C PRO A 158 -17.84 -11.85 -13.66
N PHE A 159 -17.92 -12.14 -12.36
CA PHE A 159 -17.87 -11.08 -11.34
C PHE A 159 -16.59 -10.26 -11.38
N VAL A 160 -15.44 -10.93 -11.51
CA VAL A 160 -14.16 -10.22 -11.59
C VAL A 160 -14.09 -9.40 -12.88
N GLU A 161 -14.66 -9.95 -13.97
CA GLU A 161 -14.73 -9.24 -15.24
C GLU A 161 -15.61 -7.99 -15.13
N GLU A 162 -16.73 -8.10 -14.42
CA GLU A 162 -17.63 -6.97 -14.15
C GLU A 162 -16.86 -5.89 -13.42
N ILE A 163 -16.18 -6.29 -12.33
CA ILE A 163 -15.45 -5.34 -11.48
C ILE A 163 -14.38 -4.52 -12.21
N LEU A 164 -13.60 -5.18 -13.07
CA LEU A 164 -12.50 -4.50 -13.77
C LEU A 164 -12.92 -3.48 -14.84
N GLU A 165 -14.18 -3.56 -15.27
CA GLU A 165 -14.79 -2.59 -16.21
C GLU A 165 -13.90 -2.31 -17.45
N GLY A 166 -13.38 -3.38 -18.01
CA GLY A 166 -12.59 -3.31 -19.24
C GLY A 166 -11.15 -2.88 -19.12
N LYS A 167 -10.64 -2.74 -17.90
CA LYS A 167 -9.24 -2.37 -17.69
C LYS A 167 -8.49 -3.50 -16.98
N HIS A 168 -7.24 -3.72 -17.35
CA HIS A 168 -6.44 -4.75 -16.64
C HIS A 168 -6.16 -4.27 -15.24
N LEU A 169 -6.05 -5.22 -14.32
CA LEU A 169 -5.62 -4.89 -12.98
C LEU A 169 -4.11 -5.09 -12.89
N THR A 170 -3.39 -4.02 -12.63
CA THR A 170 -1.93 -4.08 -12.55
C THR A 170 -1.45 -3.92 -11.10
N LEU A 171 -0.72 -4.92 -10.63
CA LEU A 171 -0.22 -4.93 -9.26
C LEU A 171 1.29 -4.64 -9.23
N PRO A 172 1.68 -3.44 -8.79
CA PRO A 172 3.09 -3.06 -8.69
C PRO A 172 3.69 -3.47 -7.37
N PHE A 173 4.79 -4.22 -7.43
CA PHE A 173 5.48 -4.72 -6.25
C PHE A 173 6.78 -3.93 -6.03
N HIS A 174 6.81 -3.21 -4.92
CA HIS A 174 7.86 -2.24 -4.64
C HIS A 174 8.13 -2.23 -3.15
N GLY A 175 9.41 -2.35 -2.79
CA GLY A 175 9.80 -2.26 -1.39
C GLY A 175 9.56 -3.53 -0.60
N ILE A 176 10.02 -3.51 0.64
CA ILE A 176 9.95 -4.65 1.54
C ILE A 176 9.32 -4.27 2.88
N GLY A 177 8.51 -5.18 3.43
CA GLY A 177 7.96 -5.03 4.77
C GLY A 177 7.99 -6.34 5.56
N THR A 178 7.67 -6.26 6.84
CA THR A 178 7.55 -7.46 7.68
C THR A 178 6.28 -7.44 8.52
N PHE A 179 5.79 -8.62 8.90
CA PHE A 179 4.75 -8.73 9.91
C PHE A 179 5.45 -9.12 11.21
N GLN A 180 5.76 -8.10 12.02
CA GLN A 180 6.36 -8.24 13.34
C GLN A 180 7.74 -8.93 13.36
N GLY A 181 8.49 -8.78 12.26
CA GLY A 181 9.83 -9.35 12.14
C GLY A 181 9.90 -10.86 11.93
N GLN A 182 8.75 -11.51 11.77
CA GLN A 182 8.69 -12.96 11.58
C GLN A 182 8.42 -13.38 10.13
N VAL A 183 7.73 -12.52 9.38
CA VAL A 183 7.39 -12.77 7.98
C VAL A 183 7.91 -11.61 7.11
N GLY A 184 8.72 -11.95 6.11
CA GLY A 184 9.25 -10.94 5.19
C GLY A 184 8.48 -10.93 3.88
N PHE A 185 8.08 -9.75 3.40
CA PHE A 185 7.30 -9.67 2.16
C PHE A 185 7.65 -8.49 1.25
N VAL A 186 7.50 -8.68 -0.06
CA VAL A 186 7.52 -7.57 -1.01
C VAL A 186 6.16 -6.88 -0.94
N LYS A 187 6.18 -5.57 -0.83
CA LYS A 187 4.97 -4.80 -0.63
C LYS A 187 4.23 -4.60 -1.95
N LEU A 188 2.92 -4.56 -1.86
CA LEU A 188 2.11 -4.09 -2.97
C LEU A 188 2.05 -2.57 -2.88
N ALA A 189 2.46 -1.89 -3.95
CA ALA A 189 2.46 -0.43 -4.01
C ALA A 189 1.04 0.10 -3.90
N ASP A 190 0.90 1.29 -3.31
CA ASP A 190 -0.41 1.94 -3.21
C ASP A 190 -0.92 2.36 -4.58
N GLY A 191 -2.24 2.45 -4.71
CA GLY A 191 -2.86 2.91 -5.96
C GLY A 191 -4.28 2.43 -6.11
N ASP A 192 -4.88 2.77 -7.25
CA ASP A 192 -6.28 2.46 -7.54
C ASP A 192 -6.54 0.96 -7.57
N HIS A 193 -5.50 0.19 -7.90
CA HIS A 193 -5.56 -1.26 -7.94
C HIS A 193 -5.88 -1.92 -6.60
N VAL A 194 -5.44 -1.29 -5.51
CA VAL A 194 -5.64 -1.89 -4.18
C VAL A 194 -7.14 -1.98 -3.87
N SER A 195 -7.90 -0.92 -4.14
CA SER A 195 -9.34 -0.98 -3.90
C SER A 195 -10.03 -2.02 -4.79
N ALA A 196 -9.60 -2.12 -6.04
CA ALA A 196 -10.19 -3.09 -6.97
C ALA A 196 -9.90 -4.50 -6.47
N LEU A 197 -8.67 -4.72 -6.03
CA LEU A 197 -8.26 -6.02 -5.50
C LEU A 197 -9.09 -6.42 -4.28
N LEU A 198 -9.24 -5.48 -3.33
CA LEU A 198 -10.11 -5.65 -2.17
C LEU A 198 -11.56 -5.97 -2.57
N GLU A 199 -12.07 -5.29 -3.59
CA GLU A 199 -13.41 -5.56 -4.07
C GLU A 199 -13.53 -6.99 -4.60
N ILE A 200 -12.52 -7.44 -5.33
CA ILE A 200 -12.46 -8.81 -5.86
C ILE A 200 -12.42 -9.80 -4.70
N ALA A 201 -11.59 -9.50 -3.70
CA ALA A 201 -11.50 -10.39 -2.51
C ALA A 201 -12.87 -10.52 -1.79
N GLU A 202 -13.57 -9.41 -1.62
CA GLU A 202 -14.86 -9.44 -0.91
C GLU A 202 -15.92 -10.15 -1.76
N THR A 203 -15.90 -9.91 -3.07
CA THR A 203 -16.83 -10.61 -3.96
C THR A 203 -16.54 -12.12 -3.96
N ALA A 204 -15.26 -12.47 -3.95
CA ALA A 204 -14.81 -13.88 -3.84
C ALA A 204 -15.37 -14.51 -2.55
N LYS A 205 -15.23 -13.82 -1.44
CA LYS A 205 -15.71 -14.33 -0.14
C LYS A 205 -17.21 -14.58 -0.18
N ARG A 206 -17.96 -13.62 -0.70
CA ARG A 206 -19.40 -13.78 -0.82
C ARG A 206 -19.78 -14.96 -1.72
N THR A 207 -19.12 -15.09 -2.87
CA THR A 207 -19.44 -16.13 -3.85
C THR A 207 -19.25 -17.53 -3.26
N PHE A 208 -18.16 -17.70 -2.52
CA PHE A 208 -17.83 -18.98 -1.87
C PHE A 208 -18.75 -19.33 -0.71
N GLN A 209 -19.07 -18.33 0.11
CA GLN A 209 -19.96 -18.53 1.25
C GLN A 209 -21.38 -18.89 0.77
N GLU A 210 -21.80 -18.27 -0.33
CA GLU A 210 -23.13 -18.57 -0.90
C GLU A 210 -23.20 -19.99 -1.52
N LYS A 211 -22.05 -20.64 -1.66
CA LYS A 211 -21.97 -22.03 -2.09
C LYS A 211 -21.70 -22.96 -0.90
N GLY A 212 -21.67 -22.39 0.29
CA GLY A 212 -21.61 -23.20 1.52
C GLY A 212 -20.19 -23.37 2.04
N ILE A 213 -19.27 -22.58 1.50
CA ILE A 213 -17.85 -22.66 1.90
C ILE A 213 -17.44 -21.60 2.93
N LEU A 214 -16.99 -22.05 4.10
CA LEU A 214 -16.38 -21.14 5.08
C LEU A 214 -15.12 -20.49 4.47
N ALA A 215 -15.21 -19.20 4.23
CA ALA A 215 -14.15 -18.50 3.50
C ALA A 215 -13.97 -17.07 4.01
N GLY A 216 -12.79 -16.51 3.82
CA GLY A 216 -12.50 -15.14 4.22
C GLY A 216 -12.11 -15.06 5.68
N GLU A 217 -11.80 -13.86 6.13
CA GLU A 217 -11.43 -13.61 7.52
C GLU A 217 -12.07 -12.30 7.97
N SER A 218 -12.07 -12.07 9.28
CA SER A 218 -12.59 -10.81 9.84
C SER A 218 -11.56 -9.67 9.79
N ARG A 219 -10.28 -10.03 9.77
CA ARG A 219 -9.18 -9.06 9.71
C ARG A 219 -9.11 -8.36 8.35
N THR A 220 -8.52 -7.16 8.33
CA THR A 220 -8.39 -6.37 7.10
C THR A 220 -7.53 -7.08 6.06
N PHE A 221 -8.01 -7.08 4.81
CA PHE A 221 -7.28 -7.63 3.67
C PHE A 221 -6.07 -6.74 3.40
N LYS A 222 -4.87 -7.28 3.60
CA LYS A 222 -3.63 -6.54 3.34
C LYS A 222 -2.71 -7.38 2.46
N PRO A 223 -2.94 -7.35 1.14
CA PRO A 223 -2.19 -8.24 0.25
C PRO A 223 -0.70 -7.91 0.24
N HIS A 224 0.12 -8.95 0.11
CA HIS A 224 1.57 -8.83 0.18
C HIS A 224 2.16 -10.07 -0.48
N LEU A 225 3.43 -10.01 -0.85
CA LEU A 225 4.07 -11.11 -1.54
C LEU A 225 5.19 -11.69 -0.67
N THR A 226 4.86 -12.72 0.10
CA THR A 226 5.78 -13.30 1.09
C THR A 226 7.03 -13.89 0.43
N PHE A 227 8.20 -13.66 1.04
CA PHE A 227 9.44 -14.27 0.56
C PHE A 227 10.16 -15.09 1.64
N MET A 228 9.77 -14.90 2.90
CA MET A 228 10.31 -15.68 4.03
C MET A 228 9.43 -15.66 5.26
N LYS A 229 9.51 -16.76 6.02
CA LYS A 229 8.73 -16.91 7.23
C LYS A 229 9.61 -17.71 8.16
N LEU A 230 9.91 -17.12 9.32
CA LEU A 230 10.74 -17.79 10.31
C LEU A 230 10.12 -19.10 10.83
N SER A 231 8.79 -19.16 10.88
CA SER A 231 8.06 -20.35 11.37
C SER A 231 8.35 -21.62 10.56
N LYS A 232 8.77 -21.41 9.31
CA LYS A 232 9.15 -22.47 8.39
C LYS A 232 10.45 -23.18 8.79
N ALA A 233 11.20 -22.57 9.71
CA ALA A 233 12.48 -23.08 10.16
C ALA A 233 12.51 -23.03 11.69
N PRO A 234 11.89 -24.04 12.33
CA PRO A 234 11.71 -24.02 13.79
C PRO A 234 13.00 -23.97 14.60
N MET A 235 14.08 -24.53 14.05
CA MET A 235 15.38 -24.56 14.72
C MET A 235 16.02 -23.18 14.89
N LEU A 236 15.51 -22.17 14.16
CA LEU A 236 16.02 -20.79 14.27
C LEU A 236 15.82 -20.17 15.67
N TRP A 237 14.62 -20.31 16.25
CA TRP A 237 14.40 -19.93 17.64
C TRP A 237 15.42 -20.68 18.48
N LYS A 238 15.38 -22.00 18.35
CA LYS A 238 16.22 -22.94 19.11
C LYS A 238 17.69 -22.56 19.11
N LYS A 239 18.10 -21.71 18.17
CA LYS A 239 19.48 -21.20 18.10
C LYS A 239 19.64 -19.68 17.91
N GLY A 240 18.76 -18.91 18.54
CA GLY A 240 18.98 -17.47 18.75
C GLY A 240 18.54 -16.50 17.67
N VAL A 241 17.97 -17.01 16.58
CA VAL A 241 17.45 -16.16 15.51
C VAL A 241 15.94 -16.06 15.63
N ARG A 242 15.45 -14.97 16.20
CA ARG A 242 14.03 -14.87 16.55
C ARG A 242 13.28 -13.72 15.87
N LYS A 243 13.96 -13.05 14.95
CA LYS A 243 13.38 -11.96 14.15
C LYS A 243 14.22 -11.74 12.89
N ILE A 244 13.60 -11.21 11.85
CA ILE A 244 14.32 -10.88 10.61
C ILE A 244 15.02 -9.55 10.82
N GLU A 245 16.34 -9.57 10.75
CA GLU A 245 17.17 -8.38 10.87
C GLU A 245 16.88 -7.43 9.71
N PRO A 246 16.36 -6.20 10.01
CA PRO A 246 16.00 -5.24 8.94
C PRO A 246 17.18 -4.84 8.05
N GLY A 247 18.39 -4.83 8.62
CA GLY A 247 19.59 -4.57 7.84
C GLY A 247 19.82 -5.54 6.68
N LEU A 248 19.29 -6.76 6.80
CA LEU A 248 19.55 -7.83 5.84
C LEU A 248 19.02 -7.52 4.44
N TYR A 249 17.89 -6.82 4.39
CA TYR A 249 17.24 -6.45 3.13
C TYR A 249 17.30 -4.94 2.86
N GLU A 250 18.19 -4.24 3.55
CA GLU A 250 18.32 -2.79 3.44
C GLU A 250 18.43 -2.26 2.00
N GLN A 251 19.21 -2.94 1.17
CA GLN A 251 19.48 -2.50 -0.21
C GLN A 251 18.27 -2.62 -1.16
N PHE A 252 17.26 -3.38 -0.74
CA PHE A 252 16.07 -3.62 -1.57
C PHE A 252 14.84 -2.88 -1.06
N ILE A 253 15.07 -1.98 -0.11
CA ILE A 253 14.01 -1.21 0.55
C ILE A 253 13.13 -0.37 -0.42
N ASP A 254 13.72 0.10 -1.50
CA ASP A 254 12.92 0.80 -2.51
C ASP A 254 13.21 0.22 -3.89
N HIS A 255 13.31 -1.11 -3.92
CA HIS A 255 13.56 -1.83 -5.16
C HIS A 255 12.24 -2.12 -5.86
N ARG A 256 12.15 -1.71 -7.12
CA ARG A 256 11.01 -2.05 -7.94
C ARG A 256 11.21 -3.48 -8.46
N PHE A 257 10.42 -4.41 -7.94
CA PHE A 257 10.49 -5.80 -8.39
C PHE A 257 9.81 -6.00 -9.74
N GLY A 258 8.67 -5.35 -9.94
CA GLY A 258 7.98 -5.40 -11.24
C GLY A 258 6.48 -5.38 -11.06
N GLU A 259 5.76 -5.57 -12.16
CA GLU A 259 4.30 -5.47 -12.16
C GLU A 259 3.68 -6.77 -12.66
N GLU A 260 2.66 -7.23 -11.96
CA GLU A 260 1.90 -8.40 -12.34
C GLU A 260 0.50 -7.94 -12.79
N ILE A 261 0.09 -8.35 -13.98
CA ILE A 261 -1.26 -8.12 -14.49
C ILE A 261 -2.12 -9.30 -14.07
N LEU A 262 -3.25 -9.03 -13.42
CA LEU A 262 -4.18 -10.10 -13.05
C LEU A 262 -4.71 -10.83 -14.29
N TYR A 263 -4.63 -12.16 -14.28
CA TYR A 263 -5.09 -12.99 -15.39
C TYR A 263 -5.58 -14.31 -14.80
N GLN A 264 -4.65 -15.14 -14.33
CA GLN A 264 -5.05 -16.41 -13.75
C GLN A 264 -5.38 -16.25 -12.27
N ILE A 265 -6.40 -17.00 -11.83
CA ILE A 265 -6.66 -17.19 -10.39
C ILE A 265 -6.75 -18.71 -10.15
N ASP A 266 -5.94 -19.20 -9.21
CA ASP A 266 -5.84 -20.64 -8.93
C ASP A 266 -6.55 -20.98 -7.61
N LEU A 267 -7.18 -22.15 -7.53
CA LEU A 267 -7.67 -22.67 -6.24
C LEU A 267 -6.60 -23.67 -5.79
N CYS A 268 -5.90 -23.30 -4.71
CA CYS A 268 -4.71 -24.02 -4.26
C CYS A 268 -4.88 -24.70 -2.90
N SER A 269 -4.30 -25.90 -2.78
CA SER A 269 -4.22 -26.60 -1.51
C SER A 269 -3.02 -26.14 -0.71
N MET A 270 -3.22 -25.78 0.55
CA MET A 270 -2.10 -25.40 1.43
C MET A 270 -1.28 -26.62 1.89
N LEU A 271 -1.93 -27.77 1.99
CA LEU A 271 -1.32 -28.91 2.69
C LEU A 271 -0.85 -30.05 1.79
N LYS A 272 -1.38 -30.11 0.57
CA LYS A 272 -0.96 -31.15 -0.36
C LYS A 272 0.44 -30.88 -0.87
N LYS A 273 1.02 -31.92 -1.47
CA LYS A 273 2.36 -31.88 -2.03
C LYS A 273 2.44 -30.84 -3.14
N LYS A 274 3.51 -30.05 -3.13
CA LYS A 274 3.70 -29.01 -4.13
C LYS A 274 3.98 -29.62 -5.51
N GLN A 275 3.69 -28.85 -6.56
CA GLN A 275 3.98 -29.26 -7.94
C GLN A 275 5.49 -29.39 -8.18
N SER A 276 5.84 -30.06 -9.27
CA SER A 276 7.23 -30.21 -9.68
C SER A 276 7.95 -28.87 -9.80
N ASN A 277 7.28 -27.86 -10.34
CA ASN A 277 7.84 -26.51 -10.51
C ASN A 277 7.86 -25.64 -9.24
N GLY A 278 7.50 -26.22 -8.09
CA GLY A 278 7.50 -25.49 -6.81
C GLY A 278 6.20 -24.82 -6.39
N TYR A 279 5.23 -24.77 -7.30
CA TYR A 279 3.98 -24.07 -7.02
C TYR A 279 3.08 -24.96 -6.17
N TYR A 280 2.10 -24.33 -5.52
CA TYR A 280 1.10 -25.08 -4.77
C TYR A 280 0.31 -26.04 -5.66
N HIS A 281 -0.19 -27.12 -5.04
CA HIS A 281 -1.11 -28.02 -5.69
C HIS A 281 -2.35 -27.22 -6.06
N CYS A 282 -2.76 -27.34 -7.32
CA CYS A 282 -3.88 -26.60 -7.86
CA CYS A 282 -3.91 -26.60 -7.86
C CYS A 282 -5.06 -27.52 -8.19
N GLU A 283 -6.21 -27.26 -7.57
CA GLU A 283 -7.42 -28.03 -7.83
C GLU A 283 -8.03 -27.62 -9.16
N SER A 284 -8.03 -26.31 -9.40
CA SER A 284 -8.59 -25.73 -10.61
C SER A 284 -8.08 -24.30 -10.77
N SER A 285 -8.30 -23.73 -11.95
CA SER A 285 -7.93 -22.36 -12.23
C SER A 285 -8.93 -21.74 -13.19
N ILE A 286 -9.06 -20.43 -13.08
CA ILE A 286 -9.78 -19.66 -14.07
C ILE A 286 -8.83 -18.61 -14.61
N VAL A 287 -9.22 -18.02 -15.71
CA VAL A 287 -8.50 -16.93 -16.28
C VAL A 287 -9.51 -15.79 -16.44
N ILE A 288 -9.12 -14.64 -15.90
CA ILE A 288 -9.90 -13.40 -15.98
C ILE A 288 -9.98 -12.80 -17.37
N GLY A 289 -8.86 -12.87 -18.07
CA GLY A 289 -8.66 -12.19 -19.33
C GLY A 289 -9.48 -12.67 -20.52
N GLU A 290 -9.82 -11.72 -21.38
CA GLU A 290 -10.53 -12.00 -22.62
C GLU A 290 -9.69 -12.06 -23.93
N LYS A 291 -8.37 -12.15 -23.88
CA LYS A 291 -7.57 -12.49 -22.70
C LYS A 291 -6.37 -11.55 -22.46
N ASP A 292 -6.62 -10.33 -22.01
CA ASP A 292 -7.97 -9.79 -21.87
C ASP A 292 -8.08 -8.47 -22.64
N ARG A 293 -9.10 -8.37 -23.48
CA ARG A 293 -9.33 -7.15 -24.25
C ARG A 293 -10.82 -6.81 -24.33
N LYS A 294 -11.11 -5.52 -24.45
CA LYS A 294 -12.48 -5.08 -24.67
C LYS A 294 -12.95 -5.63 -26.01
N GLU A 295 -12.05 -5.60 -26.98
CA GLU A 295 -12.34 -6.11 -28.32
C GLU A 295 -11.43 -7.28 -28.68
N PRO A 296 -12.01 -8.36 -29.19
CA PRO A 296 -11.23 -9.55 -29.54
C PRO A 296 -10.20 -9.25 -30.63
N GLU A 297 -10.60 -8.46 -31.61
CA GLU A 297 -9.75 -8.11 -32.74
C GLU A 297 -8.60 -7.21 -32.34
N ASP A 298 -7.44 -7.41 -32.98
CA ASP A 298 -6.25 -6.62 -32.67
C ASP A 298 -6.46 -5.15 -33.02
N ALA A 299 -5.93 -4.26 -32.19
CA ALA A 299 -6.07 -2.83 -32.41
C ALA A 299 -5.43 -2.31 -33.71
N GLU A 300 -4.23 -2.78 -34.02
CA GLU A 300 -3.54 -3.75 -33.17
C GLU A 300 -2.25 -3.16 -32.61
N LEU A 301 -2.07 -3.28 -31.30
CA LEU A 301 -0.90 -2.75 -30.62
C LEU A 301 -1.05 -1.26 -30.36
N VAL A 302 -2.25 -0.74 -30.67
CA VAL A 302 -2.56 0.66 -30.45
C VAL A 302 -2.52 1.00 -28.97
N ARG A 303 -3.03 0.08 -28.15
CA ARG A 303 -3.10 0.30 -26.71
C ARG A 303 -1.73 0.46 -26.09
N LEU A 304 -0.76 -0.33 -26.54
CA LEU A 304 0.59 -0.25 -26.01
C LEU A 304 1.05 1.19 -25.78
N SER A 305 0.73 2.10 -26.70
CA SER A 305 1.05 3.50 -26.46
C SER A 305 0.57 3.91 -25.06
N LYS A 306 -0.61 3.43 -24.66
CA LYS A 306 -1.10 3.69 -23.32
C LYS A 306 -0.12 3.09 -22.30
N ARG A 307 0.32 1.84 -22.53
CA ARG A 307 1.25 1.23 -21.56
C ARG A 307 2.57 1.97 -21.48
N LEU A 308 3.07 2.39 -22.64
CA LEU A 308 4.37 3.09 -22.64
C LEU A 308 4.25 4.41 -21.91
N VAL A 309 3.19 5.16 -22.19
CA VAL A 309 2.99 6.44 -21.51
C VAL A 309 2.77 6.30 -20.03
N GLU A 310 1.90 5.37 -19.66
CA GLU A 310 1.64 5.22 -18.22
C GLU A 310 2.89 4.82 -17.48
N ASN A 311 3.70 3.96 -18.07
CA ASN A 311 4.92 3.56 -17.41
C ASN A 311 5.93 4.71 -17.31
N ALA A 312 6.00 5.54 -18.37
CA ALA A 312 6.92 6.69 -18.31
C ALA A 312 6.49 7.66 -17.21
N VAL A 313 5.18 7.87 -17.06
CA VAL A 313 4.70 8.77 -16.04
C VAL A 313 5.01 8.19 -14.66
N LEU A 314 4.80 6.89 -14.48
CA LEU A 314 5.10 6.27 -13.18
C LEU A 314 6.56 6.41 -12.85
N LYS A 315 7.43 6.27 -13.85
CA LYS A 315 8.87 6.43 -13.59
C LYS A 315 9.24 7.87 -13.27
N ALA A 316 8.56 8.84 -13.85
CA ALA A 316 8.87 10.26 -13.56
C ALA A 316 8.53 10.62 -12.11
N VAL A 317 7.52 9.96 -11.56
CA VAL A 317 7.16 10.15 -10.13
C VAL A 317 8.17 9.43 -9.27
N GLY B 9 14.77 5.52 -26.88
CA GLY B 9 14.71 6.83 -26.26
C GLY B 9 13.29 7.33 -26.09
N LEU B 10 12.29 6.55 -26.49
CA LEU B 10 10.90 7.04 -26.35
C LEU B 10 10.48 7.19 -24.89
N THR B 11 10.72 6.16 -24.04
CA THR B 11 10.27 6.28 -22.65
C THR B 11 11.03 7.41 -21.98
N GLU B 12 12.34 7.54 -22.24
CA GLU B 12 13.09 8.60 -21.61
C GLU B 12 12.62 10.00 -21.99
N LEU B 13 12.22 10.14 -23.25
CA LEU B 13 11.70 11.42 -23.72
C LEU B 13 10.40 11.78 -22.98
N LEU B 14 9.50 10.80 -22.88
CA LEU B 14 8.22 11.06 -22.26
C LEU B 14 8.43 11.34 -20.78
N GLN B 15 9.35 10.60 -20.15
CA GLN B 15 9.66 10.82 -18.73
C GLN B 15 10.20 12.22 -18.47
N GLY B 16 11.09 12.71 -19.34
CA GLY B 16 11.71 14.03 -19.05
C GLY B 16 10.68 15.15 -19.14
N TYR B 17 9.76 15.04 -20.11
CA TYR B 17 8.68 16.00 -20.17
C TYR B 17 7.81 15.93 -18.96
N THR B 18 7.46 14.71 -18.53
CA THR B 18 6.61 14.55 -17.37
C THR B 18 7.30 15.13 -16.12
N VAL B 19 8.60 14.92 -15.93
CA VAL B 19 9.26 15.45 -14.75
C VAL B 19 9.09 16.98 -14.74
N GLU B 20 9.27 17.66 -15.86
CA GLU B 20 9.14 19.13 -15.85
C GLU B 20 7.68 19.57 -15.72
N VAL B 21 6.72 18.80 -16.27
CA VAL B 21 5.33 19.11 -15.99
C VAL B 21 5.03 19.00 -14.50
N LEU B 22 5.54 17.99 -13.80
CA LEU B 22 5.29 17.83 -12.37
C LEU B 22 5.95 18.96 -11.57
N ARG B 23 7.15 19.39 -11.99
CA ARG B 23 7.86 20.49 -11.28
C ARG B 23 7.19 21.83 -11.51
N GLN B 24 6.84 22.12 -12.75
CA GLN B 24 6.39 23.48 -13.12
C GLN B 24 4.88 23.67 -13.03
N GLN B 25 4.13 22.56 -13.05
CA GLN B 25 2.63 22.65 -12.98
C GLN B 25 2.04 23.61 -14.02
N PRO B 26 2.41 23.44 -15.28
CA PRO B 26 1.83 24.35 -16.31
C PRO B 26 0.34 24.10 -16.49
N PRO B 27 -0.45 25.17 -16.51
CA PRO B 27 -1.90 25.03 -16.78
C PRO B 27 -2.24 24.52 -18.17
N ASP B 28 -1.36 24.77 -19.14
CA ASP B 28 -1.61 24.41 -20.52
C ASP B 28 -0.52 23.44 -20.93
N LEU B 29 -0.86 22.15 -20.88
CA LEU B 29 0.13 21.13 -21.20
C LEU B 29 0.58 21.18 -22.65
N VAL B 30 -0.30 21.57 -23.58
CA VAL B 30 0.11 21.63 -24.99
C VAL B 30 1.07 22.76 -25.24
N ASP B 31 0.78 23.94 -24.72
CA ASP B 31 1.79 25.02 -24.86
C ASP B 31 3.13 24.65 -24.18
N PHE B 32 3.03 24.02 -23.00
CA PHE B 32 4.24 23.60 -22.33
C PHE B 32 5.00 22.60 -23.17
N ALA B 33 4.31 21.66 -23.83
CA ALA B 33 5.04 20.70 -24.74
C ALA B 33 5.71 21.41 -25.90
N VAL B 34 5.02 22.35 -26.53
CA VAL B 34 5.67 23.05 -27.64
C VAL B 34 6.96 23.69 -27.16
N GLU B 35 6.90 24.37 -26.02
CA GLU B 35 8.09 25.05 -25.54
C GLU B 35 9.17 24.09 -25.06
N TYR B 36 8.79 23.04 -24.32
CA TYR B 36 9.73 22.07 -23.81
C TYR B 36 10.47 21.39 -24.94
N PHE B 37 9.72 20.87 -25.93
CA PHE B 37 10.40 20.13 -27.00
C PHE B 37 11.17 21.06 -27.92
N THR B 38 10.72 22.31 -28.07
CA THR B 38 11.50 23.25 -28.85
C THR B 38 12.83 23.54 -28.14
N ARG B 39 12.76 23.78 -26.83
CA ARG B 39 14.01 24.02 -26.10
C ARG B 39 14.96 22.85 -26.08
N LEU B 40 14.39 21.66 -25.92
CA LEU B 40 15.08 20.38 -25.98
C LEU B 40 15.65 20.07 -27.36
N ARG B 41 14.92 20.48 -28.39
CA ARG B 41 15.10 19.99 -29.76
C ARG B 41 16.49 20.23 -30.33
N GLU B 42 17.10 21.38 -30.05
CA GLU B 42 18.41 21.65 -30.59
C GLU B 42 19.38 20.58 -30.09
N ALA B 43 19.34 20.32 -28.79
CA ALA B 43 19.96 19.12 -28.20
C ALA B 43 21.44 18.90 -28.50
N ARG B 44 22.25 19.97 -28.53
CA ARG B 44 23.69 19.81 -28.72
C ARG B 44 24.33 19.23 -27.47
N ARG B 45 25.36 18.39 -27.63
CA ARG B 45 25.85 17.93 -28.92
C ARG B 45 25.82 16.40 -28.96
N GLN B 46 25.34 15.84 -30.06
CA GLN B 46 25.04 14.40 -30.12
C GLN B 46 26.19 13.41 -29.94
N GLU B 47 27.34 13.64 -30.57
CA GLU B 47 28.43 12.67 -30.47
C GLU B 47 29.86 13.19 -30.71
N SER B 48 30.83 12.44 -30.17
CA SER B 48 32.25 12.68 -30.43
C SER B 48 32.94 11.38 -30.84
N ASP B 49 33.76 11.43 -31.89
CA ASP B 49 34.46 10.22 -32.38
C ASP B 49 35.89 10.51 -32.83
N THR B 50 36.74 9.48 -32.80
CA THR B 50 38.12 9.61 -33.30
C THR B 50 38.37 8.64 -34.45
N PHE B 51 38.89 9.13 -35.57
CA PHE B 51 39.09 8.24 -36.72
C PHE B 51 40.57 7.98 -37.05
N ILE B 52 40.96 6.71 -37.05
CA ILE B 52 42.35 6.32 -37.29
C ILE B 52 42.47 5.11 -38.21
N VAL B 53 43.63 4.99 -38.86
CA VAL B 53 43.93 3.87 -39.75
C VAL B 53 44.02 2.57 -38.95
N SER B 54 43.67 1.45 -39.58
CA SER B 54 43.66 0.18 -38.85
C SER B 54 45.06 -0.17 -38.33
N PRO B 55 46.09 -0.03 -39.17
CA PRO B 55 45.89 0.14 -40.60
C PRO B 55 45.39 -1.18 -41.17
N THR B 56 44.48 -1.17 -42.14
CA THR B 56 43.94 -2.41 -42.67
C THR B 56 45.02 -3.24 -43.37
N THR B 57 45.03 -4.54 -43.08
CA THR B 57 45.95 -5.46 -43.73
C THR B 57 45.35 -6.87 -43.84
N PHE B 58 45.78 -7.63 -44.83
CA PHE B 58 45.35 -9.01 -44.98
C PHE B 58 45.95 -9.87 -43.88
N HIS B 59 45.16 -10.78 -43.31
CA HIS B 59 45.65 -11.68 -42.28
C HIS B 59 45.03 -13.07 -42.36
N THR B 60 45.77 -14.08 -41.89
CA THR B 60 45.25 -15.43 -41.77
C THR B 60 44.16 -15.44 -40.71
N GLN B 61 43.18 -16.34 -40.83
CA GLN B 61 42.07 -16.33 -39.88
C GLN B 61 42.57 -16.53 -38.44
N GLU B 62 42.05 -15.69 -37.55
CA GLU B 62 42.54 -15.56 -36.17
C GLU B 62 42.42 -16.74 -35.20
N SER B 63 41.28 -17.43 -35.22
CA SER B 63 40.93 -18.32 -34.10
C SER B 63 40.84 -19.82 -34.39
N SER B 64 41.49 -20.61 -33.54
CA SER B 64 41.39 -22.06 -33.57
C SER B 64 41.21 -22.61 -32.15
N ALA B 65 40.48 -23.72 -32.04
CA ALA B 65 40.41 -24.48 -30.80
C ALA B 65 41.78 -25.14 -30.59
N VAL B 66 42.20 -25.28 -29.34
CA VAL B 66 43.52 -25.86 -29.07
C VAL B 66 43.45 -27.27 -28.50
N PRO B 67 44.13 -28.24 -29.25
CA PRO B 67 44.09 -29.58 -28.63
C PRO B 67 45.02 -29.68 -27.42
N VAL B 68 44.70 -30.55 -26.48
CA VAL B 68 45.55 -30.78 -25.32
C VAL B 68 46.12 -32.20 -25.36
N ILE B 69 47.44 -32.31 -25.27
CA ILE B 69 48.10 -33.61 -25.34
C ILE B 69 49.22 -33.74 -24.30
N GLU B 70 49.49 -34.98 -23.90
CA GLU B 70 50.58 -35.26 -22.96
C GLU B 70 51.64 -36.15 -23.61
N GLU B 71 52.89 -35.76 -23.50
CA GLU B 71 53.98 -36.51 -24.11
C GLU B 71 55.27 -36.50 -23.27
N ASP B 72 56.09 -37.54 -23.40
CA ASP B 72 57.37 -37.63 -22.69
C ASP B 72 58.49 -38.10 -23.60
N GLY B 73 59.71 -37.62 -23.35
CA GLY B 73 60.87 -37.97 -24.17
C GLY B 73 62.18 -38.17 -23.43
N GLU B 74 63.14 -38.84 -24.07
CA GLU B 74 64.51 -38.99 -23.54
C GLU B 74 65.60 -38.56 -24.54
N SER B 75 66.74 -38.07 -24.03
CA SER B 75 67.80 -37.51 -24.89
C SER B 75 69.27 -37.93 -24.60
N ASP B 76 70.09 -37.89 -25.64
CA ASP B 76 71.53 -38.06 -25.47
C ASP B 76 72.22 -36.79 -25.91
N SER B 77 73.05 -36.21 -25.05
CA SER B 77 73.76 -34.97 -25.40
C SER B 77 75.27 -35.15 -25.47
N ASP B 78 75.87 -34.74 -26.58
CA ASP B 78 77.31 -34.79 -26.72
C ASP B 78 77.88 -33.38 -26.79
N SER B 79 78.84 -33.08 -25.91
CA SER B 79 79.48 -31.77 -25.91
C SER B 79 80.96 -31.90 -26.21
N GLU B 80 81.43 -31.14 -27.18
CA GLU B 80 82.84 -31.19 -27.58
C GLU B 80 83.37 -29.82 -27.95
N ASP B 81 84.69 -29.65 -27.85
CA ASP B 81 85.38 -28.48 -28.37
C ASP B 81 85.33 -28.56 -29.90
N ALA B 82 85.37 -27.42 -30.56
CA ALA B 82 85.29 -27.38 -32.01
C ALA B 82 86.64 -27.02 -32.64
N ASP B 83 87.07 -27.83 -33.60
CA ASP B 83 88.34 -27.63 -34.27
C ASP B 83 88.17 -27.72 -35.78
N LEU B 84 89.04 -27.02 -36.52
CA LEU B 84 88.94 -26.98 -37.97
C LEU B 84 89.14 -28.36 -38.59
N GLU B 85 90.08 -29.13 -38.05
CA GLU B 85 90.36 -30.47 -38.55
C GLU B 85 90.68 -30.43 -40.04
N VAL B 86 91.46 -29.43 -40.44
CA VAL B 86 91.81 -29.23 -41.84
C VAL B 86 92.59 -30.40 -42.41
N PRO B 87 93.54 -30.93 -41.64
CA PRO B 87 94.37 -32.04 -42.12
C PRO B 87 93.95 -33.39 -41.58
N VAL B 88 93.61 -34.35 -42.45
CA VAL B 88 93.27 -35.70 -41.97
C VAL B 88 93.83 -36.75 -42.93
N PRO B 89 94.15 -37.96 -42.46
CA PRO B 89 94.72 -38.90 -43.44
C PRO B 89 93.72 -39.23 -44.54
N SER B 90 94.17 -39.32 -45.78
CA SER B 90 95.57 -39.09 -46.16
C SER B 90 96.49 -40.20 -45.69
N LYS B 91 95.92 -41.36 -45.40
CA LYS B 91 96.70 -42.53 -45.00
C LYS B 91 97.62 -42.95 -46.14
N PHE B 92 97.10 -42.89 -47.36
CA PHE B 92 97.87 -43.21 -48.55
C PHE B 92 98.03 -41.97 -49.42
N THR B 93 99.25 -41.66 -49.87
CA THR B 93 100.46 -42.45 -49.60
C THR B 93 100.52 -43.71 -50.46
N ARG B 94 99.62 -43.79 -51.42
CA ARG B 94 99.61 -44.89 -52.39
C ARG B 94 99.72 -44.31 -53.80
N ARG B 95 100.62 -44.86 -54.60
CA ARG B 95 100.84 -44.32 -55.94
C ARG B 95 99.69 -44.76 -56.85
N VAL B 96 99.08 -43.79 -57.54
CA VAL B 96 97.92 -44.07 -58.38
C VAL B 96 98.30 -44.09 -59.85
N SER B 97 97.54 -44.87 -60.62
CA SER B 97 97.78 -44.98 -62.04
C SER B 97 97.32 -43.72 -62.73
N VAL B 98 97.84 -43.50 -63.94
CA VAL B 98 97.46 -42.37 -64.76
C VAL B 98 97.02 -42.96 -66.08
N CYS B 99 96.27 -42.20 -66.86
CA CYS B 99 95.80 -42.69 -68.13
C CYS B 99 95.34 -41.52 -69.00
N ALA B 100 95.81 -41.49 -70.24
CA ALA B 100 95.40 -40.42 -71.14
C ALA B 100 94.17 -40.91 -71.86
N GLU B 101 93.56 -40.06 -72.66
CA GLU B 101 92.39 -40.44 -73.40
C GLU B 101 92.81 -41.36 -74.54
N THR B 102 92.05 -42.42 -74.75
CA THR B 102 92.35 -43.38 -75.80
C THR B 102 92.06 -42.80 -77.17
N PHE B 103 92.60 -43.42 -78.20
CA PHE B 103 92.41 -42.96 -79.56
C PHE B 103 92.81 -44.04 -80.58
N ASN B 104 92.00 -44.17 -81.63
CA ASN B 104 92.25 -45.12 -82.71
C ASN B 104 93.46 -44.58 -83.47
N PRO B 105 94.65 -45.13 -83.21
CA PRO B 105 95.89 -44.69 -83.86
C PRO B 105 95.79 -44.72 -85.37
N ASP B 106 95.37 -45.86 -85.90
CA ASP B 106 95.24 -46.04 -87.35
C ASP B 106 94.35 -44.94 -87.91
N GLU B 107 94.90 -44.15 -88.83
CA GLU B 107 94.19 -43.03 -89.45
C GLU B 107 92.74 -43.30 -89.85
N GLU B 108 91.83 -42.60 -89.19
CA GLU B 108 90.41 -42.71 -89.46
C GLU B 108 90.17 -42.44 -90.95
N GLU B 109 90.37 -41.20 -91.37
CA GLU B 109 90.20 -40.81 -92.80
C GLU B 109 90.14 -39.28 -92.82
N GLU B 110 91.29 -38.67 -93.22
CA GLU B 110 91.43 -37.20 -93.30
C GLU B 110 90.04 -36.59 -93.19
N ASP B 111 89.77 -35.92 -92.07
CA ASP B 111 88.46 -35.27 -91.82
C ASP B 111 88.55 -34.37 -90.55
N VAL B 116 92.40 -27.71 -87.58
CA VAL B 116 93.17 -26.79 -86.76
C VAL B 116 93.95 -25.77 -87.60
N VAL B 117 93.41 -24.57 -87.69
CA VAL B 117 94.03 -23.50 -88.46
C VAL B 117 94.27 -22.25 -87.61
N HIS B 118 95.52 -22.04 -87.23
CA HIS B 118 95.89 -20.88 -86.42
C HIS B 118 97.13 -20.24 -87.01
N PRO B 119 96.94 -19.11 -87.72
CA PRO B 119 97.97 -18.32 -88.40
C PRO B 119 99.17 -17.94 -87.54
N LYS B 120 100.35 -17.96 -88.14
CA LYS B 120 101.60 -17.61 -87.47
C LYS B 120 102.68 -17.16 -88.45
N THR B 121 103.31 -16.03 -88.13
CA THR B 121 104.36 -15.46 -88.96
C THR B 121 105.64 -16.25 -88.78
N ASP B 122 106.59 -16.04 -89.67
CA ASP B 122 107.86 -16.75 -89.59
C ASP B 122 108.55 -16.51 -88.26
N GLU B 123 108.61 -15.24 -87.85
CA GLU B 123 109.24 -14.92 -86.58
C GLU B 123 108.55 -15.60 -85.40
N GLN B 124 107.23 -15.55 -85.37
CA GLN B 124 106.49 -16.19 -84.30
C GLN B 124 106.78 -17.70 -84.25
N ARG B 125 106.61 -18.38 -85.38
CA ARG B 125 106.86 -19.82 -85.45
C ARG B 125 108.29 -20.17 -85.09
N CYS B 126 109.22 -19.38 -85.61
CA CYS B 126 110.63 -19.59 -85.34
C CYS B 126 110.89 -19.48 -83.85
N ARG B 127 110.19 -18.55 -83.21
CA ARG B 127 110.34 -18.31 -81.77
C ARG B 127 109.71 -19.45 -80.98
N LEU B 128 108.63 -20.02 -81.50
CA LEU B 128 107.98 -21.13 -80.85
C LEU B 128 108.92 -22.32 -80.87
N GLN B 129 109.59 -22.53 -82.00
CA GLN B 129 110.51 -23.65 -82.09
C GLN B 129 111.58 -23.53 -81.00
N GLU B 130 112.18 -22.35 -80.90
CA GLU B 130 113.23 -22.10 -79.92
C GLU B 130 112.73 -22.40 -78.50
N ALA B 131 111.55 -21.89 -78.18
CA ALA B 131 110.97 -22.09 -76.86
C ALA B 131 110.72 -23.55 -76.55
N CYS B 132 110.63 -24.38 -77.59
CA CYS B 132 110.35 -25.80 -77.41
C CYS B 132 111.52 -26.78 -77.51
N LYS B 133 112.70 -26.29 -77.91
CA LYS B 133 113.87 -27.16 -78.04
C LYS B 133 114.11 -28.15 -76.91
N ASP B 134 114.11 -27.66 -75.68
CA ASP B 134 114.40 -28.51 -74.53
C ASP B 134 113.25 -29.31 -73.90
N ILE B 135 112.00 -29.01 -74.25
CA ILE B 135 110.86 -29.75 -73.69
C ILE B 135 110.98 -31.21 -74.16
N LEU B 136 111.04 -32.16 -73.22
CA LEU B 136 111.23 -33.57 -73.62
C LEU B 136 110.29 -34.15 -74.64
N LEU B 137 109.01 -33.76 -74.58
CA LEU B 137 108.03 -34.29 -75.52
C LEU B 137 108.26 -33.78 -76.92
N PHE B 138 108.88 -32.60 -77.02
CA PHE B 138 109.17 -31.96 -78.30
C PHE B 138 110.60 -32.22 -78.74
N LYS B 139 111.50 -32.19 -77.77
CA LYS B 139 112.94 -32.39 -77.95
C LYS B 139 113.40 -33.24 -79.14
N ASN B 140 112.85 -34.44 -79.30
CA ASN B 140 113.28 -35.30 -80.41
C ASN B 140 112.21 -35.68 -81.43
N LEU B 141 111.31 -34.74 -81.73
CA LEU B 141 110.25 -34.95 -82.72
C LEU B 141 110.83 -34.59 -84.07
N ASP B 142 110.39 -35.29 -85.11
CA ASP B 142 110.92 -34.98 -86.44
C ASP B 142 110.39 -33.65 -86.95
N GLN B 143 110.97 -33.19 -88.06
CA GLN B 143 110.59 -31.93 -88.68
C GLN B 143 109.10 -31.78 -88.91
N GLU B 144 108.50 -32.78 -89.55
CA GLU B 144 107.07 -32.76 -89.87
C GLU B 144 106.14 -32.64 -88.65
N GLN B 145 106.30 -33.54 -87.68
CA GLN B 145 105.45 -33.50 -86.49
C GLN B 145 105.55 -32.16 -85.78
N LEU B 146 106.76 -31.62 -85.68
CA LEU B 146 106.94 -30.34 -85.01
C LEU B 146 106.13 -29.26 -85.71
N SER B 147 106.10 -29.32 -87.04
CA SER B 147 105.37 -28.36 -87.85
C SER B 147 103.86 -28.50 -87.61
N GLN B 148 103.37 -29.72 -87.69
CA GLN B 148 101.96 -29.97 -87.47
C GLN B 148 101.57 -29.52 -86.08
N VAL B 149 102.47 -29.74 -85.12
CA VAL B 149 102.19 -29.35 -83.75
C VAL B 149 102.11 -27.84 -83.61
N LEU B 150 103.08 -27.12 -84.17
CA LEU B 150 103.04 -25.67 -84.08
C LEU B 150 101.80 -25.14 -84.79
N ASP B 151 101.44 -25.79 -85.89
CA ASP B 151 100.26 -25.40 -86.65
C ASP B 151 99.06 -25.42 -85.71
N ALA B 152 98.97 -26.49 -84.92
CA ALA B 152 97.86 -26.69 -83.99
C ALA B 152 97.82 -25.74 -82.81
N MET B 153 98.90 -25.02 -82.54
CA MET B 153 98.91 -24.10 -81.41
C MET B 153 98.07 -22.86 -81.63
N PHE B 154 97.05 -22.71 -80.81
CA PHE B 154 96.13 -21.58 -80.87
C PHE B 154 96.59 -20.43 -80.00
N GLU B 155 96.23 -19.21 -80.37
CA GLU B 155 96.62 -18.05 -79.59
C GLU B 155 95.62 -17.78 -78.47
N LYS B 156 96.13 -17.28 -77.36
CA LYS B 156 95.30 -16.94 -76.22
C LYS B 156 95.75 -15.56 -75.72
N ILE B 157 94.86 -14.59 -75.85
CA ILE B 157 95.17 -13.25 -75.41
C ILE B 157 94.80 -13.14 -73.95
N VAL B 158 95.61 -12.43 -73.18
CA VAL B 158 95.36 -12.26 -71.76
C VAL B 158 95.46 -10.80 -71.33
N LYS B 159 94.51 -10.37 -70.51
CA LYS B 159 94.54 -9.00 -70.03
C LYS B 159 95.20 -9.05 -68.66
N THR B 160 95.85 -7.95 -68.29
CA THR B 160 96.56 -7.87 -67.01
C THR B 160 95.65 -8.25 -65.86
N ASP B 161 96.23 -8.92 -64.86
CA ASP B 161 95.51 -9.36 -63.66
C ASP B 161 94.77 -10.68 -63.84
N GLU B 162 94.79 -11.21 -65.06
CA GLU B 162 94.11 -12.46 -65.36
C GLU B 162 94.92 -13.71 -64.96
N HIS B 163 94.21 -14.76 -64.53
CA HIS B 163 94.89 -16.01 -64.14
C HIS B 163 94.97 -16.94 -65.33
N VAL B 164 96.19 -17.24 -65.76
CA VAL B 164 96.37 -18.16 -66.87
C VAL B 164 96.01 -19.55 -66.36
N ILE B 165 96.67 -19.96 -65.28
CA ILE B 165 96.39 -21.25 -64.65
C ILE B 165 96.31 -20.99 -63.15
N ASP B 166 95.52 -21.80 -62.46
CA ASP B 166 95.37 -21.67 -61.03
C ASP B 166 95.73 -22.99 -60.41
N GLN B 167 96.58 -22.97 -59.39
CA GLN B 167 97.01 -24.19 -58.72
C GLN B 167 95.80 -25.05 -58.35
N GLY B 168 95.95 -26.35 -58.53
CA GLY B 168 94.87 -27.26 -58.19
C GLY B 168 93.93 -27.60 -59.32
N ASP B 169 93.67 -26.62 -60.18
CA ASP B 169 92.77 -26.81 -61.31
C ASP B 169 93.26 -27.90 -62.26
N ASP B 170 92.32 -28.54 -62.94
CA ASP B 170 92.70 -29.57 -63.90
C ASP B 170 93.40 -28.91 -65.08
N GLY B 171 94.35 -29.63 -65.67
CA GLY B 171 95.08 -29.09 -66.78
C GLY B 171 94.84 -29.80 -68.09
N ASP B 172 94.74 -29.01 -69.16
CA ASP B 172 94.50 -29.53 -70.49
C ASP B 172 95.48 -28.94 -71.51
N ASN B 173 96.02 -27.76 -71.21
CA ASN B 173 96.93 -27.13 -72.17
C ASN B 173 98.33 -26.82 -71.68
N PHE B 174 99.22 -26.62 -72.64
CA PHE B 174 100.61 -26.27 -72.40
C PHE B 174 100.70 -24.88 -73.02
N TYR B 175 101.42 -23.96 -72.38
CA TYR B 175 101.50 -22.62 -72.92
C TYR B 175 102.88 -22.06 -73.16
N VAL B 176 103.01 -21.32 -74.26
CA VAL B 176 104.26 -20.64 -74.58
C VAL B 176 103.92 -19.17 -74.55
N ILE B 177 104.76 -18.39 -73.89
CA ILE B 177 104.53 -16.97 -73.81
C ILE B 177 104.93 -16.30 -75.10
N GLU B 178 104.07 -15.38 -75.57
CA GLU B 178 104.32 -14.64 -76.79
C GLU B 178 104.66 -13.20 -76.41
N ARG B 179 103.87 -12.64 -75.49
CA ARG B 179 104.04 -11.27 -75.01
C ARG B 179 103.55 -11.16 -73.57
N GLY B 180 104.03 -10.14 -72.87
CA GLY B 180 103.57 -9.92 -71.51
C GLY B 180 104.49 -10.33 -70.39
N THR B 181 104.08 -9.96 -69.17
CA THR B 181 104.80 -10.29 -67.97
C THR B 181 103.82 -11.10 -67.10
N TYR B 182 104.36 -11.99 -66.28
CA TYR B 182 103.53 -12.85 -65.43
C TYR B 182 104.21 -13.17 -64.12
N ASP B 183 103.42 -13.34 -63.08
CA ASP B 183 103.96 -13.70 -61.77
C ASP B 183 103.58 -15.14 -61.52
N ILE B 184 104.52 -15.92 -60.97
CA ILE B 184 104.28 -17.31 -60.67
C ILE B 184 104.10 -17.49 -59.17
N LEU B 185 103.07 -18.21 -58.77
CA LEU B 185 102.85 -18.41 -57.34
C LEU B 185 102.66 -19.88 -56.99
N VAL B 186 103.19 -20.25 -55.84
CA VAL B 186 103.07 -21.62 -55.38
C VAL B 186 102.65 -21.68 -53.92
N THR B 187 101.53 -22.35 -53.69
CA THR B 187 100.99 -22.48 -52.36
C THR B 187 101.42 -23.83 -51.77
N LYS B 188 102.10 -23.79 -50.65
CA LYS B 188 102.54 -24.99 -49.96
C LYS B 188 101.88 -24.95 -48.60
N ASP B 189 100.95 -25.87 -48.37
CA ASP B 189 100.21 -25.92 -47.10
C ASP B 189 99.48 -24.60 -47.12
N ASN B 190 99.43 -23.93 -45.98
CA ASN B 190 98.74 -22.66 -45.89
C ASN B 190 99.48 -21.42 -46.42
N GLN B 191 100.66 -21.61 -46.99
CA GLN B 191 101.42 -20.44 -47.44
C GLN B 191 101.53 -20.33 -48.95
N THR B 192 101.41 -19.10 -49.44
CA THR B 192 101.50 -18.82 -50.86
C THR B 192 102.68 -17.90 -51.10
N ARG B 193 103.60 -18.33 -51.96
CA ARG B 193 104.77 -17.52 -52.24
C ARG B 193 104.86 -17.05 -53.69
N SER B 194 105.11 -15.77 -53.85
CA SER B 194 105.26 -15.21 -55.19
C SER B 194 106.70 -15.63 -55.47
N VAL B 195 106.87 -16.81 -56.06
CA VAL B 195 108.18 -17.38 -56.32
C VAL B 195 109.02 -16.89 -57.50
N GLY B 196 108.37 -16.50 -58.59
CA GLY B 196 109.12 -16.03 -59.74
C GLY B 196 108.26 -15.35 -60.79
N GLN B 197 108.91 -14.67 -61.72
CA GLN B 197 108.20 -13.97 -62.79
C GLN B 197 108.71 -14.36 -64.17
N TYR B 198 107.89 -14.06 -65.16
CA TYR B 198 108.22 -14.31 -66.56
C TYR B 198 108.12 -12.95 -67.25
N ASP B 199 109.08 -12.65 -68.12
CA ASP B 199 109.04 -11.39 -68.82
C ASP B 199 109.14 -11.63 -70.32
N ASN B 200 107.99 -11.84 -70.95
CA ASN B 200 107.92 -12.08 -72.39
C ASN B 200 108.67 -13.31 -72.89
N ARG B 201 108.96 -14.23 -71.97
CA ARG B 201 109.65 -15.47 -72.31
C ARG B 201 109.15 -16.55 -71.37
N GLY B 202 109.13 -17.79 -71.84
CA GLY B 202 108.70 -18.88 -70.98
C GLY B 202 107.69 -19.84 -71.53
N SER B 203 107.44 -20.89 -70.77
CA SER B 203 106.49 -21.92 -71.12
C SER B 203 106.21 -22.67 -69.82
N PHE B 204 105.09 -23.38 -69.74
CA PHE B 204 104.74 -24.10 -68.52
C PHE B 204 103.50 -24.96 -68.72
N GLY B 205 103.37 -26.00 -67.90
CA GLY B 205 102.22 -26.89 -67.98
C GLY B 205 102.44 -28.07 -68.91
N GLU B 206 103.71 -28.36 -69.22
CA GLU B 206 104.05 -29.47 -70.11
C GLU B 206 103.39 -30.78 -69.72
N LEU B 207 103.29 -31.00 -68.41
CA LEU B 207 102.70 -32.23 -67.91
C LEU B 207 101.29 -32.46 -68.46
N ALA B 208 100.54 -31.37 -68.65
CA ALA B 208 99.18 -31.47 -69.17
C ALA B 208 99.09 -32.18 -70.52
N LEU B 209 100.19 -32.23 -71.25
CA LEU B 209 100.18 -32.89 -72.55
C LEU B 209 100.25 -34.41 -72.43
N MET B 210 100.48 -34.90 -71.22
CA MET B 210 100.58 -36.33 -71.01
C MET B 210 99.28 -36.94 -70.57
N TYR B 211 98.73 -36.41 -69.48
CA TYR B 211 97.46 -36.85 -68.91
C TYR B 211 96.87 -35.71 -68.10
N ASN B 212 95.63 -35.87 -67.62
CA ASN B 212 94.98 -34.84 -66.84
C ASN B 212 95.49 -34.96 -65.41
N THR B 213 95.97 -33.83 -64.87
CA THR B 213 96.52 -33.78 -63.52
C THR B 213 96.40 -32.34 -63.01
N PRO B 214 96.37 -32.16 -61.68
CA PRO B 214 96.25 -30.83 -61.07
C PRO B 214 97.41 -29.90 -61.37
N ARG B 215 97.09 -28.64 -61.61
CA ARG B 215 98.06 -27.59 -61.89
C ARG B 215 98.87 -27.41 -60.60
N ALA B 216 100.19 -27.42 -60.68
CA ALA B 216 101.02 -27.30 -59.47
C ALA B 216 101.36 -25.87 -59.00
N ALA B 217 101.01 -24.88 -59.81
CA ALA B 217 101.28 -23.48 -59.48
C ALA B 217 100.27 -22.59 -60.17
N THR B 218 100.20 -21.33 -59.73
CA THR B 218 99.27 -20.37 -60.32
C THR B 218 100.04 -19.30 -61.07
N ILE B 219 99.60 -18.99 -62.30
CA ILE B 219 100.26 -17.97 -63.10
C ILE B 219 99.33 -16.82 -63.41
N ILE B 220 99.72 -15.61 -63.02
CA ILE B 220 98.90 -14.45 -63.28
C ILE B 220 99.59 -13.41 -64.16
N ALA B 221 98.87 -12.89 -65.13
CA ALA B 221 99.41 -11.89 -66.03
C ALA B 221 99.50 -10.56 -65.30
N THR B 222 100.56 -9.82 -65.57
CA THR B 222 100.74 -8.52 -64.95
C THR B 222 100.72 -7.42 -66.00
N SER B 223 100.25 -7.78 -67.19
CA SER B 223 100.14 -6.82 -68.28
C SER B 223 99.36 -7.49 -69.40
N GLU B 224 99.08 -6.75 -70.45
CA GLU B 224 98.38 -7.35 -71.58
C GLU B 224 99.45 -8.26 -72.17
N GLY B 225 99.08 -9.49 -72.49
CA GLY B 225 100.04 -10.41 -73.06
C GLY B 225 99.37 -11.40 -73.98
N SER B 226 100.18 -12.24 -74.62
CA SER B 226 99.68 -13.24 -75.54
C SER B 226 100.43 -14.55 -75.33
N LEU B 227 99.70 -15.66 -75.32
CA LEU B 227 100.30 -16.97 -75.11
C LEU B 227 99.86 -17.96 -76.19
N TRP B 228 100.76 -18.84 -76.60
CA TRP B 228 100.40 -19.86 -77.57
C TRP B 228 100.04 -21.09 -76.76
N GLY B 229 98.86 -21.65 -77.01
CA GLY B 229 98.44 -22.82 -76.25
C GLY B 229 98.29 -24.09 -77.06
N LEU B 230 98.43 -25.23 -76.39
CA LEU B 230 98.29 -26.51 -77.04
C LEU B 230 97.51 -27.50 -76.17
N ASP B 231 96.42 -27.99 -76.71
CA ASP B 231 95.58 -28.94 -75.99
C ASP B 231 96.14 -30.36 -76.09
N ARG B 232 96.16 -31.07 -74.96
CA ARG B 232 96.65 -32.43 -74.90
C ARG B 232 96.12 -33.31 -76.02
N VAL B 233 94.80 -33.47 -76.06
CA VAL B 233 94.15 -34.31 -77.07
C VAL B 233 94.61 -34.01 -78.50
N THR B 234 94.75 -32.73 -78.82
CA THR B 234 95.19 -32.36 -80.14
C THR B 234 96.64 -32.81 -80.32
N PHE B 235 97.48 -32.54 -79.32
CA PHE B 235 98.88 -32.90 -79.37
C PHE B 235 99.11 -34.41 -79.45
N ARG B 236 98.44 -35.17 -78.62
CA ARG B 236 98.62 -36.61 -78.66
C ARG B 236 98.17 -37.18 -80.01
N ARG B 237 97.00 -36.78 -80.48
CA ARG B 237 96.50 -37.28 -81.76
C ARG B 237 97.41 -36.96 -82.95
N ILE B 238 98.00 -35.77 -82.98
CA ILE B 238 98.91 -35.42 -84.07
C ILE B 238 100.09 -36.38 -84.11
N ILE B 239 100.69 -36.60 -82.94
CA ILE B 239 101.86 -37.46 -82.77
C ILE B 239 101.63 -38.94 -83.01
N VAL B 240 100.61 -39.51 -82.36
CA VAL B 240 100.30 -40.91 -82.53
C VAL B 240 99.98 -41.19 -83.99
N LYS B 241 99.06 -40.42 -84.55
CA LYS B 241 98.68 -40.58 -85.94
C LYS B 241 99.88 -40.61 -86.86
N ASN B 242 100.80 -39.66 -86.65
CA ASN B 242 101.98 -39.60 -87.49
C ASN B 242 102.93 -40.76 -87.27
N ASN B 243 103.13 -41.20 -86.04
CA ASN B 243 104.03 -42.31 -85.79
C ASN B 243 103.41 -43.63 -86.26
N ALA B 244 102.09 -43.72 -86.23
CA ALA B 244 101.40 -44.92 -86.67
C ALA B 244 101.41 -44.99 -88.20
N LYS B 245 101.52 -43.82 -88.84
CA LYS B 245 101.57 -43.76 -90.29
C LYS B 245 102.97 -44.15 -90.72
N LYS B 246 103.95 -43.63 -89.99
CA LYS B 246 105.35 -43.91 -90.26
C LYS B 246 105.62 -45.40 -90.11
N ARG B 247 105.04 -46.00 -89.07
CA ARG B 247 105.21 -47.42 -88.81
C ARG B 247 104.69 -48.27 -89.95
N LYS B 248 103.51 -47.92 -90.44
CA LYS B 248 102.89 -48.66 -91.54
C LYS B 248 103.78 -48.55 -92.79
N MET B 249 104.36 -47.37 -92.97
CA MET B 249 105.21 -47.10 -94.10
C MET B 249 106.54 -47.86 -94.00
N PHE B 250 107.11 -47.91 -92.80
CA PHE B 250 108.37 -48.63 -92.58
C PHE B 250 108.11 -50.10 -92.81
N GLU B 251 106.99 -50.55 -92.26
CA GLU B 251 106.56 -51.93 -92.37
C GLU B 251 106.51 -52.40 -93.81
N SER B 252 105.98 -51.55 -94.67
CA SER B 252 105.86 -51.85 -96.09
C SER B 252 107.22 -52.01 -96.78
N PHE B 253 108.15 -51.11 -96.49
CA PHE B 253 109.45 -51.18 -97.12
C PHE B 253 110.26 -52.38 -96.68
N ILE B 254 109.94 -52.93 -95.51
CA ILE B 254 110.65 -54.09 -95.00
C ILE B 254 110.01 -55.32 -95.63
N GLU B 255 108.69 -55.28 -95.73
CA GLU B 255 107.89 -56.38 -96.25
C GLU B 255 108.17 -56.67 -97.72
N SER B 256 108.36 -55.62 -98.51
CA SER B 256 108.63 -55.85 -99.91
C SER B 256 110.06 -56.30 -100.19
N VAL B 257 110.91 -56.27 -99.16
CA VAL B 257 112.29 -56.74 -99.31
C VAL B 257 112.25 -58.27 -99.18
N PRO B 258 112.48 -58.98 -100.30
CA PRO B 258 112.46 -60.46 -100.34
C PRO B 258 113.32 -61.21 -99.32
N LEU B 259 114.43 -60.61 -98.94
CA LEU B 259 115.34 -61.21 -97.97
C LEU B 259 114.63 -61.41 -96.62
N PHE B 260 113.66 -60.55 -96.33
CA PHE B 260 112.92 -60.58 -95.07
C PHE B 260 111.53 -61.21 -95.12
N LYS B 261 111.18 -61.82 -96.25
CA LYS B 261 109.86 -62.43 -96.43
C LYS B 261 109.51 -63.53 -95.43
N SER B 262 110.51 -64.25 -94.95
CA SER B 262 110.28 -65.32 -94.00
C SER B 262 110.09 -64.76 -92.60
N LEU B 263 110.25 -63.45 -92.46
CA LEU B 263 110.06 -62.80 -91.17
C LEU B 263 108.57 -62.82 -90.80
N GLU B 264 108.31 -62.93 -89.51
CA GLU B 264 106.96 -62.95 -88.98
C GLU B 264 106.57 -61.50 -88.77
N MET B 265 105.28 -61.25 -88.61
CA MET B 265 104.80 -59.87 -88.41
C MET B 265 105.49 -59.19 -87.24
N SER B 266 105.51 -59.85 -86.09
CA SER B 266 106.11 -59.31 -84.90
C SER B 266 107.60 -59.05 -85.06
N GLU B 267 108.26 -59.84 -85.90
CA GLU B 267 109.69 -59.66 -86.11
C GLU B 267 109.94 -58.41 -86.95
N ARG B 268 109.03 -58.11 -87.87
CA ARG B 268 109.18 -56.92 -88.70
C ARG B 268 108.95 -55.68 -87.84
N MET B 269 108.05 -55.81 -86.87
CA MET B 269 107.74 -54.68 -86.00
C MET B 269 108.88 -54.32 -85.07
N LYS B 270 109.65 -55.32 -84.66
CA LYS B 270 110.80 -55.06 -83.81
C LYS B 270 111.79 -54.20 -84.59
N ILE B 271 111.90 -54.49 -85.89
CA ILE B 271 112.79 -53.72 -86.77
C ILE B 271 112.24 -52.29 -86.86
N VAL B 272 110.96 -52.18 -87.21
CA VAL B 272 110.29 -50.89 -87.34
C VAL B 272 110.51 -50.03 -86.09
N ASP B 273 110.45 -50.67 -84.92
CA ASP B 273 110.66 -49.97 -83.65
C ASP B 273 111.97 -49.20 -83.57
N VAL B 274 113.04 -49.80 -84.08
CA VAL B 274 114.36 -49.21 -83.92
C VAL B 274 115.06 -48.67 -85.15
N ILE B 275 114.60 -49.04 -86.32
CA ILE B 275 115.21 -48.63 -87.58
C ILE B 275 115.31 -47.11 -87.81
N GLY B 276 116.40 -46.67 -88.39
CA GLY B 276 116.59 -45.25 -88.62
C GLY B 276 116.33 -44.75 -90.03
N GLU B 277 116.26 -43.42 -90.14
CA GLU B 277 116.05 -42.74 -91.41
C GLU B 277 117.16 -41.71 -91.59
N LYS B 278 117.54 -41.47 -92.84
CA LYS B 278 118.56 -40.49 -93.16
C LYS B 278 118.25 -39.87 -94.52
N ILE B 279 118.52 -38.58 -94.64
CA ILE B 279 118.30 -37.87 -95.87
C ILE B 279 119.68 -37.54 -96.43
N TYR B 280 119.85 -37.73 -97.73
CA TYR B 280 121.11 -37.44 -98.38
C TYR B 280 120.84 -36.52 -99.58
N LYS B 281 121.68 -35.49 -99.72
CA LYS B 281 121.54 -34.56 -100.83
C LYS B 281 122.32 -35.13 -102.00
N ASP B 282 121.79 -34.95 -103.20
CA ASP B 282 122.42 -35.46 -104.42
C ASP B 282 123.93 -35.39 -104.40
N GLY B 283 124.56 -36.50 -104.79
CA GLY B 283 126.01 -36.55 -104.85
C GLY B 283 126.78 -36.90 -103.59
N GLU B 284 126.17 -36.77 -102.41
CA GLU B 284 126.90 -37.08 -101.19
C GLU B 284 127.04 -38.57 -100.96
N ARG B 285 128.20 -38.96 -100.44
CA ARG B 285 128.50 -40.36 -100.19
C ARG B 285 127.76 -40.94 -99.00
N ILE B 286 127.19 -42.12 -99.19
CA ILE B 286 126.44 -42.81 -98.16
C ILE B 286 127.31 -43.92 -97.57
N ILE B 287 127.91 -44.72 -98.44
CA ILE B 287 128.81 -45.81 -98.05
C ILE B 287 130.16 -45.62 -98.72
N ALA B 288 131.23 -45.73 -97.95
CA ALA B 288 132.56 -45.55 -98.50
C ALA B 288 133.28 -46.89 -98.58
N GLN B 289 133.80 -47.20 -99.76
CA GLN B 289 134.52 -48.44 -99.97
C GLN B 289 135.71 -48.55 -99.01
N GLY B 290 135.79 -49.65 -98.29
CA GLY B 290 136.90 -49.82 -97.38
C GLY B 290 136.58 -49.71 -95.91
N GLU B 291 135.63 -48.86 -95.53
CA GLU B 291 135.30 -48.75 -94.12
C GLU B 291 134.51 -49.98 -93.67
N LYS B 292 134.26 -50.11 -92.37
CA LYS B 292 133.54 -51.28 -91.87
C LYS B 292 132.04 -51.27 -92.12
N ALA B 293 131.53 -52.42 -92.54
CA ALA B 293 130.12 -52.61 -92.84
C ALA B 293 129.34 -52.94 -91.58
N ASP B 294 128.65 -51.92 -91.06
CA ASP B 294 127.87 -52.04 -89.84
C ASP B 294 126.36 -52.09 -90.06
N SER B 295 125.89 -51.51 -91.16
CA SER B 295 124.47 -51.51 -91.44
C SER B 295 124.09 -51.70 -92.91
N PHE B 296 122.79 -51.77 -93.15
CA PHE B 296 122.27 -51.92 -94.51
C PHE B 296 121.20 -50.88 -94.74
N TYR B 297 120.97 -50.55 -96.00
CA TYR B 297 120.01 -49.52 -96.32
C TYR B 297 118.88 -50.02 -97.22
N ILE B 298 117.75 -49.34 -97.13
CA ILE B 298 116.57 -49.61 -97.93
C ILE B 298 116.10 -48.27 -98.45
N ILE B 299 116.25 -48.05 -99.75
CA ILE B 299 115.85 -46.79 -100.36
C ILE B 299 114.34 -46.60 -100.34
N GLU B 300 113.88 -45.48 -99.82
CA GLU B 300 112.45 -45.22 -99.81
C GLU B 300 112.13 -44.10 -100.76
N SER B 301 113.18 -43.51 -101.35
CA SER B 301 113.03 -42.44 -102.32
C SER B 301 114.37 -42.05 -102.94
N GLY B 302 114.35 -41.72 -104.24
CA GLY B 302 115.57 -41.31 -104.90
C GLY B 302 116.30 -42.49 -105.50
N GLU B 303 117.57 -42.29 -105.83
CA GLU B 303 118.40 -43.34 -106.40
C GLU B 303 119.80 -43.31 -105.81
N VAL B 304 120.48 -44.46 -105.84
CA VAL B 304 121.82 -44.58 -105.30
C VAL B 304 122.74 -45.27 -106.30
N SER B 305 123.92 -44.69 -106.50
CA SER B 305 124.89 -45.24 -107.42
C SER B 305 125.98 -45.96 -106.63
N ILE B 306 126.25 -47.20 -107.01
CA ILE B 306 127.27 -48.00 -106.34
C ILE B 306 128.51 -48.06 -107.21
N LEU B 307 129.60 -47.49 -106.73
CA LEU B 307 130.85 -47.45 -107.48
C LEU B 307 131.95 -48.27 -106.82
N ILE B 308 132.89 -48.74 -107.62
CA ILE B 308 134.03 -49.52 -107.13
C ILE B 308 135.30 -49.10 -107.90
N ARG B 309 136.37 -48.84 -107.17
CA ARG B 309 137.63 -48.44 -107.80
C ARG B 309 138.42 -49.72 -108.14
N SER B 310 138.31 -50.15 -109.39
CA SER B 310 138.95 -51.38 -109.88
C SER B 310 140.47 -51.52 -109.69
N LYS B 311 140.87 -51.82 -108.46
CA LYS B 311 142.28 -52.03 -108.13
C LYS B 311 142.30 -53.36 -107.38
N THR B 312 141.33 -53.52 -106.49
CA THR B 312 141.22 -54.75 -105.71
C THR B 312 140.78 -55.85 -106.71
N LYS B 313 141.51 -55.94 -107.84
CA LYS B 313 141.22 -56.96 -108.88
C LYS B 313 142.52 -57.53 -109.52
N SER B 314 143.38 -58.18 -108.72
CA SER B 314 144.60 -58.82 -109.27
C SER B 314 145.83 -59.11 -108.41
N ASN B 315 146.70 -58.09 -108.30
CA ASN B 315 147.92 -58.24 -107.51
C ASN B 315 148.51 -56.85 -107.60
N LYS B 316 148.17 -55.79 -106.86
CA LYS B 316 148.84 -54.51 -107.09
C LYS B 316 148.77 -53.53 -108.25
N ASN B 317 147.71 -52.70 -108.49
CA ASN B 317 147.64 -51.74 -109.66
C ASN B 317 146.25 -51.81 -110.32
N GLY B 318 146.28 -50.92 -111.32
CA GLY B 318 145.20 -50.73 -112.33
C GLY B 318 144.02 -49.78 -112.19
N GLY B 319 143.01 -49.79 -113.08
CA GLY B 319 141.94 -48.77 -113.06
C GLY B 319 142.17 -47.62 -112.09
N ASN B 320 142.02 -47.83 -110.77
CA ASN B 320 142.24 -46.70 -109.85
C ASN B 320 141.50 -45.48 -110.44
N GLN B 321 140.18 -45.58 -110.44
CA GLN B 321 139.28 -44.56 -110.98
C GLN B 321 137.88 -44.71 -110.34
N GLU B 322 136.86 -44.86 -111.18
CA GLU B 322 135.48 -45.02 -110.69
C GLU B 322 134.58 -45.80 -111.65
N VAL B 323 134.00 -46.89 -111.16
CA VAL B 323 133.12 -47.72 -111.98
C VAL B 323 131.82 -48.08 -111.26
N GLU B 324 130.71 -47.85 -111.93
CA GLU B 324 129.39 -48.12 -111.35
C GLU B 324 128.95 -49.57 -111.52
N ILE B 325 128.94 -50.31 -110.42
CA ILE B 325 128.54 -51.72 -110.43
C ILE B 325 127.02 -51.88 -110.52
N ALA B 326 126.30 -51.11 -109.70
CA ALA B 326 124.84 -51.16 -109.66
C ALA B 326 124.23 -49.77 -109.50
N HIS B 327 122.90 -49.70 -109.62
CA HIS B 327 122.19 -48.43 -109.51
C HIS B 327 120.79 -48.72 -108.96
N CYS B 328 120.61 -48.46 -107.66
CA CYS B 328 119.34 -48.76 -106.98
C CYS B 328 118.31 -47.64 -106.87
N HIS B 329 117.05 -48.03 -106.76
CA HIS B 329 115.95 -47.06 -106.68
C HIS B 329 114.98 -47.38 -105.55
N LYS B 330 113.93 -46.58 -105.47
CA LYS B 330 112.89 -46.73 -104.46
C LYS B 330 112.54 -48.21 -104.20
N GLY B 331 112.65 -48.63 -102.96
CA GLY B 331 112.31 -50.00 -102.62
C GLY B 331 113.48 -50.97 -102.57
N GLN B 332 114.58 -50.63 -103.23
CA GLN B 332 115.74 -51.49 -103.22
C GLN B 332 116.61 -51.25 -102.00
N TYR B 333 117.54 -52.15 -101.77
CA TYR B 333 118.43 -52.03 -100.63
C TYR B 333 119.85 -52.30 -101.06
N PHE B 334 120.81 -51.84 -100.25
CA PHE B 334 122.23 -52.04 -100.54
C PHE B 334 122.98 -52.16 -99.22
N GLY B 335 124.18 -52.73 -99.26
CA GLY B 335 124.96 -52.92 -98.05
C GLY B 335 124.56 -54.22 -97.38
N GLU B 336 123.71 -55.00 -98.06
CA GLU B 336 123.22 -56.29 -97.54
C GLU B 336 124.31 -57.21 -97.03
N LEU B 337 125.46 -57.22 -97.67
CA LEU B 337 126.55 -58.11 -97.25
C LEU B 337 127.01 -57.93 -95.80
N ALA B 338 126.69 -56.79 -95.19
CA ALA B 338 127.10 -56.57 -93.81
C ALA B 338 126.34 -57.53 -92.93
N LEU B 339 125.21 -58.02 -93.44
CA LEU B 339 124.37 -58.97 -92.70
C LEU B 339 124.93 -60.39 -92.74
N VAL B 340 125.73 -60.72 -93.74
CA VAL B 340 126.25 -62.08 -93.82
C VAL B 340 127.76 -62.26 -93.77
N THR B 341 128.51 -61.17 -93.70
CA THR B 341 129.96 -61.27 -93.65
C THR B 341 130.54 -60.17 -92.77
N ASN B 342 131.87 -60.16 -92.67
CA ASN B 342 132.56 -59.16 -91.88
C ASN B 342 133.86 -58.72 -92.54
N LYS B 343 133.75 -58.25 -93.78
CA LYS B 343 134.89 -57.77 -94.55
C LYS B 343 134.58 -56.31 -94.89
N PRO B 344 135.62 -55.48 -95.07
CA PRO B 344 135.38 -54.07 -95.39
C PRO B 344 134.43 -53.93 -96.59
N ARG B 345 133.79 -52.77 -96.71
CA ARG B 345 132.88 -52.55 -97.83
C ARG B 345 133.62 -52.77 -99.14
N ALA B 346 132.98 -53.46 -100.06
CA ALA B 346 133.57 -53.74 -101.36
C ALA B 346 133.58 -52.50 -102.24
N ALA B 347 132.49 -51.74 -102.18
CA ALA B 347 132.35 -50.53 -102.98
C ALA B 347 131.70 -49.37 -102.23
N SER B 348 131.76 -48.19 -102.84
CA SER B 348 131.20 -46.96 -102.28
C SER B 348 129.80 -46.73 -102.86
N ALA B 349 128.98 -45.97 -102.14
CA ALA B 349 127.63 -45.68 -102.59
C ALA B 349 127.37 -44.19 -102.46
N TYR B 350 126.85 -43.59 -103.53
CA TYR B 350 126.58 -42.16 -103.53
C TYR B 350 125.13 -41.89 -103.88
N ALA B 351 124.56 -40.85 -103.27
CA ALA B 351 123.18 -40.48 -103.53
C ALA B 351 123.03 -39.87 -104.92
N VAL B 352 122.10 -40.41 -105.70
CA VAL B 352 121.86 -39.89 -107.05
C VAL B 352 120.61 -39.03 -106.94
N GLY B 353 120.81 -37.78 -106.53
CA GLY B 353 119.70 -36.87 -106.37
C GLY B 353 119.38 -36.84 -104.89
N ASP B 354 118.18 -36.40 -104.53
CA ASP B 354 117.79 -36.37 -103.13
C ASP B 354 117.38 -37.78 -102.72
N VAL B 355 117.95 -38.26 -101.62
CA VAL B 355 117.69 -39.61 -101.16
C VAL B 355 117.21 -39.74 -99.72
N LYS B 356 116.37 -40.74 -99.49
CA LYS B 356 115.88 -41.04 -98.16
C LYS B 356 115.99 -42.56 -98.03
N CYS B 357 116.77 -43.01 -97.05
CA CYS B 357 116.97 -44.43 -96.81
C CYS B 357 116.66 -44.85 -95.39
N LEU B 358 116.25 -46.10 -95.22
CA LEU B 358 116.01 -46.64 -93.90
C LEU B 358 117.37 -47.29 -93.58
N VAL B 359 117.93 -46.99 -92.41
CA VAL B 359 119.23 -47.51 -92.02
C VAL B 359 119.14 -48.45 -90.83
N MET B 360 119.56 -49.70 -91.01
CA MET B 360 119.49 -50.66 -89.92
C MET B 360 120.84 -51.19 -89.50
N ASP B 361 121.14 -51.10 -88.22
CA ASP B 361 122.42 -51.59 -87.73
C ASP B 361 122.38 -53.12 -87.71
N VAL B 362 123.42 -53.74 -88.25
CA VAL B 362 123.51 -55.20 -88.29
C VAL B 362 123.54 -55.86 -86.91
N GLN B 363 124.34 -55.32 -86.00
CA GLN B 363 124.43 -55.88 -84.67
C GLN B 363 123.09 -55.84 -83.95
N ALA B 364 122.35 -54.74 -84.12
CA ALA B 364 121.04 -54.62 -83.48
C ALA B 364 120.10 -55.66 -84.11
N PHE B 365 120.18 -55.78 -85.43
CA PHE B 365 119.38 -56.73 -86.16
C PHE B 365 119.61 -58.14 -85.61
N GLU B 366 120.88 -58.53 -85.43
CA GLU B 366 121.18 -59.86 -84.90
C GLU B 366 120.66 -60.05 -83.47
N ARG B 367 120.87 -59.06 -82.60
CA ARG B 367 120.39 -59.18 -81.22
C ARG B 367 118.88 -59.37 -81.18
N LEU B 368 118.18 -58.76 -82.13
CA LEU B 368 116.73 -58.87 -82.18
C LEU B 368 116.21 -60.11 -82.86
N LEU B 369 116.74 -60.45 -84.03
CA LEU B 369 116.26 -61.60 -84.80
C LEU B 369 117.23 -62.75 -84.98
N GLY B 370 118.46 -62.60 -84.49
CA GLY B 370 119.45 -63.64 -84.67
C GLY B 370 120.14 -63.39 -86.00
N PRO B 371 121.12 -64.21 -86.38
CA PRO B 371 121.84 -64.04 -87.66
C PRO B 371 120.96 -64.14 -88.91
N CYS B 372 121.25 -63.30 -89.90
CA CYS B 372 120.48 -63.26 -91.14
C CYS B 372 120.50 -64.55 -91.92
N MET B 373 121.61 -65.27 -91.87
CA MET B 373 121.71 -66.56 -92.58
C MET B 373 120.61 -67.53 -92.18
N ASP B 374 120.27 -67.59 -90.90
CA ASP B 374 119.20 -68.49 -90.45
C ASP B 374 117.85 -68.08 -91.03
N ILE B 375 117.58 -66.77 -91.05
CA ILE B 375 116.33 -66.28 -91.61
C ILE B 375 116.20 -66.68 -93.10
N MET B 376 117.30 -66.59 -93.84
CA MET B 376 117.32 -66.94 -95.25
C MET B 376 117.01 -68.40 -95.49
N LYS B 377 117.33 -69.23 -94.49
CA LYS B 377 117.11 -70.66 -94.61
C LYS B 377 115.73 -71.12 -94.12
N ARG B 378 115.09 -70.29 -93.30
CA ARG B 378 113.78 -70.60 -92.77
C ARG B 378 112.89 -71.25 -93.80
N ASN B 379 112.77 -70.62 -94.96
CA ASN B 379 111.97 -71.17 -96.04
C ASN B 379 112.96 -71.87 -96.98
N ILE B 380 113.12 -73.17 -96.74
CA ILE B 380 114.04 -73.98 -97.50
C ILE B 380 113.89 -74.02 -99.03
N SER B 381 112.68 -73.87 -99.57
CA SER B 381 112.56 -73.94 -101.02
C SER B 381 113.08 -72.68 -101.71
N HIS B 382 113.43 -71.67 -100.91
CA HIS B 382 113.94 -70.45 -101.48
C HIS B 382 115.35 -70.16 -100.99
N TYR B 383 115.91 -71.09 -100.23
CA TYR B 383 117.26 -70.92 -99.70
C TYR B 383 118.27 -70.72 -100.82
N GLU B 384 118.28 -71.61 -101.80
CA GLU B 384 119.23 -71.49 -102.91
C GLU B 384 119.07 -70.11 -103.57
N GLU B 385 117.85 -69.78 -103.99
CA GLU B 385 117.57 -68.50 -104.62
C GLU B 385 118.19 -67.35 -103.83
N GLN B 386 117.91 -67.33 -102.54
CA GLN B 386 118.43 -66.31 -101.64
C GLN B 386 119.95 -66.26 -101.67
N LEU B 387 120.57 -67.44 -101.60
CA LEU B 387 122.02 -67.54 -101.60
C LEU B 387 122.63 -66.94 -102.88
N VAL B 388 122.03 -67.28 -104.02
CA VAL B 388 122.52 -66.77 -105.29
C VAL B 388 122.34 -65.25 -105.37
N LYS B 389 121.32 -64.75 -104.70
CA LYS B 389 121.06 -63.32 -104.70
C LYS B 389 122.16 -62.58 -103.92
N MET B 390 122.49 -63.11 -102.76
CA MET B 390 123.48 -62.50 -101.88
C MET B 390 124.93 -62.62 -102.31
N PHE B 391 125.32 -63.79 -102.82
CA PHE B 391 126.70 -64.02 -103.24
C PHE B 391 126.81 -64.28 -104.74
N GLY B 392 125.74 -64.02 -105.47
CA GLY B 392 125.75 -64.28 -106.89
C GLY B 392 126.27 -63.17 -107.76
N SER B 393 126.32 -63.47 -109.06
CA SER B 393 126.80 -62.58 -110.12
C SER B 393 126.25 -61.16 -110.11
N ASN B 394 125.03 -61.00 -110.61
CA ASN B 394 124.39 -59.69 -110.69
C ASN B 394 124.14 -59.10 -109.30
N GLY C 9 -5.48 14.86 -18.16
CA GLY C 9 -5.13 15.08 -19.54
C GLY C 9 -3.71 14.68 -19.94
N LEU C 10 -2.82 14.54 -18.97
CA LEU C 10 -1.42 14.28 -19.34
C LEU C 10 -1.24 12.95 -20.09
N THR C 11 -1.83 11.88 -19.57
CA THR C 11 -1.62 10.60 -20.23
C THR C 11 -2.25 10.59 -21.60
N GLU C 12 -3.44 11.17 -21.74
CA GLU C 12 -4.08 11.15 -23.04
C GLU C 12 -3.35 11.99 -24.06
N LEU C 13 -2.83 13.16 -23.64
CA LEU C 13 -2.05 14.01 -24.53
C LEU C 13 -0.84 13.25 -25.05
N LEU C 14 -0.12 12.59 -24.13
CA LEU C 14 1.11 11.93 -24.55
C LEU C 14 0.79 10.66 -25.33
N GLN C 15 -0.38 10.06 -25.11
CA GLN C 15 -0.77 8.86 -25.91
C GLN C 15 -0.96 9.19 -27.36
N GLY C 16 -1.52 10.36 -27.70
CA GLY C 16 -1.73 10.69 -29.12
C GLY C 16 -0.37 10.79 -29.83
N TYR C 17 0.56 11.52 -29.20
CA TYR C 17 1.92 11.62 -29.69
C TYR C 17 2.55 10.25 -29.87
N THR C 18 2.42 9.40 -28.83
CA THR C 18 3.11 8.10 -28.84
C THR C 18 2.51 7.16 -29.88
N VAL C 19 1.20 7.19 -30.08
CA VAL C 19 0.60 6.46 -31.20
C VAL C 19 1.20 6.86 -32.51
N GLU C 20 1.36 8.16 -32.75
CA GLU C 20 1.93 8.57 -34.00
C GLU C 20 3.39 8.23 -34.18
N VAL C 21 4.15 8.26 -33.07
CA VAL C 21 5.54 7.79 -33.12
C VAL C 21 5.56 6.31 -33.52
N LEU C 22 4.75 5.49 -32.88
CA LEU C 22 4.75 4.05 -33.22
C LEU C 22 4.33 3.74 -34.63
N ARG C 23 3.33 4.50 -35.12
CA ARG C 23 2.88 4.32 -36.49
C ARG C 23 3.91 4.79 -37.52
N GLN C 24 4.51 5.96 -37.25
CA GLN C 24 5.28 6.67 -38.28
C GLN C 24 6.78 6.42 -38.19
N GLN C 25 7.25 5.90 -37.03
CA GLN C 25 8.69 5.59 -36.86
C GLN C 25 9.58 6.75 -37.27
N PRO C 26 9.34 7.94 -36.74
CA PRO C 26 10.19 9.06 -37.15
C PRO C 26 11.64 8.87 -36.62
N PRO C 27 12.63 9.34 -37.33
CA PRO C 27 14.00 9.17 -36.86
C PRO C 27 14.42 10.08 -35.74
N ASP C 28 13.74 11.21 -35.54
CA ASP C 28 14.14 12.15 -34.49
C ASP C 28 12.87 12.41 -33.66
N LEU C 29 12.83 11.80 -32.48
CA LEU C 29 11.63 11.90 -31.63
C LEU C 29 11.34 13.30 -31.17
N VAL C 30 12.38 14.11 -30.95
CA VAL C 30 12.15 15.46 -30.43
C VAL C 30 11.60 16.37 -31.52
N ASP C 31 12.19 16.29 -32.71
CA ASP C 31 11.64 17.07 -33.78
C ASP C 31 10.20 16.67 -34.07
N PHE C 32 9.93 15.35 -34.02
CA PHE C 32 8.53 14.91 -34.25
C PHE C 32 7.60 15.49 -33.17
N ALA C 33 8.07 15.55 -31.92
CA ALA C 33 7.26 16.17 -30.82
C ALA C 33 7.03 17.63 -31.11
N VAL C 34 8.06 18.38 -31.51
CA VAL C 34 7.79 19.80 -31.80
C VAL C 34 6.67 19.90 -32.85
N GLU C 35 6.79 19.13 -33.92
CA GLU C 35 5.78 19.24 -35.00
C GLU C 35 4.38 18.80 -34.50
N TYR C 36 4.33 17.70 -33.78
CA TYR C 36 3.02 17.19 -33.34
C TYR C 36 2.32 18.17 -32.41
N PHE C 37 3.03 18.68 -31.38
CA PHE C 37 2.33 19.55 -30.44
C PHE C 37 2.11 20.94 -31.03
N THR C 38 2.95 21.38 -31.96
CA THR C 38 2.66 22.65 -32.65
C THR C 38 1.38 22.53 -33.47
N ARG C 39 1.20 21.41 -34.17
CA ARG C 39 0.00 21.22 -34.97
C ARG C 39 -1.22 21.01 -34.09
N LEU C 40 -1.02 20.28 -33.00
CA LEU C 40 -1.96 20.19 -31.90
C LEU C 40 -2.07 21.55 -31.21
N ARG C 41 -0.94 22.24 -31.17
CA ARG C 41 -0.76 23.46 -30.39
C ARG C 41 -1.69 24.61 -30.78
N GLU C 42 -2.12 24.64 -32.04
CA GLU C 42 -2.96 25.73 -32.49
C GLU C 42 -4.21 25.74 -31.60
N ALA C 43 -4.71 24.53 -31.31
CA ALA C 43 -5.78 24.34 -30.35
C ALA C 43 -7.10 24.96 -30.76
N ARG C 44 -7.33 25.12 -32.06
CA ARG C 44 -8.60 25.62 -32.54
C ARG C 44 -9.69 24.58 -32.27
N ARG C 45 -10.86 25.02 -31.85
CA ARG C 45 -11.99 24.11 -31.70
C ARG C 45 -13.01 24.39 -32.81
N GLN C 46 -13.29 23.37 -33.61
CA GLN C 46 -14.24 23.50 -34.70
C GLN C 46 -15.64 23.79 -34.19
N GLU C 47 -16.01 23.09 -33.13
CA GLU C 47 -17.31 23.27 -32.49
C GLU C 47 -17.18 23.21 -30.98
N SER C 48 -18.06 23.94 -30.29
CA SER C 48 -18.17 23.87 -28.84
C SER C 48 -19.63 24.01 -28.45
N ASP C 49 -20.03 23.36 -27.35
CA ASP C 49 -21.41 23.48 -26.89
C ASP C 49 -21.50 24.04 -25.48
N THR C 50 -22.24 25.14 -25.34
CA THR C 50 -22.61 25.67 -24.05
C THR C 50 -24.13 25.67 -23.99
N PHE C 51 -24.70 25.09 -22.94
CA PHE C 51 -26.15 24.95 -22.86
C PHE C 51 -26.75 25.32 -21.52
N ILE C 52 -27.99 25.81 -21.56
CA ILE C 52 -28.77 26.09 -20.36
C ILE C 52 -30.00 25.18 -20.38
N VAL C 53 -30.25 24.50 -19.26
CA VAL C 53 -31.32 23.52 -19.20
C VAL C 53 -32.47 23.95 -18.31
N SER C 54 -33.68 23.89 -18.84
CA SER C 54 -34.88 24.19 -18.09
C SER C 54 -35.14 23.11 -17.05
N PRO C 55 -35.80 23.51 -15.89
CA PRO C 55 -35.99 22.42 -14.91
C PRO C 55 -36.88 21.32 -15.47
N THR C 56 -36.54 20.07 -15.17
CA THR C 56 -37.27 18.93 -15.68
C THR C 56 -37.93 18.15 -14.55
N THR C 57 -39.22 17.85 -14.71
CA THR C 57 -39.99 17.18 -13.68
C THR C 57 -40.43 15.78 -14.10
N PHE C 58 -40.17 14.81 -13.24
CA PHE C 58 -40.58 13.42 -13.49
C PHE C 58 -41.66 13.02 -12.50
N HIS C 59 -42.73 12.43 -12.99
CA HIS C 59 -43.88 12.14 -12.15
C HIS C 59 -44.06 10.66 -11.82
N THR C 60 -44.17 10.37 -10.54
CA THR C 60 -44.44 9.03 -10.03
C THR C 60 -45.75 8.96 -9.26
N GLN C 61 -46.32 7.76 -9.18
CA GLN C 61 -47.54 7.54 -8.41
C GLN C 61 -47.19 6.69 -7.19
N GLU C 62 -47.59 7.16 -6.02
CA GLU C 62 -47.20 6.51 -4.76
C GLU C 62 -48.13 5.38 -4.32
N SER C 63 -47.58 4.43 -3.55
CA SER C 63 -48.33 3.27 -3.05
C SER C 63 -49.34 3.56 -1.93
N SER C 64 -50.44 2.83 -1.94
CA SER C 64 -51.49 2.90 -0.91
C SER C 64 -51.12 2.20 0.42
N ALA C 65 -51.77 2.64 1.48
CA ALA C 65 -51.64 2.04 2.81
C ALA C 65 -53.00 2.09 3.51
N VAL C 66 -53.23 1.19 4.46
CA VAL C 66 -54.51 1.17 5.17
C VAL C 66 -54.40 1.44 6.67
N PRO C 67 -55.21 2.47 7.16
CA PRO C 67 -55.14 2.64 8.62
C PRO C 67 -56.48 2.30 9.28
N VAL C 68 -56.50 1.50 10.33
CA VAL C 68 -57.77 1.22 11.00
C VAL C 68 -57.80 1.60 12.49
N ILE C 69 -58.74 2.47 12.86
CA ILE C 69 -59.03 2.77 14.26
C ILE C 69 -60.48 3.22 14.45
N GLU C 70 -61.06 2.92 15.62
CA GLU C 70 -62.36 3.45 15.99
C GLU C 70 -62.30 4.23 17.31
N GLU C 71 -62.83 5.45 17.32
CA GLU C 71 -62.81 6.30 18.52
C GLU C 71 -64.19 6.88 18.89
N ASP C 72 -64.54 6.79 20.18
CA ASP C 72 -65.79 7.37 20.68
C ASP C 72 -65.59 8.31 21.87
N GLY C 73 -66.20 9.50 21.81
CA GLY C 73 -66.13 10.46 22.90
C GLY C 73 -67.48 10.96 23.39
N GLU C 74 -67.68 10.97 24.71
CA GLU C 74 -68.94 11.46 25.29
C GLU C 74 -68.77 12.54 26.36
N SER C 75 -69.49 13.65 26.19
CA SER C 75 -69.46 14.76 27.15
C SER C 75 -70.77 15.57 27.17
N ASP C 76 -71.06 16.24 28.28
CA ASP C 76 -72.26 17.08 28.40
C ASP C 76 -71.99 18.50 28.91
N SER C 77 -72.56 19.50 28.25
CA SER C 77 -72.29 20.89 28.58
C SER C 77 -73.54 21.68 29.00
N ASP C 78 -73.40 22.44 30.09
CA ASP C 78 -74.49 23.27 30.61
C ASP C 78 -74.03 24.71 30.83
N SER C 79 -74.93 25.66 30.60
CA SER C 79 -74.60 27.08 30.73
C SER C 79 -75.65 27.86 31.55
N GLU C 80 -75.20 28.93 32.21
CA GLU C 80 -76.08 29.75 33.03
C GLU C 80 -75.86 31.25 32.77
N ASP C 81 -76.90 32.04 33.02
CA ASP C 81 -76.83 33.49 32.79
C ASP C 81 -77.36 34.29 33.99
N ALA C 82 -76.90 35.53 34.13
CA ALA C 82 -77.21 36.34 35.31
C ALA C 82 -77.92 37.67 35.03
N ASP C 83 -78.63 38.20 36.03
CA ASP C 83 -79.47 39.39 35.87
C ASP C 83 -79.25 40.51 36.90
N LEU C 84 -79.75 41.70 36.60
CA LEU C 84 -79.70 42.81 37.54
C LEU C 84 -80.50 42.48 38.80
N GLU C 85 -80.04 42.99 39.94
CA GLU C 85 -80.60 42.65 41.25
C GLU C 85 -82.07 43.02 41.47
N VAL C 86 -82.48 44.18 40.98
CA VAL C 86 -83.85 44.66 41.17
C VAL C 86 -84.82 43.69 40.47
N PRO C 87 -86.11 43.47 40.99
CA PRO C 87 -86.51 44.35 42.12
C PRO C 87 -85.87 44.06 43.48
N VAL C 88 -85.73 45.12 44.28
CA VAL C 88 -85.26 45.03 45.66
C VAL C 88 -86.33 44.48 46.62
N PRO C 89 -85.85 43.95 47.83
CA PRO C 89 -86.93 43.45 48.71
C PRO C 89 -87.85 44.56 49.22
N SER C 90 -89.12 44.24 49.43
CA SER C 90 -90.13 45.24 49.77
C SER C 90 -90.66 45.19 51.21
N LYS C 91 -90.80 43.98 51.76
CA LYS C 91 -91.46 43.78 53.06
C LYS C 91 -90.75 44.38 54.28
N PHE C 92 -91.53 44.81 55.26
CA PHE C 92 -91.02 45.38 56.51
C PHE C 92 -91.29 44.44 57.69
N THR C 93 -90.24 44.11 58.44
CA THR C 93 -90.26 43.05 59.44
C THR C 93 -91.15 43.17 60.69
N ARG C 94 -91.20 44.32 61.35
CA ARG C 94 -91.82 44.36 62.68
C ARG C 94 -92.36 45.70 63.22
N ARG C 95 -93.19 45.59 64.26
CA ARG C 95 -93.67 46.72 65.03
C ARG C 95 -93.40 46.40 66.51
N VAL C 96 -93.51 47.39 67.38
CA VAL C 96 -93.21 47.15 68.80
C VAL C 96 -94.07 47.85 69.84
N SER C 97 -94.17 47.21 71.01
CA SER C 97 -94.79 47.73 72.22
C SER C 97 -93.90 48.77 72.85
N VAL C 98 -94.50 49.61 73.69
CA VAL C 98 -93.77 50.62 74.42
C VAL C 98 -94.13 50.39 75.87
N CYS C 99 -93.33 50.92 76.77
CA CYS C 99 -93.59 50.74 78.19
C CYS C 99 -92.79 51.76 78.99
N ALA C 100 -93.46 52.44 79.92
CA ALA C 100 -92.78 53.42 80.74
C ALA C 100 -92.30 52.67 81.98
N GLU C 101 -91.57 53.35 82.83
CA GLU C 101 -91.07 52.74 84.04
C GLU C 101 -92.23 52.61 85.01
N THR C 102 -92.33 51.45 85.66
CA THR C 102 -93.40 51.19 86.60
C THR C 102 -93.20 51.99 87.88
N PHE C 103 -94.27 52.12 88.66
CA PHE C 103 -94.21 52.87 89.90
C PHE C 103 -95.41 52.55 90.79
N ASN C 104 -95.16 52.42 92.09
CA ASN C 104 -96.19 52.16 93.10
C ASN C 104 -97.01 53.44 93.19
N PRO C 105 -98.18 53.48 92.54
CA PRO C 105 -99.05 54.66 92.55
C PRO C 105 -99.40 55.12 93.94
N ASP C 106 -99.88 54.19 94.76
CA ASP C 106 -100.27 54.48 96.14
C ASP C 106 -99.10 55.13 96.86
N GLU C 107 -99.31 56.35 97.35
CA GLU C 107 -98.28 57.13 98.05
C GLU C 107 -97.44 56.36 99.05
N GLU C 108 -96.14 56.24 98.74
CA GLU C 108 -95.18 55.56 99.59
C GLU C 108 -95.25 56.17 100.99
N GLU C 109 -94.80 57.42 101.11
CA GLU C 109 -94.83 58.15 102.41
C GLU C 109 -93.90 59.37 102.24
N GLU C 110 -94.53 60.54 102.03
CA GLU C 110 -93.82 61.82 101.85
C GLU C 110 -92.37 61.60 102.24
N ASP C 111 -91.47 61.61 101.26
CA ASP C 111 -90.02 61.42 101.50
C ASP C 111 -89.22 61.73 100.20
N VAL C 116 -87.51 67.92 95.00
CA VAL C 116 -87.35 68.73 93.81
C VAL C 116 -87.60 70.22 94.10
N VAL C 117 -86.50 70.96 94.23
CA VAL C 117 -86.57 72.39 94.52
C VAL C 117 -85.80 73.21 93.49
N HIS C 118 -86.53 73.85 92.59
CA HIS C 118 -85.93 74.68 91.54
C HIS C 118 -86.68 76.00 91.47
N PRO C 119 -86.07 77.06 92.04
CA PRO C 119 -86.58 78.43 92.10
C PRO C 119 -87.05 79.01 90.77
N LYS C 120 -88.14 79.79 90.84
CA LYS C 120 -88.71 80.43 89.66
C LYS C 120 -89.54 81.66 90.01
N THR C 121 -89.28 82.76 89.31
CA THR C 121 -89.99 84.01 89.53
C THR C 121 -91.39 83.93 88.95
N ASP C 122 -92.24 84.87 89.33
CA ASP C 122 -93.61 84.89 88.81
C ASP C 122 -93.62 84.95 87.31
N GLU C 123 -92.83 85.84 86.74
CA GLU C 123 -92.79 85.97 85.28
C GLU C 123 -92.34 84.68 84.61
N GLN C 124 -91.29 84.07 85.14
CA GLN C 124 -90.81 82.82 84.56
C GLN C 124 -91.88 81.74 84.61
N ARG C 125 -92.45 81.51 85.78
CA ARG C 125 -93.50 80.50 85.94
C ARG C 125 -94.71 80.77 85.08
N CYS C 126 -95.10 82.04 85.03
CA CYS C 126 -96.23 82.46 84.24
C CYS C 126 -95.97 82.16 82.78
N ARG C 127 -94.72 82.35 82.37
CA ARG C 127 -94.31 82.10 80.98
C ARG C 127 -94.26 80.60 80.68
N LEU C 128 -93.91 79.82 81.69
CA LEU C 128 -93.87 78.38 81.52
C LEU C 128 -95.29 77.88 81.31
N GLN C 129 -96.24 78.42 82.08
CA GLN C 129 -97.62 78.01 81.92
C GLN C 129 -98.08 78.25 80.50
N GLU C 130 -97.83 79.44 79.99
CA GLU C 130 -98.23 79.80 78.63
C GLU C 130 -97.63 78.83 77.61
N ALA C 131 -96.35 78.57 77.74
CA ALA C 131 -95.66 77.67 76.82
C ALA C 131 -96.23 76.25 76.85
N CYS C 132 -96.93 75.92 77.94
CA CYS C 132 -97.49 74.57 78.10
C CYS C 132 -98.98 74.39 77.82
N LYS C 133 -99.71 75.48 77.63
CA LYS C 133 -101.15 75.39 77.38
C LYS C 133 -101.61 74.32 76.40
N ASP C 134 -100.99 74.29 75.22
CA ASP C 134 -101.39 73.35 74.18
C ASP C 134 -100.81 71.93 74.22
N ILE C 135 -99.75 71.69 75.00
CA ILE C 135 -99.16 70.35 75.08
C ILE C 135 -100.23 69.39 75.65
N LEU C 136 -100.58 68.33 74.93
CA LEU C 136 -101.63 67.44 75.40
C LEU C 136 -101.52 66.86 76.79
N LEU C 137 -100.32 66.55 77.22
CA LEU C 137 -100.11 65.98 78.54
C LEU C 137 -100.37 66.98 79.64
N PHE C 138 -100.20 68.26 79.30
CA PHE C 138 -100.38 69.36 80.23
C PHE C 138 -101.75 70.01 80.07
N LYS C 139 -102.17 70.11 78.82
CA LYS C 139 -103.44 70.73 78.42
C LYS C 139 -104.62 70.67 79.40
N ASN C 140 -104.92 69.50 79.95
CA ASN C 140 -106.05 69.40 80.87
C ASN C 140 -105.73 68.93 82.29
N LEU C 141 -104.57 69.36 82.80
CA LEU C 141 -104.13 69.03 84.16
C LEU C 141 -104.74 70.07 85.09
N ASP C 142 -105.09 69.66 86.30
CA ASP C 142 -105.67 70.62 87.24
C ASP C 142 -104.64 71.62 87.73
N GLN C 143 -105.11 72.64 88.41
CA GLN C 143 -104.26 73.70 88.96
C GLN C 143 -103.08 73.18 89.76
N GLU C 144 -103.36 72.31 90.73
CA GLU C 144 -102.35 71.74 91.61
C GLU C 144 -101.25 70.98 90.89
N GLN C 145 -101.61 69.98 90.08
CA GLN C 145 -100.63 69.18 89.36
C GLN C 145 -99.73 70.06 88.48
N LEU C 146 -100.32 71.04 87.83
CA LEU C 146 -99.54 71.92 86.97
C LEU C 146 -98.48 72.66 87.79
N SER C 147 -98.84 73.04 89.00
CA SER C 147 -97.95 73.74 89.90
C SER C 147 -96.81 72.84 90.34
N GLN C 148 -97.15 71.63 90.78
CA GLN C 148 -96.16 70.68 91.21
C GLN C 148 -95.22 70.37 90.06
N VAL C 149 -95.78 70.29 88.86
CA VAL C 149 -94.97 69.98 87.69
C VAL C 149 -93.99 71.11 87.38
N LEU C 150 -94.47 72.35 87.39
CA LEU C 150 -93.58 73.47 87.12
C LEU C 150 -92.51 73.54 88.21
N ASP C 151 -92.91 73.22 89.43
CA ASP C 151 -91.97 73.25 90.55
C ASP C 151 -90.82 72.32 90.21
N ALA C 152 -91.15 71.14 89.70
CA ALA C 152 -90.17 70.12 89.34
C ALA C 152 -89.26 70.45 88.17
N MET C 153 -89.61 71.46 87.38
CA MET C 153 -88.78 71.80 86.24
C MET C 153 -87.47 72.47 86.61
N PHE C 154 -86.38 71.81 86.28
CA PHE C 154 -85.03 72.30 86.57
C PHE C 154 -84.48 73.14 85.43
N GLU C 155 -83.60 74.07 85.75
CA GLU C 155 -83.02 74.91 84.72
C GLU C 155 -81.79 74.27 84.10
N LYS C 156 -81.59 74.52 82.82
CA LYS C 156 -80.45 74.00 82.09
C LYS C 156 -79.87 75.14 81.28
N ILE C 157 -78.65 75.55 81.62
CA ILE C 157 -78.00 76.62 80.91
C ILE C 157 -77.25 76.01 79.74
N VAL C 158 -77.26 76.71 78.62
CA VAL C 158 -76.58 76.22 77.42
C VAL C 158 -75.70 77.29 76.79
N LYS C 159 -74.50 76.90 76.39
CA LYS C 159 -73.60 77.83 75.75
C LYS C 159 -73.76 77.66 74.26
N THR C 160 -73.53 78.73 73.50
CA THR C 160 -73.68 78.67 72.05
C THR C 160 -72.90 77.54 71.44
N ASP C 161 -73.46 76.93 70.40
CA ASP C 161 -72.84 75.80 69.68
C ASP C 161 -73.09 74.44 70.34
N GLU C 162 -73.73 74.46 71.50
CA GLU C 162 -74.02 73.23 72.22
C GLU C 162 -75.25 72.48 71.71
N HIS C 163 -75.21 71.14 71.75
CA HIS C 163 -76.34 70.34 71.30
C HIS C 163 -77.27 70.03 72.46
N VAL C 164 -78.50 70.53 72.37
CA VAL C 164 -79.47 70.28 73.43
C VAL C 164 -79.86 68.80 73.32
N ILE C 165 -80.31 68.42 72.13
CA ILE C 165 -80.67 67.03 71.85
C ILE C 165 -80.07 66.67 70.50
N ASP C 166 -79.74 65.40 70.32
CA ASP C 166 -79.15 64.93 69.08
C ASP C 166 -80.04 63.83 68.56
N GLN C 167 -80.40 63.90 67.29
CA GLN C 167 -81.26 62.90 66.67
C GLN C 167 -80.73 61.50 66.96
N GLY C 168 -81.65 60.58 67.25
CA GLY C 168 -81.25 59.21 67.51
C GLY C 168 -81.03 58.88 68.97
N ASP C 169 -80.50 59.85 69.71
CA ASP C 169 -80.21 59.65 71.13
C ASP C 169 -81.47 59.34 71.94
N ASP C 170 -81.31 58.60 73.04
CA ASP C 170 -82.46 58.29 73.87
C ASP C 170 -82.93 59.57 74.54
N GLY C 171 -84.24 59.67 74.78
CA GLY C 171 -84.78 60.84 75.39
C GLY C 171 -85.37 60.62 76.78
N ASP C 172 -85.11 61.57 77.66
CA ASP C 172 -85.60 61.50 79.04
C ASP C 172 -86.27 62.81 79.46
N ASN C 173 -85.94 63.91 78.79
CA ASN C 173 -86.52 65.19 79.19
C ASN C 173 -87.29 65.94 78.11
N PHE C 174 -88.11 66.87 78.59
CA PHE C 174 -88.91 67.72 77.74
C PHE C 174 -88.34 69.12 78.06
N TYR C 175 -88.20 69.98 77.06
CA TYR C 175 -87.62 71.28 77.33
C TYR C 175 -88.43 72.49 76.88
N VAL C 176 -88.38 73.52 77.71
CA VAL C 176 -89.05 74.78 77.40
C VAL C 176 -87.94 75.79 77.29
N ILE C 177 -87.95 76.60 76.25
CA ILE C 177 -86.91 77.59 76.08
C ILE C 177 -87.18 78.77 76.98
N GLU C 178 -86.13 79.26 77.62
CA GLU C 178 -86.20 80.40 78.52
C GLU C 178 -85.53 81.58 77.83
N ARG C 179 -84.35 81.33 77.26
CA ARG C 179 -83.56 82.35 76.57
C ARG C 179 -82.73 81.70 75.47
N GLY C 180 -82.32 82.50 74.49
CA GLY C 180 -81.48 82.00 73.44
C GLY C 180 -82.12 81.71 72.10
N THR C 181 -81.27 81.39 71.13
CA THR C 181 -81.68 81.05 69.79
C THR C 181 -81.17 79.63 69.53
N TYR C 182 -81.88 78.88 68.70
CA TYR C 182 -81.51 77.50 68.41
C TYR C 182 -81.86 77.12 66.99
N ASP C 183 -81.07 76.22 66.40
CA ASP C 183 -81.34 75.74 65.06
C ASP C 183 -81.82 74.31 65.19
N ILE C 184 -82.84 73.96 64.41
CA ILE C 184 -83.40 72.62 64.44
C ILE C 184 -82.95 71.87 63.18
N LEU C 185 -82.46 70.65 63.35
CA LEU C 185 -82.03 69.88 62.20
C LEU C 185 -82.64 68.49 62.16
N VAL C 186 -82.96 68.04 60.96
CA VAL C 186 -83.53 66.73 60.78
C VAL C 186 -82.85 65.96 59.66
N THR C 187 -82.31 64.81 60.02
CA THR C 187 -81.62 63.96 59.06
C THR C 187 -82.57 62.89 58.55
N LYS C 188 -82.77 62.87 57.24
CA LYS C 188 -83.62 61.87 56.61
C LYS C 188 -82.72 61.11 55.66
N ASP C 189 -82.47 59.84 55.96
CA ASP C 189 -81.60 59.00 55.14
C ASP C 189 -80.27 59.72 55.29
N ASN C 190 -79.54 59.82 54.19
CA ASN C 190 -78.25 60.49 54.22
C ASN C 190 -78.25 62.02 54.21
N GLN C 191 -79.42 62.64 54.26
CA GLN C 191 -79.45 64.09 54.19
C GLN C 191 -79.87 64.78 55.48
N THR C 192 -79.19 65.87 55.80
CA THR C 192 -79.48 66.63 56.99
C THR C 192 -79.93 68.02 56.59
N ARG C 193 -81.12 68.42 57.04
CA ARG C 193 -81.62 69.74 56.69
C ARG C 193 -81.80 70.66 57.89
N SER C 194 -81.29 71.88 57.76
CA SER C 194 -81.44 72.86 58.81
C SER C 194 -82.87 73.32 58.52
N VAL C 195 -83.84 72.65 59.14
CA VAL C 195 -85.26 72.92 58.90
C VAL C 195 -85.93 74.14 59.54
N GLY C 196 -85.50 74.51 60.75
CA GLY C 196 -86.12 75.65 61.39
C GLY C 196 -85.35 76.15 62.60
N GLN C 197 -85.70 77.34 63.07
CA GLN C 197 -85.04 77.92 64.23
C GLN C 197 -86.02 78.34 65.31
N TYR C 198 -85.49 78.54 66.51
CA TYR C 198 -86.26 78.99 67.67
C TYR C 198 -85.59 80.26 68.13
N ASP C 199 -86.38 81.27 68.47
CA ASP C 199 -85.80 82.52 68.95
C ASP C 199 -86.43 82.89 70.28
N ASN C 200 -85.84 82.38 71.35
CA ASN C 200 -86.31 82.65 72.71
C ASN C 200 -87.73 82.22 73.01
N ARG C 201 -88.25 81.30 72.20
CA ARG C 201 -89.59 80.76 72.38
C ARG C 201 -89.57 79.31 71.89
N GLY C 202 -90.41 78.47 72.50
CA GLY C 202 -90.47 77.09 72.05
C GLY C 202 -90.40 76.03 73.11
N SER C 203 -90.61 74.78 72.67
CA SER C 203 -90.57 73.62 73.53
C SER C 203 -90.44 72.44 72.58
N PHE C 204 -89.97 71.30 73.08
CA PHE C 204 -89.79 70.12 72.23
C PHE C 204 -89.38 68.90 73.05
N GLY C 205 -89.67 67.72 72.51
CA GLY C 205 -89.33 66.48 73.18
C GLY C 205 -90.43 65.96 74.09
N GLU C 206 -91.66 66.45 73.88
CA GLU C 206 -92.80 66.04 74.68
C GLU C 206 -92.95 64.53 74.79
N LEU C 207 -92.65 63.84 73.69
CA LEU C 207 -92.77 62.40 73.65
C LEU C 207 -91.97 61.72 74.77
N ALA C 208 -90.82 62.30 75.10
CA ALA C 208 -89.96 61.75 76.15
C ALA C 208 -90.66 61.60 77.51
N LEU C 209 -91.74 62.34 77.70
CA LEU C 209 -92.47 62.27 78.96
C LEU C 209 -93.37 61.04 79.04
N MET C 210 -93.51 60.34 77.93
CA MET C 210 -94.36 59.16 77.89
C MET C 210 -93.59 57.88 78.13
N TYR C 211 -92.57 57.67 77.30
CA TYR C 211 -91.69 56.50 77.39
C TYR C 211 -90.35 56.85 76.75
N ASN C 212 -89.37 55.95 76.86
CA ASN C 212 -88.07 56.20 76.28
C ASN C 212 -88.13 55.86 74.80
N THR C 213 -87.70 56.80 73.96
CA THR C 213 -87.74 56.63 72.51
C THR C 213 -86.68 57.56 71.90
N PRO C 214 -86.19 57.22 70.70
CA PRO C 214 -85.17 58.01 70.01
C PRO C 214 -85.60 59.44 69.67
N ARG C 215 -84.68 60.37 69.86
CA ARG C 215 -84.89 61.79 69.55
C ARG C 215 -85.06 61.86 68.03
N ALA C 216 -86.11 62.52 67.54
CA ALA C 216 -86.35 62.60 66.10
C ALA C 216 -85.66 63.74 65.34
N ALA C 217 -85.03 64.65 66.08
CA ALA C 217 -84.35 65.80 65.47
C ALA C 217 -83.23 66.27 66.39
N THR C 218 -82.33 67.09 65.86
CA THR C 218 -81.22 67.61 66.64
C THR C 218 -81.39 69.11 66.84
N ILE C 219 -81.20 69.57 68.08
CA ILE C 219 -81.34 70.99 68.38
C ILE C 219 -80.03 71.57 68.90
N ILE C 220 -79.53 72.59 68.22
CA ILE C 220 -78.28 73.22 68.63
C ILE C 220 -78.47 74.70 68.99
N ALA C 221 -77.86 75.10 70.10
CA ALA C 221 -77.95 76.49 70.54
C ALA C 221 -77.04 77.34 69.66
N THR C 222 -77.50 78.55 69.35
CA THR C 222 -76.72 79.46 68.54
C THR C 222 -76.35 80.70 69.35
N SER C 223 -76.51 80.59 70.65
CA SER C 223 -76.17 81.69 71.55
C SER C 223 -76.26 81.16 72.96
N GLU C 224 -75.90 81.99 73.93
CA GLU C 224 -76.01 81.57 75.31
C GLU C 224 -77.52 81.55 75.52
N GLY C 225 -78.03 80.51 76.14
CA GLY C 225 -79.46 80.43 76.37
C GLY C 225 -79.77 79.63 77.61
N SER C 226 -81.05 79.57 77.97
CA SER C 226 -81.49 78.85 79.15
C SER C 226 -82.77 78.08 78.82
N LEU C 227 -82.84 76.84 79.27
CA LEU C 227 -84.02 76.00 79.02
C LEU C 227 -84.54 75.37 80.30
N TRP C 228 -85.86 75.25 80.42
CA TRP C 228 -86.44 74.59 81.58
C TRP C 228 -86.65 73.14 81.17
N GLY C 229 -86.14 72.21 81.96
CA GLY C 229 -86.29 70.81 81.62
C GLY C 229 -87.12 69.99 82.59
N LEU C 230 -87.71 68.91 82.08
CA LEU C 230 -88.52 68.03 82.92
C LEU C 230 -88.26 66.58 82.59
N ASP C 231 -87.85 65.83 83.59
CA ASP C 231 -87.56 64.42 83.44
C ASP C 231 -88.84 63.58 83.49
N ARG C 232 -88.96 62.63 82.56
CA ARG C 232 -90.12 61.76 82.49
C ARG C 232 -90.51 61.18 83.83
N VAL C 233 -89.61 60.43 84.45
CA VAL C 233 -89.87 59.79 85.74
C VAL C 233 -90.44 60.76 86.79
N THR C 234 -89.89 61.95 86.84
CA THR C 234 -90.36 62.93 87.80
C THR C 234 -91.78 63.32 87.42
N PHE C 235 -92.00 63.61 86.12
CA PHE C 235 -93.31 64.01 85.64
C PHE C 235 -94.38 62.94 85.83
N ARG C 236 -94.08 61.71 85.46
CA ARG C 236 -95.07 60.66 85.62
C ARG C 236 -95.41 60.46 87.10
N ARG C 237 -94.40 60.38 87.95
CA ARG C 237 -94.65 60.18 89.39
C ARG C 237 -95.49 61.28 90.01
N ILE C 238 -95.26 62.53 89.65
CA ILE C 238 -96.05 63.64 90.19
C ILE C 238 -97.54 63.44 89.87
N ILE C 239 -97.81 63.17 88.59
CA ILE C 239 -99.16 62.98 88.07
C ILE C 239 -99.90 61.75 88.59
N VAL C 240 -99.27 60.59 88.50
CA VAL C 240 -99.89 59.36 88.99
C VAL C 240 -100.20 59.50 90.47
N LYS C 241 -99.19 59.87 91.25
CA LYS C 241 -99.37 60.04 92.68
C LYS C 241 -100.56 60.91 92.99
N ASN C 242 -100.66 62.04 92.31
CA ASN C 242 -101.76 62.96 92.55
C ASN C 242 -103.11 62.41 92.13
N ASN C 243 -103.17 61.73 90.99
CA ASN C 243 -104.44 61.18 90.54
C ASN C 243 -104.86 59.99 91.42
N ALA C 244 -103.89 59.26 91.94
CA ALA C 244 -104.19 58.12 92.81
C ALA C 244 -104.63 58.61 94.17
N LYS C 245 -104.21 59.82 94.53
CA LYS C 245 -104.61 60.39 95.82
C LYS C 245 -106.03 60.91 95.66
N LYS C 246 -106.29 61.55 94.52
CA LYS C 246 -107.59 62.10 94.22
C LYS C 246 -108.63 60.97 94.18
N ARG C 247 -108.25 59.86 93.57
CA ARG C 247 -109.13 58.70 93.46
C ARG C 247 -109.53 58.17 94.82
N LYS C 248 -108.55 58.05 95.72
CA LYS C 248 -108.79 57.54 97.06
C LYS C 248 -109.75 58.49 97.80
N MET C 249 -109.56 59.79 97.56
CA MET C 249 -110.38 60.81 98.18
C MET C 249 -111.80 60.81 97.62
N PHE C 250 -111.95 60.62 96.31
CA PHE C 250 -113.26 60.57 95.70
C PHE C 250 -113.98 59.35 96.21
N GLU C 251 -113.24 58.26 96.25
CA GLU C 251 -113.74 56.97 96.71
C GLU C 251 -114.37 57.08 98.10
N SER C 252 -113.70 57.81 98.98
CA SER C 252 -114.17 58.00 100.34
C SER C 252 -115.48 58.77 100.41
N PHE C 253 -115.60 59.85 99.64
CA PHE C 253 -116.81 60.64 99.67
C PHE C 253 -118.01 59.91 99.10
N ILE C 254 -117.76 58.91 98.26
CA ILE C 254 -118.85 58.13 97.67
C ILE C 254 -119.24 57.05 98.68
N GLU C 255 -118.22 56.49 99.31
CA GLU C 255 -118.39 55.40 100.27
C GLU C 255 -119.17 55.81 101.50
N SER C 256 -118.93 57.02 101.99
CA SER C 256 -119.62 57.46 103.18
C SER C 256 -121.07 57.88 102.88
N VAL C 257 -121.44 57.96 101.60
CA VAL C 257 -122.80 58.31 101.22
C VAL C 257 -123.64 57.01 101.33
N PRO C 258 -124.52 56.93 102.35
CA PRO C 258 -125.37 55.75 102.60
C PRO C 258 -126.18 55.22 101.41
N LEU C 259 -126.60 56.11 100.52
CA LEU C 259 -127.38 55.72 99.36
C LEU C 259 -126.59 54.75 98.46
N PHE C 260 -125.27 54.87 98.50
CA PHE C 260 -124.38 54.05 97.68
C PHE C 260 -123.68 52.88 98.39
N LYS C 261 -124.07 52.62 99.64
CA LYS C 261 -123.46 51.55 100.45
C LYS C 261 -123.56 50.15 99.84
N SER C 262 -124.62 49.90 99.08
CA SER C 262 -124.81 48.58 98.48
C SER C 262 -123.95 48.45 97.23
N LEU C 263 -123.28 49.54 96.85
CA LEU C 263 -122.42 49.52 95.68
C LEU C 263 -121.19 48.67 95.97
N GLU C 264 -120.70 47.98 94.93
CA GLU C 264 -119.53 47.15 95.04
C GLU C 264 -118.33 48.04 94.80
N MET C 265 -117.14 47.58 95.17
CA MET C 265 -115.93 48.37 94.99
C MET C 265 -115.75 48.85 93.56
N SER C 266 -115.84 47.91 92.63
CA SER C 266 -115.65 48.22 91.22
C SER C 266 -116.70 49.20 90.71
N GLU C 267 -117.89 49.19 91.29
CA GLU C 267 -118.95 50.10 90.86
C GLU C 267 -118.65 51.51 91.34
N ARG C 268 -118.01 51.63 92.50
CA ARG C 268 -117.67 52.95 93.02
C ARG C 268 -116.54 53.53 92.17
N MET C 269 -115.66 52.67 91.69
CA MET C 269 -114.53 53.12 90.90
C MET C 269 -114.94 53.63 89.53
N LYS C 270 -116.01 53.06 88.97
CA LYS C 270 -116.52 53.52 87.69
C LYS C 270 -116.99 54.97 87.88
N ILE C 271 -117.59 55.24 89.03
CA ILE C 271 -118.06 56.60 89.33
C ILE C 271 -116.84 57.52 89.45
N VAL C 272 -115.88 57.11 90.29
CA VAL C 272 -114.66 57.86 90.50
C VAL C 272 -113.99 58.23 89.17
N ASP C 273 -114.00 57.27 88.24
CA ASP C 273 -113.41 57.49 86.92
C ASP C 273 -113.96 58.71 86.17
N VAL C 274 -115.26 58.93 86.28
CA VAL C 274 -115.90 59.98 85.50
C VAL C 274 -116.45 61.18 86.23
N ILE C 275 -116.62 61.06 87.53
CA ILE C 275 -117.20 62.13 88.35
C ILE C 275 -116.45 63.48 88.29
N GLY C 276 -117.20 64.56 88.30
CA GLY C 276 -116.58 65.88 88.23
C GLY C 276 -116.45 66.65 89.54
N GLU C 277 -115.68 67.73 89.48
CA GLU C 277 -115.46 68.60 90.61
C GLU C 277 -115.75 70.04 90.17
N LYS C 278 -116.25 70.84 91.10
CA LYS C 278 -116.55 72.24 90.83
C LYS C 278 -116.32 73.05 92.09
N ILE C 279 -115.81 74.26 91.90
CA ILE C 279 -115.56 75.17 93.01
C ILE C 279 -116.58 76.30 92.89
N TYR C 280 -117.17 76.66 94.02
CA TYR C 280 -118.15 77.74 94.03
C TYR C 280 -117.73 78.77 95.08
N LYS C 281 -117.81 80.04 94.72
CA LYS C 281 -117.47 81.12 95.65
C LYS C 281 -118.72 81.45 96.45
N ASP C 282 -118.53 81.75 97.72
CA ASP C 282 -119.63 82.07 98.62
C ASP C 282 -120.76 82.85 97.96
N GLY C 283 -121.98 82.40 98.20
CA GLY C 283 -123.15 83.07 97.66
C GLY C 283 -123.60 82.73 96.26
N GLU C 284 -122.73 82.14 95.44
CA GLU C 284 -123.15 81.82 94.07
C GLU C 284 -124.06 80.59 94.01
N ARG C 285 -125.04 80.66 93.12
CA ARG C 285 -126.01 79.60 92.96
C ARG C 285 -125.45 78.36 92.28
N ILE C 286 -125.76 77.20 92.86
CA ILE C 286 -125.30 75.92 92.35
C ILE C 286 -126.45 75.26 91.60
N ILE C 287 -127.62 75.20 92.24
CA ILE C 287 -128.83 74.62 91.67
C ILE C 287 -129.94 75.66 91.68
N ALA C 288 -130.62 75.82 90.54
CA ALA C 288 -131.69 76.79 90.46
C ALA C 288 -133.04 76.10 90.42
N GLN C 289 -133.93 76.52 91.30
CA GLN C 289 -135.27 75.95 91.36
C GLN C 289 -135.98 76.10 90.02
N GLY C 290 -136.49 75.00 89.49
CA GLY C 290 -137.20 75.08 88.23
C GLY C 290 -136.49 74.50 87.03
N GLU C 291 -135.18 74.58 86.98
CA GLU C 291 -134.46 74.03 85.84
C GLU C 291 -134.46 72.51 85.93
N LYS C 292 -133.99 71.83 84.88
CA LYS C 292 -133.99 70.36 84.90
C LYS C 292 -132.89 69.72 85.74
N ALA C 293 -133.28 68.70 86.50
CA ALA C 293 -132.39 67.98 87.39
C ALA C 293 -131.64 66.89 86.62
N ASP C 294 -130.38 67.20 86.30
CA ASP C 294 -129.51 66.30 85.55
C ASP C 294 -128.44 65.61 86.39
N SER C 295 -128.05 66.24 87.49
CA SER C 295 -127.02 65.64 88.34
C SER C 295 -127.24 65.81 89.84
N PHE C 296 -126.34 65.22 90.62
CA PHE C 296 -126.40 65.33 92.06
C PHE C 296 -125.03 65.73 92.58
N TYR C 297 -125.00 66.32 93.76
CA TYR C 297 -123.76 66.78 94.32
C TYR C 297 -123.42 66.16 95.66
N ILE C 298 -122.12 66.13 95.95
CA ILE C 298 -121.59 65.61 97.20
C ILE C 298 -120.59 66.65 97.68
N ILE C 299 -120.94 67.34 98.76
CA ILE C 299 -120.06 68.37 99.30
C ILE C 299 -118.79 67.79 99.88
N GLU C 300 -117.64 68.30 99.45
CA GLU C 300 -116.39 67.80 100.00
C GLU C 300 -115.74 68.89 100.85
N SER C 301 -116.37 70.06 100.85
CA SER C 301 -115.89 71.19 101.64
C SER C 301 -116.87 72.38 101.58
N GLY C 302 -117.00 73.08 102.70
CA GLY C 302 -117.89 74.23 102.74
C GLY C 302 -119.30 73.84 103.13
N GLU C 303 -120.25 74.74 102.86
CA GLU C 303 -121.64 74.49 103.18
C GLU C 303 -122.54 74.99 102.05
N VAL C 304 -123.73 74.40 101.96
CA VAL C 304 -124.70 74.76 100.93
C VAL C 304 -126.08 75.01 101.54
N SER C 305 -126.70 76.10 101.14
CA SER C 305 -128.02 76.47 101.64
C SER C 305 -129.05 76.13 100.57
N ILE C 306 -130.08 75.39 100.97
CA ILE C 306 -131.15 75.01 100.05
C ILE C 306 -132.38 75.87 100.33
N LEU C 307 -132.75 76.69 99.36
CA LEU C 307 -133.89 77.58 99.51
C LEU C 307 -135.03 77.23 98.56
N ILE C 308 -136.25 77.59 98.95
CA ILE C 308 -137.44 77.34 98.15
C ILE C 308 -138.38 78.54 98.25
N ARG C 309 -138.87 79.03 97.11
CA ARG C 309 -139.77 80.17 97.09
C ARG C 309 -141.20 79.64 97.24
N SER C 310 -141.71 79.68 98.48
CA SER C 310 -143.04 79.17 98.82
C SER C 310 -144.25 79.73 98.03
N LYS C 311 -144.41 79.26 96.81
CA LYS C 311 -145.51 79.66 95.94
C LYS C 311 -146.10 78.34 95.45
N THR C 312 -145.20 77.43 95.07
CA THR C 312 -145.62 76.11 94.59
C THR C 312 -146.19 75.37 95.82
N LYS C 313 -147.11 76.04 96.53
CA LYS C 313 -147.76 75.44 97.74
C LYS C 313 -149.26 75.83 97.86
N SER C 314 -150.09 75.46 96.86
CA SER C 314 -151.53 75.72 96.93
C SER C 314 -152.42 75.78 95.68
N ASN C 315 -152.47 76.98 95.07
CA ASN C 315 -153.28 77.19 93.88
C ASN C 315 -152.96 78.61 93.53
N LYS C 316 -151.88 79.03 92.85
CA LYS C 316 -151.71 80.48 92.60
C LYS C 316 -151.40 81.63 93.54
N ASN C 317 -150.18 81.87 94.08
CA ASN C 317 -149.87 83.01 95.03
C ASN C 317 -149.02 82.51 96.21
N GLY C 318 -148.80 83.59 96.97
CA GLY C 318 -148.13 83.58 98.30
C GLY C 318 -146.65 83.72 98.55
N GLY C 319 -146.12 83.53 99.78
CA GLY C 319 -144.69 83.82 100.07
C GLY C 319 -143.94 84.52 98.93
N ASN C 320 -143.59 83.83 97.83
CA ASN C 320 -142.86 84.51 96.76
C ASN C 320 -141.74 85.34 97.43
N GLN C 321 -140.77 84.62 98.01
CA GLN C 321 -139.64 85.19 98.71
C GLN C 321 -138.48 84.19 98.76
N GLU C 322 -138.00 83.85 99.96
CA GLU C 322 -136.90 82.90 100.12
C GLU C 322 -136.93 82.16 101.46
N VAL C 323 -136.98 80.84 101.41
CA VAL C 323 -137.01 80.04 102.63
C VAL C 323 -136.02 78.87 102.57
N GLU C 324 -135.21 78.74 103.62
CA GLU C 324 -134.20 77.69 103.69
C GLU C 324 -134.75 76.37 104.22
N ILE C 325 -134.88 75.39 103.33
CA ILE C 325 -135.39 74.08 103.72
C ILE C 325 -134.33 73.24 104.44
N ALA C 326 -133.11 73.23 103.91
CA ALA C 326 -132.01 72.47 104.49
C ALA C 326 -130.69 73.23 104.42
N HIS C 327 -129.66 72.69 105.07
CA HIS C 327 -128.34 73.31 105.08
C HIS C 327 -127.29 72.22 105.22
N CYS C 328 -126.65 71.88 104.10
CA CYS C 328 -125.67 70.80 104.05
C CYS C 328 -124.20 71.16 104.23
N HIS C 329 -123.42 70.20 104.72
CA HIS C 329 -122.00 70.41 104.96
C HIS C 329 -121.13 69.30 104.39
N LYS C 330 -119.84 69.39 104.67
CA LYS C 330 -118.85 68.42 104.20
C LYS C 330 -119.36 66.99 104.33
N GLY C 331 -119.36 66.25 103.23
CA GLY C 331 -119.81 64.87 103.25
C GLY C 331 -121.26 64.64 102.85
N GLN C 332 -122.07 65.68 102.93
CA GLN C 332 -123.47 65.55 102.56
C GLN C 332 -123.67 65.74 101.06
N TYR C 333 -124.86 65.39 100.59
CA TYR C 333 -125.16 65.51 99.19
C TYR C 333 -126.52 66.13 99.01
N PHE C 334 -126.77 66.68 97.83
CA PHE C 334 -128.05 67.31 97.51
C PHE C 334 -128.35 67.11 96.02
N GLY C 335 -129.61 67.26 95.64
CA GLY C 335 -130.00 67.05 94.26
C GLY C 335 -130.25 65.57 94.01
N GLU C 336 -130.24 64.78 95.08
CA GLU C 336 -130.47 63.33 95.00
C GLU C 336 -131.71 62.93 94.21
N LEU C 337 -132.78 63.71 94.29
CA LEU C 337 -134.00 63.38 93.59
C LEU C 337 -133.87 63.23 92.07
N ALA C 338 -132.81 63.79 91.50
CA ALA C 338 -132.62 63.68 90.06
C ALA C 338 -132.35 62.23 89.72
N LEU C 339 -131.90 61.47 90.72
CA LEU C 339 -131.61 60.04 90.54
C LEU C 339 -132.87 59.18 90.53
N VAL C 340 -133.95 59.65 91.15
CA VAL C 340 -135.16 58.84 91.19
C VAL C 340 -136.41 59.41 90.54
N THR C 341 -136.33 60.62 90.01
CA THR C 341 -137.50 61.23 89.36
C THR C 341 -137.08 62.09 88.18
N ASN C 342 -138.06 62.70 87.53
CA ASN C 342 -137.79 63.56 86.40
C ASN C 342 -138.71 64.77 86.39
N LYS C 343 -138.70 65.52 87.49
CA LYS C 343 -139.50 66.74 87.63
C LYS C 343 -138.52 67.88 87.86
N PRO C 344 -138.88 69.11 87.48
CA PRO C 344 -137.96 70.24 87.67
C PRO C 344 -137.48 70.32 89.12
N ARG C 345 -136.34 70.97 89.35
CA ARG C 345 -135.81 71.11 90.70
C ARG C 345 -136.86 71.74 91.58
N ALA C 346 -137.02 71.20 92.79
CA ALA C 346 -137.99 71.71 93.74
C ALA C 346 -137.51 73.01 94.35
N ALA C 347 -136.21 73.08 94.66
CA ALA C 347 -135.62 74.26 95.26
C ALA C 347 -134.25 74.62 94.70
N SER C 348 -133.78 75.82 95.06
CA SER C 348 -132.48 76.33 94.62
C SER C 348 -131.43 76.04 95.69
N ALA C 349 -130.17 76.01 95.29
CA ALA C 349 -129.08 75.74 96.21
C ALA C 349 -127.98 76.76 96.01
N TYR C 350 -127.52 77.38 97.10
CA TYR C 350 -126.48 78.38 97.02
C TYR C 350 -125.31 78.03 97.90
N ALA C 351 -124.10 78.38 97.44
CA ALA C 351 -122.89 78.09 98.20
C ALA C 351 -122.78 79.00 99.43
N VAL C 352 -122.61 78.39 100.60
CA VAL C 352 -122.48 79.15 101.83
C VAL C 352 -120.99 79.20 102.14
N GLY C 353 -120.31 80.17 101.52
CA GLY C 353 -118.89 80.31 101.70
C GLY C 353 -118.22 79.66 100.51
N ASP C 354 -116.95 79.31 100.63
CA ASP C 354 -116.25 78.65 99.53
C ASP C 354 -116.65 77.17 99.53
N VAL C 355 -117.07 76.68 98.37
CA VAL C 355 -117.53 75.30 98.25
C VAL C 355 -116.84 74.47 97.17
N LYS C 356 -116.73 73.19 97.46
CA LYS C 356 -116.16 72.24 96.50
C LYS C 356 -117.08 71.03 96.56
N CYS C 357 -117.68 70.71 95.42
CA CYS C 357 -118.60 69.57 95.31
C CYS C 357 -118.22 68.59 94.23
N LEU C 358 -118.59 67.33 94.42
CA LEU C 358 -118.35 66.32 93.41
C LEU C 358 -119.69 66.35 92.64
N VAL C 359 -119.63 66.46 91.32
CA VAL C 359 -120.83 66.53 90.50
C VAL C 359 -120.98 65.31 89.60
N MET C 360 -122.09 64.57 89.75
CA MET C 360 -122.29 63.39 88.94
C MET C 360 -123.51 63.47 88.07
N ASP C 361 -123.36 63.24 86.78
CA ASP C 361 -124.49 63.28 85.88
C ASP C 361 -125.34 62.04 86.08
N VAL C 362 -126.65 62.23 86.21
CA VAL C 362 -127.57 61.12 86.43
C VAL C 362 -127.61 60.12 85.26
N GLN C 363 -127.66 60.62 84.04
CA GLN C 363 -127.70 59.75 82.88
C GLN C 363 -126.45 58.89 82.78
N ALA C 364 -125.30 59.47 83.09
CA ALA C 364 -124.05 58.71 83.06
C ALA C 364 -124.10 57.64 84.15
N PHE C 365 -124.58 58.05 85.32
CA PHE C 365 -124.71 57.15 86.45
C PHE C 365 -125.56 55.93 86.05
N GLU C 366 -126.71 56.18 85.42
CA GLU C 366 -127.57 55.07 85.00
C GLU C 366 -126.89 54.16 83.96
N ARG C 367 -126.25 54.75 82.95
CA ARG C 367 -125.58 53.95 81.92
C ARG C 367 -124.51 53.05 82.55
N LEU C 368 -123.89 53.53 83.61
CA LEU C 368 -122.85 52.76 84.28
C LEU C 368 -123.34 51.74 85.28
N LEU C 369 -124.27 52.15 86.15
CA LEU C 369 -124.77 51.26 87.20
C LEU C 369 -126.23 50.86 87.12
N GLY C 370 -126.95 51.40 86.14
CA GLY C 370 -128.37 51.11 86.03
C GLY C 370 -129.11 52.11 86.90
N PRO C 371 -130.45 52.07 86.94
CA PRO C 371 -131.24 52.99 87.77
C PRO C 371 -130.96 52.92 89.28
N CYS C 372 -130.97 54.08 89.93
CA CYS C 372 -130.68 54.18 91.36
C CYS C 372 -131.66 53.41 92.23
N MET C 373 -132.92 53.36 91.83
CA MET C 373 -133.93 52.63 92.59
C MET C 373 -133.54 51.17 92.84
N ASP C 374 -132.97 50.51 91.83
CA ASP C 374 -132.55 49.12 92.00
C ASP C 374 -131.42 49.00 93.03
N ILE C 375 -130.47 49.92 92.98
CA ILE C 375 -129.37 49.91 93.94
C ILE C 375 -129.92 50.04 95.38
N MET C 376 -130.90 50.91 95.58
CA MET C 376 -131.49 51.13 96.88
C MET C 376 -132.17 49.88 97.42
N LYS C 377 -132.63 49.03 96.52
CA LYS C 377 -133.32 47.81 96.92
C LYS C 377 -132.39 46.61 97.11
N ARG C 378 -131.20 46.68 96.53
CA ARG C 378 -130.22 45.61 96.65
C ARG C 378 -130.19 45.02 98.03
N ASN C 379 -130.05 45.88 99.02
CA ASN C 379 -130.05 45.42 100.41
C ASN C 379 -131.47 45.66 100.94
N ILE C 380 -132.28 44.61 100.84
CA ILE C 380 -133.66 44.68 101.24
C ILE C 380 -133.98 45.11 102.69
N SER C 381 -133.11 44.83 103.66
CA SER C 381 -133.44 45.22 105.02
C SER C 381 -133.30 46.72 105.24
N HIS C 382 -132.77 47.42 104.25
CA HIS C 382 -132.61 48.85 104.37
C HIS C 382 -133.39 49.59 103.30
N TYR C 383 -134.16 48.85 102.51
CA TYR C 383 -134.95 49.45 101.45
C TYR C 383 -135.91 50.50 102.01
N GLU C 384 -136.71 50.12 103.01
CA GLU C 384 -137.66 51.07 103.60
C GLU C 384 -136.92 52.33 104.05
N GLU C 385 -135.90 52.15 104.90
CA GLU C 385 -135.11 53.27 105.41
C GLU C 385 -134.71 54.22 104.28
N GLN C 386 -134.13 53.65 103.23
CA GLN C 386 -133.70 54.41 102.07
C GLN C 386 -134.85 55.18 101.45
N LEU C 387 -135.99 54.51 101.28
CA LEU C 387 -137.17 55.13 100.70
C LEU C 387 -137.63 56.34 101.51
N VAL C 388 -137.68 56.19 102.83
CA VAL C 388 -138.10 57.28 103.69
C VAL C 388 -137.10 58.44 103.62
N LYS C 389 -135.84 58.11 103.39
CA LYS C 389 -134.82 59.14 103.29
C LYS C 389 -135.02 59.99 102.05
N MET C 390 -135.28 59.33 100.93
CA MET C 390 -135.44 59.98 99.65
C MET C 390 -136.75 60.74 99.44
N PHE C 391 -137.86 60.16 99.90
CA PHE C 391 -139.17 60.78 99.72
C PHE C 391 -139.80 61.15 101.06
N GLY C 392 -139.03 61.10 102.13
CA GLY C 392 -139.57 61.40 103.43
C GLY C 392 -139.55 62.85 103.85
N SER C 393 -140.13 63.08 105.02
CA SER C 393 -140.27 64.39 105.66
C SER C 393 -139.02 65.27 105.68
N ASN C 394 -138.12 64.98 106.63
CA ASN C 394 -136.88 65.75 106.79
C ASN C 394 -135.98 65.62 105.55
N GLU D 14 110.22 -78.87 -75.10
CA GLU D 14 110.07 -78.99 -73.61
C GLU D 14 108.61 -78.81 -73.22
N SER D 15 108.31 -79.04 -71.95
CA SER D 15 106.94 -78.89 -71.49
C SER D 15 106.51 -77.44 -71.60
N VAL D 16 107.48 -76.52 -71.58
CA VAL D 16 107.17 -75.11 -71.69
C VAL D 16 106.30 -74.88 -72.92
N LYS D 17 106.73 -75.46 -74.04
CA LYS D 17 105.98 -75.32 -75.27
C LYS D 17 104.62 -76.00 -75.08
N GLU D 18 104.63 -77.20 -74.50
CA GLU D 18 103.40 -77.95 -74.24
C GLU D 18 102.41 -77.07 -73.52
N PHE D 19 102.82 -76.63 -72.34
CA PHE D 19 102.00 -75.78 -71.49
C PHE D 19 101.41 -74.59 -72.25
N LEU D 20 102.28 -73.80 -72.89
CA LEU D 20 101.82 -72.62 -73.63
C LEU D 20 100.85 -72.98 -74.76
N ALA D 21 101.15 -74.06 -75.47
CA ALA D 21 100.28 -74.50 -76.57
C ALA D 21 98.91 -74.78 -76.00
N LYS D 22 98.87 -75.67 -75.00
CA LYS D 22 97.62 -76.02 -74.36
C LYS D 22 97.02 -74.77 -73.78
N ALA D 23 97.87 -73.85 -73.37
CA ALA D 23 97.40 -72.59 -72.79
C ALA D 23 96.70 -71.72 -73.83
N LYS D 24 97.33 -71.52 -74.98
CA LYS D 24 96.72 -70.70 -76.01
C LYS D 24 95.39 -71.28 -76.44
N GLU D 25 95.36 -72.60 -76.54
CA GLU D 25 94.15 -73.31 -76.93
C GLU D 25 93.05 -72.92 -75.95
N ASP D 26 93.27 -73.24 -74.68
CA ASP D 26 92.31 -72.94 -73.62
C ASP D 26 91.87 -71.48 -73.62
N PHE D 27 92.81 -70.59 -73.94
CA PHE D 27 92.51 -69.15 -73.96
C PHE D 27 91.71 -68.70 -75.17
N LEU D 28 92.14 -69.08 -76.37
CA LEU D 28 91.43 -68.68 -77.58
C LEU D 28 89.99 -69.15 -77.55
N LYS D 29 89.77 -70.31 -76.94
CA LYS D 29 88.44 -70.88 -76.83
C LYS D 29 87.54 -69.98 -75.98
N LYS D 30 88.03 -69.58 -74.80
CA LYS D 30 87.27 -68.72 -73.90
C LYS D 30 87.27 -67.27 -74.36
N TRP D 31 88.25 -66.91 -75.15
CA TRP D 31 88.35 -65.55 -75.65
C TRP D 31 87.31 -65.31 -76.75
N GLU D 32 87.15 -66.29 -77.64
CA GLU D 32 86.21 -66.18 -78.76
C GLU D 32 84.80 -66.63 -78.40
N THR D 33 84.55 -66.80 -77.11
CA THR D 33 83.25 -67.24 -76.62
C THR D 33 83.19 -66.96 -75.11
N PRO D 34 83.30 -65.68 -74.72
CA PRO D 34 83.27 -65.29 -73.31
C PRO D 34 82.16 -65.96 -72.52
N SER D 35 82.48 -66.41 -71.31
CA SER D 35 81.50 -67.04 -70.44
C SER D 35 80.71 -65.92 -69.78
N GLN D 36 79.53 -65.65 -70.33
CA GLN D 36 78.68 -64.57 -69.82
C GLN D 36 77.82 -65.04 -68.68
N ASN D 37 77.27 -64.07 -67.94
CA ASN D 37 76.38 -64.31 -66.81
C ASN D 37 76.38 -65.79 -66.40
N THR D 38 77.33 -66.17 -65.56
CA THR D 38 77.46 -67.56 -65.10
C THR D 38 76.59 -67.92 -63.91
N ALA D 39 76.97 -67.47 -62.72
CA ALA D 39 76.22 -67.78 -61.51
C ALA D 39 75.09 -66.80 -61.18
N GLN D 40 74.24 -67.19 -60.23
CA GLN D 40 73.10 -66.40 -59.78
C GLN D 40 73.40 -65.70 -58.46
N LEU D 41 72.98 -64.44 -58.33
CA LEU D 41 73.22 -63.66 -57.13
C LEU D 41 72.62 -64.23 -55.85
N ASP D 42 71.60 -65.08 -55.99
CA ASP D 42 70.97 -65.70 -54.82
C ASP D 42 71.71 -66.91 -54.28
N GLN D 43 72.86 -67.21 -54.87
CA GLN D 43 73.67 -68.34 -54.43
C GLN D 43 74.73 -67.81 -53.47
N PHE D 44 74.91 -66.49 -53.49
CA PHE D 44 75.89 -65.82 -52.64
C PHE D 44 75.19 -64.85 -51.70
N ASP D 45 75.61 -64.84 -50.44
CA ASP D 45 75.03 -63.98 -49.42
C ASP D 45 75.65 -62.59 -49.38
N ARG D 46 76.38 -62.31 -48.29
CA ARG D 46 77.03 -61.02 -48.10
C ARG D 46 77.60 -60.96 -46.70
N ILE D 47 78.81 -60.43 -46.57
CA ILE D 47 79.47 -60.30 -45.27
C ILE D 47 79.89 -58.85 -45.06
N LYS D 48 81.19 -58.63 -44.92
CA LYS D 48 81.71 -57.28 -44.72
C LYS D 48 81.50 -56.46 -46.00
N THR D 49 82.11 -55.28 -46.07
CA THR D 49 81.97 -54.42 -47.24
C THR D 49 83.21 -53.55 -47.46
N LEU D 50 84.36 -54.19 -47.67
CA LEU D 50 85.61 -53.47 -47.91
C LEU D 50 85.83 -53.27 -49.40
N GLY D 51 85.36 -52.13 -49.91
CA GLY D 51 85.51 -51.82 -51.33
C GLY D 51 85.19 -50.39 -51.66
N THR D 52 85.68 -49.46 -50.84
CA THR D 52 85.45 -48.04 -51.06
C THR D 52 86.68 -47.43 -51.75
N GLY D 53 87.42 -46.60 -51.01
CA GLY D 53 88.62 -45.97 -51.56
C GLY D 53 88.34 -44.66 -52.27
N SER D 54 88.09 -44.76 -53.58
CA SER D 54 87.80 -43.59 -54.39
C SER D 54 87.12 -44.00 -55.70
N PHE D 55 86.68 -45.26 -55.77
CA PHE D 55 86.00 -45.79 -56.96
C PHE D 55 85.51 -47.23 -56.75
N GLY D 56 84.43 -47.60 -57.45
CA GLY D 56 83.89 -48.95 -57.33
C GLY D 56 83.39 -49.35 -55.96
N ARG D 57 82.55 -50.39 -55.91
CA ARG D 57 81.97 -50.89 -54.66
C ARG D 57 82.24 -52.39 -54.48
N VAL D 58 83.36 -52.73 -53.84
CA VAL D 58 83.75 -54.12 -53.60
C VAL D 58 83.36 -54.61 -52.21
N MET D 59 82.53 -55.64 -52.13
CA MET D 59 82.09 -56.18 -50.85
C MET D 59 82.34 -57.68 -50.75
N LEU D 60 82.74 -58.15 -49.56
CA LEU D 60 82.99 -59.57 -49.35
C LEU D 60 81.67 -60.33 -49.45
N VAL D 61 81.76 -61.65 -49.66
CA VAL D 61 80.56 -62.46 -49.78
C VAL D 61 80.90 -63.93 -49.63
N LYS D 62 79.90 -64.72 -49.21
CA LYS D 62 80.08 -66.15 -49.02
C LYS D 62 79.16 -66.94 -49.93
N HIS D 63 79.52 -68.19 -50.20
CA HIS D 63 78.74 -69.06 -51.09
C HIS D 63 77.77 -69.97 -50.33
N LYS D 64 76.77 -70.48 -51.05
CA LYS D 64 75.76 -71.36 -50.48
C LYS D 64 76.27 -72.80 -50.28
N GLU D 65 75.97 -73.68 -51.24
CA GLU D 65 76.36 -75.09 -51.18
C GLU D 65 77.82 -75.31 -50.76
N SER D 66 78.75 -74.74 -51.51
CA SER D 66 80.17 -74.86 -51.22
C SER D 66 80.54 -73.99 -50.01
N GLY D 67 79.89 -72.85 -49.89
CA GLY D 67 80.17 -71.95 -48.78
C GLY D 67 81.57 -71.38 -48.80
N ASN D 68 81.98 -70.82 -49.93
CA ASN D 68 83.30 -70.25 -50.07
C ASN D 68 83.27 -68.73 -49.99
N HIS D 69 84.45 -68.14 -49.84
CA HIS D 69 84.58 -66.69 -49.76
C HIS D 69 85.10 -66.12 -51.07
N TYR D 70 84.44 -65.05 -51.53
CA TYR D 70 84.81 -64.41 -52.78
C TYR D 70 84.73 -62.90 -52.64
N ALA D 71 85.36 -62.19 -53.58
CA ALA D 71 85.35 -60.73 -53.58
C ALA D 71 84.53 -60.27 -54.78
N MET D 72 83.34 -59.74 -54.51
CA MET D 72 82.44 -59.29 -55.57
C MET D 72 82.51 -57.78 -55.82
N LYS D 73 82.88 -57.41 -57.03
CA LYS D 73 82.96 -56.00 -57.42
C LYS D 73 81.59 -55.57 -57.93
N ILE D 74 81.06 -54.51 -57.32
CA ILE D 74 79.75 -53.98 -57.71
C ILE D 74 79.94 -52.85 -58.72
N LEU D 75 79.49 -53.11 -59.95
CA LEU D 75 79.59 -52.12 -61.03
C LEU D 75 78.20 -51.82 -61.56
N ASP D 76 77.59 -50.74 -61.06
CA ASP D 76 76.26 -50.33 -61.51
C ASP D 76 76.28 -50.09 -63.01
N LYS D 77 75.49 -50.88 -63.74
CA LYS D 77 75.40 -50.77 -65.20
C LYS D 77 75.33 -49.32 -65.65
N GLN D 78 74.63 -48.50 -64.87
CA GLN D 78 74.45 -47.08 -65.17
C GLN D 78 75.65 -46.25 -64.73
N LYS D 79 76.24 -46.60 -63.61
CA LYS D 79 77.40 -45.89 -63.08
C LYS D 79 78.39 -45.65 -64.22
N VAL D 80 78.48 -46.62 -65.13
CA VAL D 80 79.38 -46.55 -66.27
C VAL D 80 79.01 -45.36 -67.15
N VAL D 81 79.45 -45.43 -68.41
CA VAL D 81 79.19 -44.36 -69.36
C VAL D 81 80.00 -43.06 -69.09
N LYS D 82 80.35 -42.79 -67.84
CA LYS D 82 81.00 -41.52 -67.47
C LYS D 82 82.45 -41.89 -67.48
N LEU D 83 82.91 -41.38 -66.35
CA LEU D 83 84.20 -41.76 -65.77
C LEU D 83 85.19 -41.53 -66.92
N LYS D 84 86.14 -42.44 -67.08
CA LYS D 84 87.14 -42.37 -68.14
C LYS D 84 86.94 -43.20 -69.38
N GLN D 85 86.28 -44.33 -69.15
CA GLN D 85 86.02 -45.31 -70.21
C GLN D 85 85.09 -46.41 -69.73
N ILE D 86 84.45 -47.09 -70.67
CA ILE D 86 83.53 -48.18 -70.37
C ILE D 86 83.92 -49.45 -71.12
N GLU D 87 85.03 -49.37 -71.85
CA GLU D 87 85.53 -50.50 -72.61
C GLU D 87 86.70 -51.11 -71.87
N HIS D 88 87.53 -50.25 -71.27
CA HIS D 88 88.68 -50.71 -70.49
C HIS D 88 88.20 -51.65 -69.40
N THR D 89 86.89 -51.88 -69.39
CA THR D 89 86.26 -52.76 -68.42
C THR D 89 85.59 -53.90 -69.15
N LEU D 90 84.72 -53.59 -70.10
CA LEU D 90 84.02 -54.62 -70.87
C LEU D 90 85.08 -55.54 -71.47
N ASN D 91 86.27 -54.99 -71.65
CA ASN D 91 87.42 -55.70 -72.19
C ASN D 91 88.12 -56.41 -71.03
N GLU D 92 88.27 -55.70 -69.92
CA GLU D 92 88.91 -56.25 -68.74
C GLU D 92 88.22 -57.56 -68.33
N LYS D 93 86.89 -57.57 -68.41
CA LYS D 93 86.12 -58.74 -68.04
C LYS D 93 86.40 -59.91 -68.98
N ARG D 94 86.45 -59.61 -70.28
CA ARG D 94 86.69 -60.66 -71.27
C ARG D 94 88.04 -61.34 -71.09
N ILE D 95 88.99 -60.61 -70.53
CA ILE D 95 90.32 -61.18 -70.33
C ILE D 95 90.37 -62.03 -69.08
N LEU D 96 89.96 -61.44 -67.95
CA LEU D 96 89.98 -62.17 -66.69
C LEU D 96 89.33 -63.54 -66.87
N GLN D 97 88.23 -63.58 -67.62
CA GLN D 97 87.48 -64.81 -67.86
C GLN D 97 88.19 -65.82 -68.76
N ALA D 98 88.97 -65.31 -69.72
CA ALA D 98 89.67 -66.19 -70.64
C ALA D 98 91.03 -66.68 -70.16
N VAL D 99 91.58 -66.05 -69.11
CA VAL D 99 92.90 -66.45 -68.61
C VAL D 99 92.95 -67.37 -67.38
N ASN D 100 94.03 -68.15 -67.29
CA ASN D 100 94.23 -69.09 -66.18
C ASN D 100 95.69 -69.30 -65.81
N PHE D 101 96.13 -68.69 -64.70
CA PHE D 101 97.51 -68.83 -64.23
C PHE D 101 97.56 -68.81 -62.69
N PRO D 102 98.47 -69.56 -62.08
CA PRO D 102 98.60 -69.62 -60.62
C PRO D 102 98.89 -68.32 -59.87
N PHE D 103 99.53 -67.37 -60.54
CA PHE D 103 99.86 -66.12 -59.90
C PHE D 103 99.00 -64.98 -60.40
N LEU D 104 97.81 -65.32 -60.86
CA LEU D 104 96.84 -64.36 -61.38
C LEU D 104 95.53 -64.51 -60.62
N VAL D 105 94.91 -63.40 -60.27
CA VAL D 105 93.62 -63.44 -59.56
C VAL D 105 92.62 -64.09 -60.48
N LYS D 106 91.52 -64.59 -59.92
CA LYS D 106 90.53 -65.27 -60.74
C LYS D 106 89.13 -64.70 -60.78
N LEU D 107 88.55 -64.67 -61.99
CA LEU D 107 87.17 -64.22 -62.14
C LEU D 107 86.42 -65.53 -61.92
N GLU D 108 85.84 -65.68 -60.74
CA GLU D 108 85.11 -66.89 -60.38
C GLU D 108 83.73 -66.95 -61.01
N PHE D 109 82.96 -65.90 -60.79
CA PHE D 109 81.61 -65.83 -61.33
C PHE D 109 81.30 -64.43 -61.84
N SER D 110 80.58 -64.39 -62.95
CA SER D 110 80.19 -63.13 -63.58
C SER D 110 78.71 -63.16 -63.89
N PHE D 111 78.04 -62.03 -63.65
CA PHE D 111 76.61 -61.93 -63.92
C PHE D 111 76.11 -60.49 -63.89
N LYS D 112 74.96 -60.27 -64.50
CA LYS D 112 74.35 -58.94 -64.58
C LYS D 112 72.88 -59.03 -65.00
N ASP D 113 72.15 -57.93 -64.80
CA ASP D 113 70.73 -57.80 -65.14
C ASP D 113 70.19 -56.62 -64.33
N ASN D 114 69.91 -55.50 -65.00
CA ASN D 114 69.41 -54.31 -64.33
C ASN D 114 70.31 -53.87 -63.17
N SER D 115 71.00 -54.83 -62.56
CA SER D 115 71.92 -54.52 -61.47
C SER D 115 73.13 -54.06 -62.30
N ASN D 116 73.20 -55.18 -63.04
CA ASN D 116 74.26 -55.49 -63.98
C ASN D 116 75.77 -55.29 -64.01
N LEU D 117 76.49 -56.40 -63.88
CA LEU D 117 77.95 -56.43 -63.91
C LEU D 117 78.52 -56.21 -62.51
N TYR D 118 78.53 -57.50 -62.22
CA TYR D 118 78.98 -58.01 -60.94
C TYR D 118 80.15 -58.99 -61.17
N MET D 119 81.28 -58.73 -60.53
CA MET D 119 82.46 -59.57 -60.68
C MET D 119 82.74 -60.37 -59.41
N VAL D 120 82.68 -61.69 -59.52
CA VAL D 120 82.94 -62.55 -58.36
C VAL D 120 84.37 -63.08 -58.39
N MET D 121 85.29 -62.24 -57.93
CA MET D 121 86.72 -62.55 -57.89
C MET D 121 87.10 -63.47 -56.74
N GLU D 122 88.16 -64.24 -56.91
CA GLU D 122 88.58 -65.13 -55.85
C GLU D 122 89.06 -64.24 -54.72
N TYR D 123 89.16 -64.82 -53.53
CA TYR D 123 89.57 -64.05 -52.36
C TYR D 123 90.68 -64.73 -51.57
N VAL D 124 91.76 -64.00 -51.34
CA VAL D 124 92.89 -64.50 -50.58
C VAL D 124 93.08 -63.56 -49.40
N ALA D 125 92.80 -64.06 -48.21
CA ALA D 125 92.92 -63.27 -47.00
C ALA D 125 94.40 -63.11 -46.66
N GLY D 126 95.09 -62.30 -47.45
CA GLY D 126 96.51 -62.07 -47.25
C GLY D 126 96.88 -60.61 -47.12
N GLY D 127 98.13 -60.29 -47.45
CA GLY D 127 98.59 -58.93 -47.34
C GLY D 127 99.03 -58.28 -48.63
N GLU D 128 99.07 -56.96 -48.63
CA GLU D 128 99.48 -56.18 -49.78
C GLU D 128 101.00 -56.15 -49.92
N MET D 129 101.48 -56.19 -51.16
CA MET D 129 102.91 -56.14 -51.43
C MET D 129 103.48 -54.76 -51.05
N PHE D 130 102.72 -53.71 -51.35
CA PHE D 130 103.14 -52.35 -51.06
C PHE D 130 103.36 -52.11 -49.55
N SER D 131 102.44 -52.59 -48.73
CA SER D 131 102.54 -52.43 -47.27
C SER D 131 103.74 -53.20 -46.70
N HIS D 132 103.92 -54.43 -47.16
CA HIS D 132 105.03 -55.25 -46.70
C HIS D 132 106.38 -54.63 -47.05
N LEU D 133 106.56 -54.30 -48.32
CA LEU D 133 107.82 -53.71 -48.79
C LEU D 133 108.16 -52.41 -48.08
N ARG D 134 107.18 -51.53 -47.94
CA ARG D 134 107.42 -50.26 -47.29
C ARG D 134 107.79 -50.41 -45.81
N ARG D 135 107.14 -51.33 -45.10
CA ARG D 135 107.44 -51.55 -43.69
C ARG D 135 108.90 -51.94 -43.48
N ILE D 136 109.29 -53.08 -44.05
CA ILE D 136 110.66 -53.55 -43.91
C ILE D 136 111.70 -52.80 -44.73
N GLY D 137 111.27 -51.79 -45.49
CA GLY D 137 112.21 -51.03 -46.29
C GLY D 137 112.58 -51.67 -47.63
N ARG D 138 113.27 -52.80 -47.58
CA ARG D 138 113.66 -53.51 -48.78
C ARG D 138 113.84 -55.00 -48.53
N PHE D 139 113.66 -55.79 -49.58
CA PHE D 139 113.82 -57.24 -49.49
C PHE D 139 115.25 -57.63 -49.77
N SER D 140 115.64 -58.78 -49.25
CA SER D 140 116.98 -59.29 -49.52
C SER D 140 116.89 -59.75 -50.98
N GLU D 141 118.03 -59.81 -51.66
CA GLU D 141 118.05 -60.23 -53.04
C GLU D 141 117.41 -61.62 -53.25
N PRO D 142 117.66 -62.58 -52.34
CA PRO D 142 117.05 -63.90 -52.54
C PRO D 142 115.53 -63.80 -52.50
N HIS D 143 115.03 -63.04 -51.54
CA HIS D 143 113.59 -62.85 -51.40
C HIS D 143 113.01 -62.11 -52.60
N ALA D 144 113.75 -61.13 -53.10
CA ALA D 144 113.31 -60.36 -54.23
C ALA D 144 113.27 -61.26 -55.46
N ARG D 145 114.29 -62.10 -55.60
CA ARG D 145 114.36 -63.02 -56.72
C ARG D 145 113.17 -63.96 -56.70
N PHE D 146 112.72 -64.31 -55.49
CA PHE D 146 111.59 -65.20 -55.34
C PHE D 146 110.32 -64.61 -55.95
N TYR D 147 110.02 -63.36 -55.62
CA TYR D 147 108.84 -62.71 -56.16
C TYR D 147 109.01 -62.45 -57.66
N ALA D 148 110.21 -62.01 -58.05
CA ALA D 148 110.52 -61.71 -59.45
C ALA D 148 110.22 -62.90 -60.36
N ALA D 149 110.72 -64.07 -59.98
CA ALA D 149 110.48 -65.27 -60.76
C ALA D 149 108.98 -65.40 -61.06
N GLN D 150 108.15 -65.23 -60.06
CA GLN D 150 106.72 -65.34 -60.27
C GLN D 150 106.20 -64.36 -61.30
N ILE D 151 106.77 -63.16 -61.35
CA ILE D 151 106.30 -62.20 -62.33
C ILE D 151 106.82 -62.51 -63.73
N VAL D 152 108.04 -63.05 -63.81
CA VAL D 152 108.59 -63.40 -65.11
C VAL D 152 107.68 -64.47 -65.74
N LEU D 153 107.37 -65.51 -64.97
CA LEU D 153 106.53 -66.60 -65.42
C LEU D 153 105.16 -66.11 -65.83
N THR D 154 104.62 -65.16 -65.07
CA THR D 154 103.30 -64.63 -65.37
C THR D 154 103.29 -63.85 -66.68
N PHE D 155 104.38 -63.13 -66.94
CA PHE D 155 104.49 -62.33 -68.14
C PHE D 155 104.70 -63.20 -69.36
N GLU D 156 105.39 -64.32 -69.17
CA GLU D 156 105.64 -65.25 -70.28
C GLU D 156 104.30 -65.84 -70.70
N TYR D 157 103.48 -66.17 -69.70
CA TYR D 157 102.17 -66.73 -69.97
C TYR D 157 101.33 -65.72 -70.73
N LEU D 158 101.19 -64.53 -70.15
CA LEU D 158 100.42 -63.44 -70.73
C LEU D 158 100.85 -63.06 -72.14
N HIS D 159 102.15 -62.91 -72.34
CA HIS D 159 102.65 -62.54 -73.65
C HIS D 159 102.44 -63.67 -74.65
N SER D 160 102.35 -64.89 -74.14
CA SER D 160 102.10 -66.06 -74.98
C SER D 160 100.70 -65.87 -75.59
N LEU D 161 99.83 -65.17 -74.87
CA LEU D 161 98.48 -64.93 -75.33
C LEU D 161 98.33 -63.54 -75.94
N ASP D 162 99.45 -62.87 -76.17
CA ASP D 162 99.49 -61.52 -76.75
C ASP D 162 98.75 -60.50 -75.90
N LEU D 163 98.89 -60.66 -74.59
CA LEU D 163 98.27 -59.78 -73.62
C LEU D 163 99.33 -59.02 -72.84
N ILE D 164 99.17 -57.71 -72.70
CA ILE D 164 100.12 -56.95 -71.93
C ILE D 164 99.41 -56.41 -70.69
N TYR D 165 100.11 -56.50 -69.56
CA TYR D 165 99.59 -56.09 -68.28
C TYR D 165 99.55 -54.57 -68.16
N ARG D 166 100.71 -53.94 -68.34
CA ARG D 166 100.83 -52.48 -68.32
C ARG D 166 100.60 -51.73 -67.01
N ASP D 167 100.62 -52.39 -65.87
CA ASP D 167 100.42 -51.64 -64.65
C ASP D 167 101.13 -52.29 -63.48
N LEU D 168 102.27 -52.89 -63.78
CA LEU D 168 103.06 -53.55 -62.76
C LEU D 168 103.49 -52.58 -61.70
N LYS D 169 103.33 -52.98 -60.44
CA LYS D 169 103.75 -52.15 -59.32
C LYS D 169 103.37 -52.82 -58.01
N PRO D 170 104.15 -52.58 -56.94
CA PRO D 170 103.88 -53.16 -55.63
C PRO D 170 102.39 -53.05 -55.27
N GLU D 171 101.80 -51.90 -55.56
CA GLU D 171 100.39 -51.64 -55.29
C GLU D 171 99.42 -52.65 -55.94
N ASN D 172 99.80 -53.23 -57.08
CA ASN D 172 98.93 -54.19 -57.75
C ASN D 172 99.30 -55.65 -57.46
N LEU D 173 100.13 -55.88 -56.45
CA LEU D 173 100.53 -57.24 -56.11
C LEU D 173 100.10 -57.63 -54.70
N LEU D 174 99.50 -58.80 -54.59
CA LEU D 174 99.04 -59.31 -53.32
C LEU D 174 99.84 -60.54 -52.93
N ILE D 175 100.09 -60.69 -51.64
CA ILE D 175 100.81 -61.83 -51.10
C ILE D 175 99.75 -62.73 -50.48
N ASP D 176 99.52 -63.90 -51.04
CA ASP D 176 98.51 -64.80 -50.49
C ASP D 176 98.99 -65.51 -49.23
N GLN D 177 98.07 -66.26 -48.62
CA GLN D 177 98.37 -66.98 -47.39
C GLN D 177 99.47 -68.03 -47.53
N GLN D 178 99.81 -68.38 -48.77
CA GLN D 178 100.87 -69.35 -49.03
C GLN D 178 102.18 -68.58 -49.19
N GLY D 179 102.08 -67.26 -49.17
CA GLY D 179 103.26 -66.41 -49.33
C GLY D 179 103.68 -66.15 -50.76
N TYR D 180 102.85 -66.57 -51.71
CA TYR D 180 103.12 -66.38 -53.14
C TYR D 180 102.37 -65.19 -53.66
N ILE D 181 102.87 -64.62 -54.76
CA ILE D 181 102.25 -63.45 -55.36
C ILE D 181 100.96 -63.78 -56.10
N GLN D 182 100.06 -62.82 -56.11
CA GLN D 182 98.79 -62.96 -56.81
C GLN D 182 98.58 -61.57 -57.42
N VAL D 183 98.58 -61.48 -58.76
CA VAL D 183 98.42 -60.20 -59.46
C VAL D 183 96.97 -59.74 -59.60
N THR D 184 96.71 -58.47 -59.28
CA THR D 184 95.36 -57.92 -59.35
C THR D 184 95.26 -56.67 -60.21
N ASP D 185 94.03 -56.30 -60.54
CA ASP D 185 93.73 -55.11 -61.33
C ASP D 185 94.20 -55.12 -62.78
N PHE D 186 93.33 -55.59 -63.66
CA PHE D 186 93.64 -55.65 -65.08
C PHE D 186 93.04 -54.46 -65.82
N GLY D 187 93.00 -53.34 -65.13
CA GLY D 187 92.44 -52.13 -65.71
C GLY D 187 93.08 -51.75 -67.02
N PHE D 188 94.37 -52.00 -67.17
CA PHE D 188 95.05 -51.64 -68.41
C PHE D 188 95.43 -52.81 -69.29
N ALA D 189 95.07 -54.02 -68.85
CA ALA D 189 95.37 -55.22 -69.62
C ALA D 189 94.72 -55.15 -71.00
N LYS D 190 95.46 -55.53 -72.03
CA LYS D 190 94.94 -55.46 -73.38
C LYS D 190 95.60 -56.46 -74.30
N ARG D 191 94.81 -57.10 -75.15
CA ARG D 191 95.34 -58.06 -76.11
C ARG D 191 95.79 -57.28 -77.33
N VAL D 192 97.09 -57.32 -77.59
CA VAL D 192 97.64 -56.61 -78.72
C VAL D 192 98.69 -57.40 -79.49
N LYS D 193 98.40 -57.61 -80.76
CA LYS D 193 99.29 -58.28 -81.67
C LYS D 193 99.57 -57.11 -82.59
N GLY D 194 100.79 -56.59 -82.54
CA GLY D 194 101.12 -55.42 -83.33
C GLY D 194 101.58 -54.34 -82.37
N ARG D 195 101.01 -53.14 -82.46
CA ARG D 195 101.40 -52.06 -81.57
C ARG D 195 100.19 -51.32 -80.99
N THR D 196 100.35 -50.78 -79.79
CA THR D 196 99.26 -50.05 -79.16
C THR D 196 99.75 -48.68 -78.72
N TRP D 197 98.84 -47.80 -78.29
CA TRP D 197 99.29 -46.45 -77.97
C TRP D 197 98.81 -45.70 -76.74
N THR D 198 97.89 -46.25 -75.96
CA THR D 198 97.43 -45.49 -74.79
C THR D 198 98.53 -45.16 -73.79
N LEU D 199 98.65 -43.90 -73.41
CA LEU D 199 99.64 -43.51 -72.40
C LEU D 199 99.01 -43.82 -71.04
N CYS D 200 99.34 -44.99 -70.49
CA CYS D 200 98.80 -45.41 -69.20
C CYS D 200 99.79 -46.22 -68.38
N GLY D 201 99.51 -46.34 -67.09
CA GLY D 201 100.36 -47.06 -66.17
C GLY D 201 100.55 -46.22 -64.92
N THR D 202 101.70 -46.33 -64.28
CA THR D 202 102.01 -45.54 -63.09
C THR D 202 103.29 -44.78 -63.43
N PRO D 203 103.33 -43.47 -63.15
CA PRO D 203 104.49 -42.61 -63.43
C PRO D 203 105.84 -43.27 -63.27
N GLU D 204 106.12 -43.71 -62.06
CA GLU D 204 107.37 -44.38 -61.70
C GLU D 204 107.73 -45.57 -62.60
N TYR D 205 106.71 -46.26 -63.08
CA TYR D 205 106.88 -47.46 -63.91
C TYR D 205 106.70 -47.35 -65.42
N LEU D 206 106.51 -46.15 -65.95
CA LEU D 206 106.31 -45.97 -67.39
C LEU D 206 107.57 -46.14 -68.22
N ALA D 207 107.41 -46.77 -69.38
CA ALA D 207 108.52 -47.01 -70.29
C ALA D 207 108.78 -45.78 -71.17
N PRO D 208 110.03 -45.58 -71.61
CA PRO D 208 110.31 -44.43 -72.46
C PRO D 208 109.36 -44.36 -73.66
N GLU D 209 109.17 -45.48 -74.33
CA GLU D 209 108.30 -45.51 -75.51
C GLU D 209 106.87 -45.08 -75.21
N ILE D 210 106.39 -45.33 -73.99
CA ILE D 210 105.03 -44.91 -73.63
C ILE D 210 104.98 -43.39 -73.47
N ILE D 211 105.92 -42.87 -72.69
CA ILE D 211 106.02 -41.44 -72.43
C ILE D 211 106.10 -40.63 -73.72
N LEU D 212 106.83 -41.17 -74.71
CA LEU D 212 107.06 -40.50 -75.99
C LEU D 212 106.12 -40.89 -77.14
N SER D 213 105.15 -41.76 -76.88
CA SER D 213 104.19 -42.15 -77.91
C SER D 213 104.79 -42.72 -79.18
N LYS D 214 105.74 -43.63 -79.06
CA LYS D 214 106.36 -44.22 -80.24
C LYS D 214 105.60 -45.48 -80.68
N GLY D 215 104.70 -45.94 -79.82
CA GLY D 215 103.99 -47.16 -80.12
C GLY D 215 104.70 -48.25 -79.33
N TYR D 216 103.97 -49.26 -78.87
CA TYR D 216 104.62 -50.30 -78.09
C TYR D 216 103.78 -51.57 -77.91
N ASN D 217 104.39 -52.56 -77.28
CA ASN D 217 103.72 -53.82 -77.02
C ASN D 217 104.31 -54.54 -75.78
N LYS D 218 104.80 -55.76 -75.95
CA LYS D 218 105.32 -56.52 -74.82
C LYS D 218 106.52 -55.93 -74.08
N ALA D 219 107.37 -55.18 -74.75
CA ALA D 219 108.56 -54.63 -74.12
C ALA D 219 108.35 -53.76 -72.87
N VAL D 220 107.21 -53.10 -72.75
CA VAL D 220 106.99 -52.25 -71.59
C VAL D 220 106.84 -53.05 -70.31
N ASP D 221 106.27 -54.25 -70.40
CA ASP D 221 106.11 -55.06 -69.19
C ASP D 221 107.47 -55.45 -68.63
N TRP D 222 108.43 -55.74 -69.50
CA TRP D 222 109.76 -56.13 -69.05
C TRP D 222 110.50 -54.95 -68.43
N TRP D 223 110.28 -53.76 -68.99
CA TRP D 223 110.90 -52.57 -68.45
C TRP D 223 110.35 -52.39 -67.01
N ALA D 224 109.03 -52.47 -66.88
CA ALA D 224 108.37 -52.35 -65.59
C ALA D 224 108.94 -53.35 -64.57
N LEU D 225 109.22 -54.56 -65.02
CA LEU D 225 109.79 -55.60 -64.18
C LEU D 225 111.13 -55.10 -63.63
N GLY D 226 111.92 -54.47 -64.50
CA GLY D 226 113.20 -53.94 -64.09
C GLY D 226 113.01 -52.92 -62.99
N VAL D 227 111.97 -52.11 -63.14
CA VAL D 227 111.68 -51.09 -62.13
C VAL D 227 111.24 -51.80 -60.84
N LEU D 228 110.35 -52.76 -60.99
CA LEU D 228 109.83 -53.53 -59.88
C LEU D 228 110.92 -54.25 -59.12
N ILE D 229 111.87 -54.85 -59.83
CA ILE D 229 112.93 -55.59 -59.14
C ILE D 229 113.84 -54.62 -58.41
N TYR D 230 114.15 -53.50 -59.05
CA TYR D 230 115.01 -52.50 -58.45
C TYR D 230 114.41 -51.99 -57.11
N GLU D 231 113.15 -51.58 -57.15
CA GLU D 231 112.49 -51.07 -55.96
C GLU D 231 112.43 -52.08 -54.83
N MET D 232 112.25 -53.35 -55.15
CA MET D 232 112.20 -54.37 -54.11
C MET D 232 113.54 -54.50 -53.41
N ALA D 233 114.63 -54.45 -54.17
CA ALA D 233 115.96 -54.61 -53.60
C ALA D 233 116.58 -53.32 -53.08
N ALA D 234 115.94 -52.19 -53.34
CA ALA D 234 116.47 -50.91 -52.91
C ALA D 234 115.54 -50.22 -51.94
N GLY D 235 114.24 -50.41 -52.14
CA GLY D 235 113.26 -49.80 -51.27
C GLY D 235 112.60 -48.64 -51.99
N TYR D 236 113.24 -48.17 -53.04
CA TYR D 236 112.72 -47.06 -53.83
C TYR D 236 112.97 -47.29 -55.32
N PRO D 237 112.11 -46.74 -56.18
CA PRO D 237 112.22 -46.88 -57.64
C PRO D 237 113.43 -46.14 -58.23
N PRO D 238 114.03 -46.70 -59.30
CA PRO D 238 115.21 -46.17 -60.00
C PRO D 238 115.13 -44.75 -60.59
N PHE D 239 113.93 -44.29 -60.93
CA PHE D 239 113.79 -42.95 -61.48
C PHE D 239 112.90 -42.06 -60.60
N PHE D 240 113.08 -42.15 -59.29
CA PHE D 240 112.28 -41.36 -58.38
C PHE D 240 112.61 -39.87 -58.42
N ALA D 241 111.60 -39.05 -58.11
CA ALA D 241 111.72 -37.61 -58.07
C ALA D 241 110.44 -37.05 -57.49
N ASP D 242 110.50 -35.82 -56.98
CA ASP D 242 109.33 -35.18 -56.41
C ASP D 242 108.35 -34.71 -57.50
N GLN D 243 108.89 -34.30 -58.65
CA GLN D 243 108.02 -33.83 -59.74
C GLN D 243 107.93 -34.84 -60.89
N PRO D 244 106.69 -35.18 -61.30
CA PRO D 244 106.43 -36.12 -62.39
C PRO D 244 107.29 -35.86 -63.63
N ILE D 245 107.44 -34.58 -63.97
CA ILE D 245 108.24 -34.18 -65.13
C ILE D 245 109.66 -34.71 -65.03
N GLN D 246 110.28 -34.51 -63.87
CA GLN D 246 111.66 -34.99 -63.66
C GLN D 246 111.74 -36.51 -63.76
N ILE D 247 110.73 -37.20 -63.23
CA ILE D 247 110.71 -38.64 -63.29
C ILE D 247 110.84 -39.07 -64.74
N TYR D 248 110.02 -38.48 -65.60
CA TYR D 248 110.04 -38.84 -67.02
C TYR D 248 111.35 -38.48 -67.72
N GLU D 249 111.92 -37.34 -67.38
CA GLU D 249 113.15 -36.96 -68.03
C GLU D 249 114.26 -37.94 -67.64
N LYS D 250 114.19 -38.45 -66.41
CA LYS D 250 115.19 -39.42 -65.96
C LYS D 250 114.93 -40.72 -66.70
N ILE D 251 113.66 -41.11 -66.76
CA ILE D 251 113.28 -42.33 -67.46
C ILE D 251 113.80 -42.28 -68.89
N VAL D 252 113.58 -41.17 -69.58
CA VAL D 252 114.04 -41.03 -70.96
C VAL D 252 115.56 -41.07 -71.13
N SER D 253 116.30 -40.58 -70.13
CA SER D 253 117.75 -40.57 -70.22
C SER D 253 118.33 -41.95 -69.95
N GLY D 254 117.52 -42.80 -69.32
CA GLY D 254 117.95 -44.16 -69.01
C GLY D 254 119.06 -44.31 -67.97
N LYS D 255 119.65 -43.20 -67.55
CA LYS D 255 120.75 -43.24 -66.58
C LYS D 255 120.25 -43.71 -65.20
N VAL D 256 120.89 -44.74 -64.68
CA VAL D 256 120.52 -45.31 -63.39
C VAL D 256 121.71 -45.43 -62.45
N ARG D 257 121.48 -45.13 -61.18
CA ARG D 257 122.50 -45.23 -60.15
C ARG D 257 122.05 -46.33 -59.16
N PHE D 258 122.88 -47.35 -58.99
CA PHE D 258 122.58 -48.48 -58.10
C PHE D 258 123.15 -48.36 -56.70
N PRO D 259 122.38 -48.80 -55.70
CA PRO D 259 122.88 -48.73 -54.33
C PRO D 259 124.19 -49.53 -54.22
N SER D 260 124.97 -49.21 -53.19
CA SER D 260 126.24 -49.87 -52.95
C SER D 260 126.09 -51.38 -52.75
N HIS D 261 125.06 -51.75 -51.98
CA HIS D 261 124.80 -53.15 -51.65
C HIS D 261 124.30 -54.07 -52.75
N PHE D 262 123.91 -53.50 -53.90
CA PHE D 262 123.44 -54.32 -55.04
C PHE D 262 124.58 -55.21 -55.55
N SER D 263 124.29 -56.49 -55.74
CA SER D 263 125.31 -57.43 -56.23
C SER D 263 125.57 -57.20 -57.72
N SER D 264 126.66 -57.77 -58.23
CA SER D 264 126.99 -57.62 -59.65
C SER D 264 125.94 -58.21 -60.57
N ASP D 265 125.58 -59.46 -60.32
CA ASP D 265 124.59 -60.11 -61.15
C ASP D 265 123.30 -59.32 -61.23
N LEU D 266 122.94 -58.66 -60.12
CA LEU D 266 121.72 -57.89 -60.10
C LEU D 266 121.85 -56.66 -60.97
N LYS D 267 122.93 -55.92 -60.78
CA LYS D 267 123.17 -54.72 -61.56
C LYS D 267 123.13 -55.05 -63.03
N ASP D 268 123.82 -56.12 -63.41
CA ASP D 268 123.83 -56.49 -64.82
C ASP D 268 122.41 -56.77 -65.33
N LEU D 269 121.66 -57.60 -64.61
CA LEU D 269 120.30 -57.93 -65.01
C LEU D 269 119.48 -56.65 -65.18
N LEU D 270 119.58 -55.77 -64.20
CA LEU D 270 118.85 -54.52 -64.24
C LEU D 270 119.28 -53.58 -65.36
N ARG D 271 120.55 -53.59 -65.74
CA ARG D 271 120.99 -52.71 -66.82
C ARG D 271 120.35 -53.17 -68.13
N ASN D 272 120.06 -54.47 -68.20
CA ASN D 272 119.46 -55.08 -69.36
C ASN D 272 117.94 -54.98 -69.40
N LEU D 273 117.32 -54.78 -68.23
CA LEU D 273 115.87 -54.65 -68.19
C LEU D 273 115.52 -53.20 -68.37
N LEU D 274 116.32 -52.32 -67.78
CA LEU D 274 116.09 -50.90 -67.89
C LEU D 274 116.89 -50.32 -69.05
N GLN D 275 116.69 -50.91 -70.21
CA GLN D 275 117.36 -50.49 -71.45
C GLN D 275 116.43 -49.56 -72.24
N VAL D 276 116.82 -48.31 -72.46
CA VAL D 276 115.98 -47.41 -73.25
C VAL D 276 116.02 -47.90 -74.70
N ASP D 277 117.13 -48.55 -75.06
CA ASP D 277 117.38 -49.09 -76.38
C ASP D 277 116.71 -50.46 -76.55
N LEU D 278 115.63 -50.49 -77.33
CA LEU D 278 114.89 -51.71 -77.57
C LEU D 278 115.69 -52.83 -78.21
N THR D 279 116.80 -52.48 -78.85
CA THR D 279 117.62 -53.50 -79.50
C THR D 279 118.46 -54.23 -78.46
N LYS D 280 118.49 -53.70 -77.24
CA LYS D 280 119.27 -54.30 -76.15
C LYS D 280 118.47 -54.72 -74.92
N ARG D 281 117.16 -54.51 -74.93
CA ARG D 281 116.36 -54.85 -73.76
C ARG D 281 115.98 -56.33 -73.61
N PHE D 282 116.27 -56.90 -72.44
CA PHE D 282 115.95 -58.28 -72.16
C PHE D 282 114.45 -58.55 -72.25
N GLY D 283 114.11 -59.64 -72.94
CA GLY D 283 112.73 -60.00 -73.14
C GLY D 283 112.33 -59.64 -74.54
N ASN D 284 112.93 -58.58 -75.08
CA ASN D 284 112.61 -58.11 -76.42
C ASN D 284 113.54 -58.65 -77.49
N LEU D 285 114.61 -59.30 -77.07
CA LEU D 285 115.59 -59.83 -78.01
C LEU D 285 115.23 -61.21 -78.55
N LYS D 286 116.10 -61.72 -79.41
CA LYS D 286 115.97 -63.01 -80.06
C LYS D 286 115.42 -64.13 -79.17
N ASN D 287 115.99 -64.31 -77.98
CA ASN D 287 115.52 -65.37 -77.08
C ASN D 287 114.34 -65.05 -76.18
N GLY D 288 113.87 -63.80 -76.24
CA GLY D 288 112.75 -63.43 -75.41
C GLY D 288 113.00 -63.55 -73.92
N VAL D 289 112.05 -64.21 -73.25
CA VAL D 289 112.10 -64.38 -71.80
C VAL D 289 113.22 -65.27 -71.24
N ASN D 290 113.91 -66.00 -72.12
CA ASN D 290 114.99 -66.85 -71.64
C ASN D 290 116.23 -66.05 -71.33
N ASP D 291 116.38 -64.91 -71.97
CA ASP D 291 117.53 -64.06 -71.69
C ASP D 291 117.44 -63.70 -70.21
N ILE D 292 116.22 -63.63 -69.71
CA ILE D 292 115.96 -63.31 -68.31
C ILE D 292 116.07 -64.57 -67.45
N LYS D 293 115.38 -65.63 -67.84
CA LYS D 293 115.42 -66.87 -67.08
C LYS D 293 116.81 -67.49 -66.92
N ASN D 294 117.68 -67.22 -67.88
CA ASN D 294 119.02 -67.79 -67.85
C ASN D 294 120.05 -66.82 -67.35
N HIS D 295 119.61 -65.70 -66.81
CA HIS D 295 120.57 -64.73 -66.31
C HIS D 295 121.19 -65.22 -64.99
N LYS D 296 122.47 -64.93 -64.81
CA LYS D 296 123.20 -65.32 -63.60
C LYS D 296 122.47 -64.97 -62.31
N TRP D 297 121.65 -63.94 -62.31
CA TRP D 297 120.97 -63.57 -61.08
C TRP D 297 119.90 -64.60 -60.74
N PHE D 298 119.35 -65.26 -61.75
CA PHE D 298 118.31 -66.26 -61.55
C PHE D 298 118.81 -67.69 -61.54
N ALA D 299 120.12 -67.88 -61.51
CA ALA D 299 120.73 -69.21 -61.52
C ALA D 299 120.24 -70.16 -60.43
N THR D 300 120.01 -69.65 -59.22
CA THR D 300 119.56 -70.51 -58.15
C THR D 300 118.04 -70.61 -58.13
N THR D 301 117.41 -70.31 -59.26
CA THR D 301 115.96 -70.36 -59.32
C THR D 301 115.45 -71.64 -59.98
N ASP D 302 114.50 -72.29 -59.32
CA ASP D 302 113.92 -73.51 -59.88
C ASP D 302 112.54 -73.11 -60.39
N TRP D 303 112.51 -72.71 -61.67
CA TRP D 303 111.31 -72.25 -62.36
C TRP D 303 110.10 -73.15 -62.25
N ILE D 304 110.29 -74.46 -62.32
CA ILE D 304 109.16 -75.37 -62.21
C ILE D 304 108.63 -75.34 -60.79
N ALA D 305 109.56 -75.35 -59.84
CA ALA D 305 109.24 -75.32 -58.42
C ALA D 305 108.41 -74.08 -58.08
N ILE D 306 108.83 -72.92 -58.59
CA ILE D 306 108.11 -71.68 -58.33
C ILE D 306 106.73 -71.76 -58.93
N TYR D 307 106.63 -72.37 -60.11
CA TYR D 307 105.36 -72.52 -60.81
C TYR D 307 104.38 -73.38 -60.02
N GLN D 308 104.88 -74.48 -59.46
CA GLN D 308 104.03 -75.38 -58.69
C GLN D 308 103.89 -74.92 -57.26
N ARG D 309 104.44 -73.75 -56.98
CA ARG D 309 104.36 -73.15 -55.65
C ARG D 309 104.89 -74.09 -54.58
N LYS D 310 105.93 -74.84 -54.91
CA LYS D 310 106.53 -75.78 -53.97
C LYS D 310 107.65 -75.15 -53.15
N VAL D 311 108.17 -74.01 -53.61
CA VAL D 311 109.25 -73.34 -52.89
C VAL D 311 108.67 -72.69 -51.63
N GLU D 312 109.48 -72.57 -50.59
CA GLU D 312 109.01 -71.95 -49.35
C GLU D 312 109.18 -70.44 -49.41
N ALA D 313 108.06 -69.73 -49.43
CA ALA D 313 108.06 -68.28 -49.46
C ALA D 313 108.77 -67.78 -48.23
N PRO D 314 109.37 -66.59 -48.31
CA PRO D 314 110.09 -66.00 -47.17
C PRO D 314 109.22 -65.21 -46.21
N PHE D 315 107.93 -65.07 -46.54
CA PHE D 315 107.05 -64.30 -45.67
C PHE D 315 105.58 -64.68 -45.77
N ILE D 316 105.01 -65.15 -44.66
CA ILE D 316 103.61 -65.52 -44.64
C ILE D 316 102.89 -64.33 -44.04
N PRO D 317 101.98 -63.70 -44.80
CA PRO D 317 101.24 -62.54 -44.33
C PRO D 317 100.25 -62.81 -43.22
N LYS D 318 99.78 -61.72 -42.63
CA LYS D 318 98.80 -61.76 -41.56
C LYS D 318 97.45 -62.25 -42.09
N PHE D 319 96.73 -63.01 -41.27
CA PHE D 319 95.43 -63.52 -41.64
C PHE D 319 94.66 -64.15 -40.48
N GLU D 333 79.05 -50.31 -44.17
CA GLU D 333 78.32 -51.32 -44.93
C GLU D 333 76.90 -50.85 -45.22
N GLU D 334 76.22 -51.57 -46.10
CA GLU D 334 74.84 -51.23 -46.47
C GLU D 334 74.16 -52.43 -47.13
N GLU D 335 73.06 -52.18 -47.83
CA GLU D 335 72.30 -53.23 -48.52
C GLU D 335 71.63 -52.70 -49.79
N ILE D 336 72.35 -52.74 -50.90
CA ILE D 336 71.83 -52.26 -52.19
C ILE D 336 70.84 -53.23 -52.81
N ARG D 337 70.13 -52.77 -53.84
CA ARG D 337 69.14 -53.59 -54.53
C ARG D 337 69.03 -53.21 -56.01
N VAL D 338 68.46 -54.12 -56.80
CA VAL D 338 68.29 -53.91 -58.23
C VAL D 338 67.34 -52.75 -58.55
N SER D 339 66.83 -52.76 -59.78
CA SER D 339 65.89 -51.75 -60.26
C SER D 339 64.63 -52.46 -60.73
N ILE D 340 64.60 -53.78 -60.52
CA ILE D 340 63.47 -54.61 -60.92
C ILE D 340 63.28 -54.48 -62.42
N ASN D 341 64.24 -53.83 -63.07
CA ASN D 341 64.21 -53.61 -64.51
C ASN D 341 65.64 -53.42 -65.04
N GLU D 342 65.93 -54.08 -66.16
CA GLU D 342 67.26 -53.99 -66.78
C GLU D 342 67.41 -52.72 -67.59
N LYS D 343 68.42 -51.93 -67.26
CA LYS D 343 68.68 -50.68 -67.95
C LYS D 343 69.70 -50.75 -69.08
N CYS D 344 70.91 -50.24 -68.83
CA CYS D 344 72.00 -50.20 -69.80
C CYS D 344 72.33 -51.55 -70.46
N GLY D 345 71.39 -52.49 -70.42
CA GLY D 345 71.60 -53.79 -71.03
C GLY D 345 71.49 -53.73 -72.54
N LYS D 346 71.26 -52.54 -73.06
CA LYS D 346 71.12 -52.32 -74.49
C LYS D 346 72.49 -51.98 -75.10
N GLU D 347 73.54 -52.46 -74.45
CA GLU D 347 74.91 -52.20 -74.90
C GLU D 347 75.90 -53.11 -74.18
N PHE D 348 75.66 -53.37 -72.91
CA PHE D 348 76.53 -54.24 -72.13
C PHE D 348 76.12 -55.69 -72.37
N THR D 349 75.53 -55.93 -73.54
CA THR D 349 75.10 -57.26 -73.93
C THR D 349 76.24 -58.23 -73.66
N GLU D 350 77.34 -58.04 -74.40
CA GLU D 350 78.52 -58.86 -74.27
C GLU D 350 79.09 -58.73 -72.87
N PHE D 351 78.81 -59.73 -72.04
CA PHE D 351 79.30 -59.74 -70.67
C PHE D 351 78.91 -61.05 -70.01
N GLU E 14 -127.53 31.09 83.41
CA GLU E 14 -127.09 30.41 82.15
C GLU E 14 -125.75 29.70 82.39
N SER E 15 -125.31 28.93 81.41
CA SER E 15 -124.04 28.23 81.54
C SER E 15 -122.90 29.22 81.62
N VAL E 16 -123.11 30.41 81.07
CA VAL E 16 -122.08 31.45 81.10
C VAL E 16 -121.62 31.64 82.54
N LYS E 17 -122.57 31.77 83.44
CA LYS E 17 -122.25 31.94 84.85
C LYS E 17 -121.56 30.68 85.34
N GLU E 18 -122.10 29.52 84.98
CA GLU E 18 -121.52 28.23 85.38
C GLU E 18 -120.05 28.20 85.01
N PHE E 19 -119.79 28.35 83.72
CA PHE E 19 -118.44 28.34 83.19
C PHE E 19 -117.51 29.27 83.95
N LEU E 20 -117.89 30.54 84.04
CA LEU E 20 -117.05 31.52 84.74
C LEU E 20 -116.82 31.17 86.21
N ALA E 21 -117.86 30.69 86.88
CA ALA E 21 -117.74 30.31 88.27
C ALA E 21 -116.70 29.21 88.38
N LYS E 22 -116.92 28.14 87.63
CA LYS E 22 -115.99 27.02 87.63
C LYS E 22 -114.64 27.54 87.19
N ALA E 23 -114.65 28.55 86.33
CA ALA E 23 -113.41 29.12 85.83
C ALA E 23 -112.64 29.84 86.93
N LYS E 24 -113.32 30.72 87.68
CA LYS E 24 -112.66 31.45 88.75
C LYS E 24 -112.09 30.49 89.76
N GLU E 25 -112.85 29.44 90.06
CA GLU E 25 -112.43 28.43 91.02
C GLU E 25 -111.10 27.86 90.54
N ASP E 26 -111.11 27.27 89.34
CA ASP E 26 -109.92 26.68 88.75
C ASP E 26 -108.74 27.65 88.74
N PHE E 27 -109.03 28.92 88.51
CA PHE E 27 -107.97 29.93 88.45
C PHE E 27 -107.41 30.34 89.81
N LEU E 28 -108.28 30.65 90.76
CA LEU E 28 -107.84 31.06 92.09
C LEU E 28 -106.99 29.97 92.73
N LYS E 29 -107.33 28.72 92.44
CA LYS E 29 -106.61 27.58 92.97
C LYS E 29 -105.16 27.58 92.45
N LYS E 30 -105.01 27.72 91.14
CA LYS E 30 -103.68 27.73 90.53
C LYS E 30 -102.95 29.05 90.75
N TRP E 31 -103.71 30.09 91.00
CA TRP E 31 -103.12 31.41 91.21
C TRP E 31 -102.49 31.49 92.60
N GLU E 32 -103.18 30.93 93.60
CA GLU E 32 -102.69 30.95 94.98
C GLU E 32 -101.77 29.78 95.32
N THR E 33 -101.33 29.07 94.28
CA THR E 33 -100.44 27.92 94.45
C THR E 33 -99.84 27.60 93.08
N PRO E 34 -99.07 28.54 92.51
CA PRO E 34 -98.45 28.34 91.21
C PRO E 34 -97.77 26.99 91.05
N SER E 35 -97.96 26.37 89.90
CA SER E 35 -97.34 25.08 89.61
C SER E 35 -95.89 25.37 89.19
N GLN E 36 -94.98 25.21 90.14
CA GLN E 36 -93.57 25.49 89.89
C GLN E 36 -92.87 24.29 89.29
N ASN E 37 -91.68 24.55 88.72
CA ASN E 37 -90.83 23.53 88.11
C ASN E 37 -91.58 22.20 87.95
N THR E 38 -92.31 22.05 86.85
CA THR E 38 -93.08 20.86 86.58
C THR E 38 -92.30 19.72 85.92
N ALA E 39 -92.02 19.86 84.63
CA ALA E 39 -91.29 18.83 83.90
C ALA E 39 -89.76 18.95 83.94
N GLN E 40 -89.09 17.89 83.50
CA GLN E 40 -87.62 17.82 83.46
C GLN E 40 -87.10 18.06 82.05
N LEU E 41 -86.02 18.82 81.95
CA LEU E 41 -85.41 19.15 80.66
C LEU E 41 -84.94 17.95 79.84
N ASP E 42 -84.70 16.83 80.50
CA ASP E 42 -84.24 15.62 79.81
C ASP E 42 -85.38 14.82 79.18
N GLN E 43 -86.60 15.34 79.28
CA GLN E 43 -87.75 14.67 78.69
C GLN E 43 -88.01 15.27 77.31
N PHE E 44 -87.38 16.43 77.07
CA PHE E 44 -87.52 17.15 75.81
C PHE E 44 -86.16 17.26 75.12
N ASP E 45 -86.15 17.03 73.81
CA ASP E 45 -84.91 17.08 73.02
C ASP E 45 -84.58 18.49 72.53
N ARG E 46 -84.68 18.68 71.22
CA ARG E 46 -84.39 19.97 70.59
C ARG E 46 -84.42 19.79 69.08
N ILE E 47 -85.00 20.76 68.38
CA ILE E 47 -85.08 20.72 66.93
C ILE E 47 -84.51 22.02 66.37
N LYS E 48 -85.34 22.78 65.66
CA LYS E 48 -84.91 24.06 65.08
C LYS E 48 -84.62 25.06 66.21
N THR E 49 -84.41 26.32 65.84
CA THR E 49 -84.13 27.35 66.84
C THR E 49 -84.64 28.73 66.40
N LEU E 50 -85.95 28.84 66.20
CA LEU E 50 -86.56 30.10 65.78
C LEU E 50 -87.01 30.90 67.00
N GLY E 51 -86.12 31.76 67.49
CA GLY E 51 -86.45 32.57 68.67
C GLY E 51 -85.45 33.68 68.91
N THR E 52 -85.08 34.38 67.83
CA THR E 52 -84.14 35.49 67.94
C THR E 52 -84.91 36.82 67.95
N GLY E 53 -84.81 37.58 66.86
CA GLY E 53 -85.51 38.85 66.76
C GLY E 53 -84.73 40.02 67.34
N SER E 54 -84.94 40.27 68.63
CA SER E 54 -84.26 41.36 69.33
C SER E 54 -84.32 41.16 70.84
N PHE E 55 -84.73 39.96 71.27
CA PHE E 55 -84.84 39.62 72.69
C PHE E 55 -85.24 38.15 72.90
N GLY E 56 -84.82 37.57 74.02
CA GLY E 56 -85.15 36.19 74.34
C GLY E 56 -84.62 35.15 73.37
N ARG E 57 -84.57 33.89 73.83
CA ARG E 57 -84.08 32.78 73.01
C ARG E 57 -85.11 31.63 72.94
N VAL E 58 -86.00 31.69 71.94
CA VAL E 58 -87.04 30.66 71.77
C VAL E 58 -86.64 29.61 70.73
N MET E 59 -86.59 28.35 71.16
CA MET E 59 -86.22 27.25 70.27
C MET E 59 -87.24 26.13 70.29
N LEU E 60 -87.52 25.54 69.12
CA LEU E 60 -88.47 24.45 69.02
C LEU E 60 -87.92 23.23 69.77
N VAL E 61 -88.80 22.30 70.11
CA VAL E 61 -88.38 21.10 70.83
C VAL E 61 -89.46 20.02 70.75
N LYS E 62 -89.04 18.77 70.89
CA LYS E 62 -89.95 17.63 70.84
C LYS E 62 -89.95 16.87 72.16
N HIS E 63 -91.02 16.14 72.42
CA HIS E 63 -91.16 15.37 73.66
C HIS E 63 -90.74 13.92 73.53
N LYS E 64 -90.47 13.27 74.66
CA LYS E 64 -90.05 11.87 74.69
C LYS E 64 -91.22 10.90 74.49
N GLU E 65 -91.75 10.38 75.60
CA GLU E 65 -92.86 9.42 75.58
C GLU E 65 -93.99 9.81 74.62
N SER E 66 -94.58 10.97 74.83
CA SER E 66 -95.67 11.45 73.99
C SER E 66 -95.13 11.91 72.63
N GLY E 67 -93.93 12.48 72.64
CA GLY E 67 -93.31 12.94 71.40
C GLY E 67 -94.08 14.08 70.75
N ASN E 68 -94.36 15.12 71.52
CA ASN E 68 -95.09 16.27 71.01
C ASN E 68 -94.17 17.45 70.74
N HIS E 69 -94.70 18.44 70.03
CA HIS E 69 -93.93 19.64 69.71
C HIS E 69 -94.35 20.80 70.59
N TYR E 70 -93.36 21.51 71.13
CA TYR E 70 -93.60 22.64 72.00
C TYR E 70 -92.62 23.76 71.71
N ALA E 71 -92.94 24.95 72.19
CA ALA E 71 -92.10 26.12 71.99
C ALA E 71 -91.52 26.53 73.34
N MET E 72 -90.23 26.27 73.53
CA MET E 72 -89.55 26.58 74.79
C MET E 72 -88.80 27.90 74.78
N LYS E 73 -89.20 28.80 75.66
CA LYS E 73 -88.56 30.11 75.78
C LYS E 73 -87.38 29.97 76.74
N ILE E 74 -86.19 30.36 76.28
CA ILE E 74 -85.00 30.29 77.10
C ILE E 74 -84.74 31.62 77.78
N LEU E 75 -84.89 31.65 79.10
CA LEU E 75 -84.68 32.85 79.89
C LEU E 75 -83.57 32.61 80.92
N ASP E 76 -82.35 33.01 80.57
CA ASP E 76 -81.21 32.85 81.46
C ASP E 76 -81.48 33.57 82.78
N LYS E 77 -81.53 32.82 83.88
CA LYS E 77 -81.80 33.38 85.21
C LYS E 77 -81.02 34.66 85.45
N GLN E 78 -79.79 34.70 84.92
CA GLN E 78 -78.92 35.85 85.06
C GLN E 78 -79.24 36.97 84.07
N LYS E 79 -79.60 36.56 82.84
CA LYS E 79 -79.93 37.52 81.79
C LYS E 79 -80.87 38.60 82.37
N VAL E 80 -81.74 38.17 83.28
CA VAL E 80 -82.70 39.06 83.91
C VAL E 80 -81.96 40.14 84.70
N VAL E 81 -82.67 40.74 85.65
CA VAL E 81 -82.12 41.80 86.48
C VAL E 81 -81.91 43.14 85.71
N LYS E 82 -81.68 43.10 84.40
CA LYS E 82 -81.35 44.29 83.62
C LYS E 82 -82.68 44.70 83.07
N LEU E 83 -82.43 44.94 81.79
CA LEU E 83 -83.50 45.06 80.79
C LEU E 83 -84.42 46.12 81.38
N LYS E 84 -85.73 45.90 81.24
CA LYS E 84 -86.74 46.82 81.77
C LYS E 84 -87.41 46.49 83.07
N GLN E 85 -87.49 45.18 83.31
CA GLN E 85 -88.14 44.64 84.50
C GLN E 85 -87.93 43.13 84.61
N ILE E 86 -88.10 42.60 85.82
CA ILE E 86 -87.94 41.18 86.08
C ILE E 86 -89.18 40.62 86.77
N GLU E 87 -90.17 41.48 86.95
CA GLU E 87 -91.42 41.07 87.58
C GLU E 87 -92.48 40.88 86.51
N HIS E 88 -92.46 41.76 85.51
CA HIS E 88 -93.40 41.68 84.40
C HIS E 88 -93.28 40.32 83.75
N THR E 89 -92.40 39.50 84.31
CA THR E 89 -92.16 38.15 83.83
C THR E 89 -92.51 37.15 84.92
N LEU E 90 -91.91 37.31 86.10
CA LEU E 90 -92.18 36.42 87.21
C LEU E 90 -93.69 36.40 87.44
N ASN E 91 -94.33 37.49 87.03
CA ASN E 91 -95.78 37.66 87.13
C ASN E 91 -96.42 37.02 85.90
N GLU E 92 -95.82 37.28 84.73
CA GLU E 92 -96.32 36.72 83.48
C GLU E 92 -96.44 35.21 83.59
N LYS E 93 -95.43 34.59 84.22
CA LYS E 93 -95.42 33.14 84.37
C LYS E 93 -96.57 32.67 85.27
N ARG E 94 -96.79 33.38 86.36
CA ARG E 94 -97.84 33.01 87.30
C ARG E 94 -99.22 33.05 86.68
N ILE E 95 -99.40 33.90 85.67
CA ILE E 95 -100.68 34.02 85.01
C ILE E 95 -100.88 32.92 83.97
N LEU E 96 -99.92 32.80 83.06
CA LEU E 96 -100.02 31.78 82.03
C LEU E 96 -100.37 30.42 82.64
N GLN E 97 -99.74 30.13 83.79
CA GLN E 97 -99.94 28.86 84.49
C GLN E 97 -101.31 28.71 85.14
N ALA E 98 -101.88 29.82 85.59
CA ALA E 98 -103.18 29.79 86.25
C ALA E 98 -104.37 29.88 85.32
N VAL E 99 -104.15 30.29 84.07
CA VAL E 99 -105.26 30.43 83.12
C VAL E 99 -105.50 29.29 82.12
N ASN E 100 -106.76 29.15 81.69
CA ASN E 100 -107.16 28.10 80.75
C ASN E 100 -108.30 28.51 79.82
N PHE E 101 -107.99 28.83 78.57
CA PHE E 101 -109.01 29.21 77.58
C PHE E 101 -108.61 28.72 76.19
N PRO E 102 -109.59 28.34 75.36
CA PRO E 102 -109.33 27.85 74.00
C PRO E 102 -108.59 28.77 73.03
N PHE E 103 -108.72 30.08 73.23
CA PHE E 103 -108.07 31.02 72.33
C PHE E 103 -106.90 31.70 72.99
N LEU E 104 -106.29 30.99 73.94
CA LEU E 104 -105.14 31.49 74.69
C LEU E 104 -104.01 30.47 74.57
N VAL E 105 -102.78 30.94 74.35
CA VAL E 105 -101.64 30.04 74.26
C VAL E 105 -101.49 29.35 75.61
N LYS E 106 -100.78 28.23 75.63
CA LYS E 106 -100.64 27.48 76.87
C LYS E 106 -99.24 27.27 77.43
N LEU E 107 -99.11 27.44 78.74
CA LEU E 107 -97.83 27.19 79.39
C LEU E 107 -97.95 25.70 79.69
N GLU E 108 -97.26 24.89 78.89
CA GLU E 108 -97.31 23.44 79.05
C GLU E 108 -96.46 22.94 80.20
N PHE E 109 -95.20 23.33 80.18
CA PHE E 109 -94.26 22.92 81.22
C PHE E 109 -93.35 24.08 81.61
N SER E 110 -93.07 24.15 82.90
CA SER E 110 -92.21 25.20 83.45
C SER E 110 -91.16 24.57 84.36
N PHE E 111 -89.93 25.06 84.27
CA PHE E 111 -88.86 24.54 85.10
C PHE E 111 -87.63 25.46 85.07
N LYS E 112 -86.77 25.29 86.08
CA LYS E 112 -85.56 26.09 86.22
C LYS E 112 -84.59 25.45 87.23
N ASP E 113 -83.34 25.91 87.19
CA ASP E 113 -82.26 25.45 88.08
C ASP E 113 -80.94 25.85 87.41
N ASN E 114 -80.26 26.84 87.97
CA ASN E 114 -79.00 27.33 87.41
C ASN E 114 -79.12 27.71 85.94
N SER E 115 -80.05 27.07 85.24
CA SER E 115 -80.29 27.38 83.83
C SER E 115 -81.18 28.62 84.01
N ASN E 116 -82.07 28.02 84.80
CA ASN E 116 -83.33 28.61 85.25
C ASN E 116 -84.38 29.51 84.60
N LEU E 117 -85.55 28.92 84.35
CA LEU E 117 -86.69 29.61 83.76
C LEU E 117 -86.63 29.57 82.24
N TYR E 118 -87.31 28.43 82.15
CA TYR E 118 -87.60 27.80 80.88
C TYR E 118 -89.12 27.67 80.75
N MET E 119 -89.66 28.20 79.65
CA MET E 119 -91.11 28.13 79.42
C MET E 119 -91.44 27.19 78.27
N VAL E 120 -92.20 26.13 78.56
CA VAL E 120 -92.58 25.17 77.54
C VAL E 120 -94.00 25.45 77.05
N MET E 121 -94.09 26.41 76.13
CA MET E 121 -95.35 26.84 75.53
C MET E 121 -95.87 25.87 74.47
N GLU E 122 -97.18 25.83 74.29
CA GLU E 122 -97.74 24.94 73.28
C GLU E 122 -97.29 25.50 71.94
N TYR E 123 -97.37 24.67 70.91
CA TYR E 123 -96.93 25.09 69.58
C TYR E 123 -97.97 24.79 68.51
N VAL E 124 -98.32 25.83 67.75
CA VAL E 124 -99.28 25.70 66.66
C VAL E 124 -98.56 26.14 65.40
N ALA E 125 -98.31 25.18 64.52
CA ALA E 125 -97.61 25.45 63.26
C ALA E 125 -98.57 26.18 62.32
N GLY E 126 -98.84 27.44 62.63
CA GLY E 126 -99.75 28.23 61.82
C GLY E 126 -99.16 29.54 61.35
N GLY E 127 -100.02 30.52 61.08
CA GLY E 127 -99.55 31.80 60.60
C GLY E 127 -99.86 32.97 61.48
N GLU E 128 -99.12 34.07 61.28
CA GLU E 128 -99.31 35.28 62.04
C GLU E 128 -100.49 36.09 61.52
N MET E 129 -101.21 36.73 62.44
CA MET E 129 -102.35 37.56 62.07
C MET E 129 -101.89 38.80 61.31
N PHE E 130 -100.79 39.38 61.75
CA PHE E 130 -100.23 40.57 61.13
C PHE E 130 -99.86 40.35 59.65
N SER E 131 -99.21 39.23 59.36
CA SER E 131 -98.80 38.90 57.99
C SER E 131 -100.01 38.66 57.08
N HIS E 132 -101.00 37.93 57.58
CA HIS E 132 -102.19 37.63 56.81
C HIS E 132 -102.97 38.92 56.48
N LEU E 133 -103.26 39.71 57.50
CA LEU E 133 -104.01 40.95 57.32
C LEU E 133 -103.33 41.91 56.36
N ARG E 134 -102.03 42.09 56.53
CA ARG E 134 -101.30 43.00 55.66
C ARG E 134 -101.28 42.55 54.19
N ARG E 135 -101.13 41.25 53.97
CA ARG E 135 -101.10 40.73 52.60
C ARG E 135 -102.39 41.04 51.85
N ILE E 136 -103.51 40.53 52.37
CA ILE E 136 -104.79 40.75 51.72
C ILE E 136 -105.37 42.14 51.92
N GLY E 137 -104.67 43.01 52.65
CA GLY E 137 -105.17 44.36 52.87
C GLY E 137 -106.17 44.48 54.00
N ARG E 138 -107.35 43.89 53.82
CA ARG E 138 -108.38 43.93 54.85
C ARG E 138 -109.32 42.73 54.74
N PHE E 139 -109.93 42.38 55.87
CA PHE E 139 -110.86 41.27 55.92
C PHE E 139 -112.27 41.73 55.64
N SER E 140 -113.09 40.82 55.16
CA SER E 140 -114.49 41.16 54.91
C SER E 140 -115.09 41.25 56.32
N GLU E 141 -116.18 41.98 56.46
CA GLU E 141 -116.80 42.13 57.76
C GLU E 141 -117.18 40.79 58.40
N PRO E 142 -117.68 39.82 57.61
CA PRO E 142 -118.03 38.54 58.23
C PRO E 142 -116.79 37.87 58.82
N HIS E 143 -115.71 37.90 58.07
CA HIS E 143 -114.46 37.31 58.51
C HIS E 143 -113.90 38.04 59.72
N ALA E 144 -114.05 39.36 59.72
CA ALA E 144 -113.56 40.17 60.82
C ALA E 144 -114.38 39.85 62.07
N ARG E 145 -115.69 39.71 61.89
CA ARG E 145 -116.58 39.40 62.98
C ARG E 145 -116.20 38.06 63.59
N PHE E 146 -115.73 37.14 62.75
CA PHE E 146 -115.34 35.82 63.21
C PHE E 146 -114.18 35.91 64.21
N TYR E 147 -113.14 36.65 63.86
CA TYR E 147 -112.00 36.79 64.76
C TYR E 147 -112.38 37.60 65.99
N ALA E 148 -113.16 38.67 65.78
CA ALA E 148 -113.61 39.55 66.87
C ALA E 148 -114.30 38.77 67.97
N ALA E 149 -115.26 37.93 67.58
CA ALA E 149 -115.99 37.14 68.55
C ALA E 149 -114.99 36.42 69.47
N GLN E 150 -113.97 35.80 68.89
CA GLN E 150 -113.00 35.08 69.69
C GLN E 150 -112.31 35.98 70.71
N ILE E 151 -112.07 37.24 70.35
CA ILE E 151 -111.41 38.13 71.28
C ILE E 151 -112.38 38.62 72.36
N VAL E 152 -113.64 38.80 72.00
CA VAL E 152 -114.61 39.23 72.98
C VAL E 152 -114.70 38.16 74.08
N LEU E 153 -114.86 36.91 73.66
CA LEU E 153 -114.97 35.79 74.57
C LEU E 153 -113.74 35.65 75.45
N THR E 154 -112.58 35.90 74.86
CA THR E 154 -111.34 35.79 75.60
C THR E 154 -111.22 36.86 76.67
N PHE E 155 -111.71 38.05 76.35
CA PHE E 155 -111.66 39.17 77.27
C PHE E 155 -112.66 39.01 78.40
N GLU E 156 -113.79 38.37 78.10
CA GLU E 156 -114.81 38.13 79.12
C GLU E 156 -114.23 37.15 80.14
N TYR E 157 -113.53 36.14 79.63
CA TYR E 157 -112.92 35.16 80.48
C TYR E 157 -111.90 35.83 81.39
N LEU E 158 -110.93 36.52 80.76
CA LEU E 158 -109.87 37.21 81.46
C LEU E 158 -110.35 38.22 82.49
N HIS E 159 -111.33 39.04 82.11
CA HIS E 159 -111.85 40.03 83.02
C HIS E 159 -112.61 39.38 84.17
N SER E 160 -113.11 38.17 83.91
CA SER E 160 -113.82 37.41 84.92
C SER E 160 -112.81 37.10 86.03
N LEU E 161 -111.54 36.98 85.65
CA LEU E 161 -110.47 36.69 86.60
C LEU E 161 -109.72 37.95 87.02
N ASP E 162 -110.26 39.11 86.66
CA ASP E 162 -109.67 40.41 86.99
C ASP E 162 -108.28 40.58 86.39
N LEU E 163 -108.12 40.06 85.18
CA LEU E 163 -106.87 40.13 84.44
C LEU E 163 -107.04 40.98 83.19
N ILE E 164 -106.11 41.90 82.96
CA ILE E 164 -106.19 42.70 81.76
C ILE E 164 -105.01 42.36 80.87
N TYR E 165 -105.29 42.23 79.58
CA TYR E 165 -104.30 41.86 78.59
C TYR E 165 -103.36 43.03 78.29
N ARG E 166 -103.94 44.15 77.88
CA ARG E 166 -103.19 45.37 77.60
C ARG E 166 -102.22 45.42 76.42
N ASP E 167 -102.31 44.48 75.49
CA ASP E 167 -101.39 44.57 74.37
C ASP E 167 -101.99 43.99 73.11
N LEU E 168 -103.31 44.16 72.98
CA LEU E 168 -104.03 43.65 71.83
C LEU E 168 -103.51 44.27 70.56
N LYS E 169 -103.27 43.44 69.56
CA LYS E 169 -102.81 43.92 68.26
C LYS E 169 -102.55 42.73 67.33
N PRO E 170 -102.73 42.94 66.02
CA PRO E 170 -102.50 41.88 65.02
C PRO E 170 -101.20 41.11 65.32
N GLU E 171 -100.15 41.87 65.66
CA GLU E 171 -98.86 41.30 65.98
C GLU E 171 -98.86 40.24 67.10
N ASN E 172 -99.80 40.35 68.04
CA ASN E 172 -99.87 39.39 69.15
C ASN E 172 -100.92 38.30 68.94
N LEU E 173 -101.42 38.17 67.71
CA LEU E 173 -102.42 37.15 67.43
C LEU E 173 -101.93 36.14 66.39
N LEU E 174 -102.12 34.87 66.70
CA LEU E 174 -101.73 33.79 65.82
C LEU E 174 -102.95 33.06 65.32
N ILE E 175 -102.88 32.61 64.07
CA ILE E 175 -103.94 31.85 63.45
C ILE E 175 -103.49 30.39 63.45
N ASP E 176 -104.15 29.54 64.22
CA ASP E 176 -103.74 28.14 64.27
C ASP E 176 -104.18 27.36 63.04
N GLN E 177 -103.75 26.10 62.97
CA GLN E 177 -104.05 25.25 61.85
C GLN E 177 -105.54 24.98 61.67
N GLN E 178 -106.35 25.29 62.69
CA GLN E 178 -107.80 25.12 62.60
C GLN E 178 -108.41 26.43 62.10
N GLY E 179 -107.56 27.44 61.93
CA GLY E 179 -108.02 28.73 61.46
C GLY E 179 -108.57 29.66 62.54
N TYR E 180 -108.44 29.24 63.80
CA TYR E 180 -108.92 30.02 64.93
C TYR E 180 -107.78 30.81 65.57
N ILE E 181 -108.14 31.88 66.25
CA ILE E 181 -107.15 32.72 66.89
C ILE E 181 -106.55 32.11 68.14
N GLN E 182 -105.28 32.44 68.40
CA GLN E 182 -104.59 31.96 69.58
C GLN E 182 -103.79 33.18 70.02
N VAL E 183 -104.10 33.72 71.21
CA VAL E 183 -103.43 34.92 71.72
C VAL E 183 -102.08 34.64 72.39
N THR E 184 -101.06 35.42 72.04
CA THR E 184 -99.72 35.24 72.59
C THR E 184 -99.15 36.50 73.23
N ASP E 185 -98.06 36.30 74.00
CA ASP E 185 -97.35 37.39 74.67
C ASP E 185 -98.12 38.12 75.78
N PHE E 186 -97.96 37.63 76.99
CA PHE E 186 -98.62 38.22 78.15
C PHE E 186 -97.67 39.15 78.90
N GLY E 187 -96.79 39.78 78.13
CA GLY E 187 -95.82 40.69 78.72
C GLY E 187 -96.45 41.76 79.58
N PHE E 188 -97.62 42.25 79.20
CA PHE E 188 -98.28 43.30 79.99
C PHE E 188 -99.48 42.84 80.78
N ALA E 189 -99.79 41.55 80.70
CA ALA E 189 -100.92 40.99 81.43
C ALA E 189 -100.75 41.21 82.94
N LYS E 190 -101.82 41.63 83.60
CA LYS E 190 -101.74 41.90 85.02
C LYS E 190 -103.08 41.74 85.72
N ARG E 191 -103.07 41.13 86.90
CA ARG E 191 -104.29 40.95 87.66
C ARG E 191 -104.51 42.23 88.46
N VAL E 192 -105.61 42.91 88.16
CA VAL E 192 -105.92 44.15 88.84
C VAL E 192 -107.39 44.29 89.20
N LYS E 193 -107.62 44.42 90.50
CA LYS E 193 -108.95 44.64 91.03
C LYS E 193 -108.74 46.03 91.58
N GLY E 194 -109.35 47.02 90.95
CA GLY E 194 -109.15 48.39 91.36
C GLY E 194 -108.62 49.14 90.16
N ARG E 195 -107.50 49.86 90.32
CA ARG E 195 -106.94 50.61 89.21
C ARG E 195 -105.43 50.42 89.08
N THR E 196 -104.92 50.50 87.87
CA THR E 196 -103.49 50.35 87.65
C THR E 196 -102.94 51.54 86.86
N TRP E 197 -101.63 51.65 86.74
CA TRP E 197 -101.11 52.84 86.08
C TRP E 197 -99.96 52.78 85.07
N THR E 198 -99.37 51.62 84.83
CA THR E 198 -98.25 51.61 83.87
C THR E 198 -98.65 52.05 82.46
N LEU E 199 -97.90 52.99 81.89
CA LEU E 199 -98.17 53.44 80.54
C LEU E 199 -97.50 52.41 79.61
N CYS E 200 -98.28 51.43 79.14
CA CYS E 200 -97.76 50.38 78.27
C CYS E 200 -98.77 49.92 77.22
N GLY E 201 -98.27 49.24 76.21
CA GLY E 201 -99.10 48.74 75.12
C GLY E 201 -98.43 49.09 73.81
N THR E 202 -99.22 49.33 72.76
CA THR E 202 -98.66 49.70 71.46
C THR E 202 -99.31 51.04 71.12
N PRO E 203 -98.50 52.02 70.68
CA PRO E 203 -98.95 53.36 70.32
C PRO E 203 -100.34 53.43 69.71
N GLU E 204 -100.49 52.79 68.56
CA GLU E 204 -101.73 52.73 67.81
C GLU E 204 -102.94 52.26 68.63
N TYR E 205 -102.69 51.38 69.59
CA TYR E 205 -103.74 50.79 70.41
C TYR E 205 -103.95 51.31 71.84
N LEU E 206 -103.24 52.37 72.23
CA LEU E 206 -103.37 52.92 73.58
C LEU E 206 -104.67 53.68 73.82
N ALA E 207 -105.22 53.51 75.01
CA ALA E 207 -106.46 54.18 75.40
C ALA E 207 -106.18 55.59 75.92
N PRO E 208 -107.15 56.51 75.75
CA PRO E 208 -106.92 57.87 76.24
C PRO E 208 -106.47 57.88 77.71
N GLU E 209 -107.17 57.12 78.55
CA GLU E 209 -106.83 57.09 79.97
C GLU E 209 -105.39 56.64 80.24
N ILE E 210 -104.84 55.79 79.38
CA ILE E 210 -103.46 55.34 79.57
C ILE E 210 -102.49 56.47 79.22
N ILE E 211 -102.69 57.08 78.08
CA ILE E 211 -101.88 58.18 77.59
C ILE E 211 -101.81 59.33 78.61
N LEU E 212 -102.95 59.58 79.27
CA LEU E 212 -103.10 60.68 80.23
C LEU E 212 -102.90 60.32 81.70
N SER E 213 -102.59 59.06 81.99
CA SER E 213 -102.36 58.64 83.38
C SER E 213 -103.50 58.91 84.36
N LYS E 214 -104.72 58.61 83.96
CA LYS E 214 -105.86 58.83 84.85
C LYS E 214 -106.11 57.61 85.73
N GLY E 215 -105.46 56.50 85.40
CA GLY E 215 -105.69 55.28 86.14
C GLY E 215 -106.67 54.48 85.29
N TYR E 216 -106.57 53.16 85.32
CA TYR E 216 -107.45 52.36 84.49
C TYR E 216 -107.50 50.88 84.85
N ASN E 217 -108.38 50.15 84.17
CA ASN E 217 -108.53 48.73 84.38
C ASN E 217 -109.05 48.00 83.13
N LYS E 218 -110.19 47.32 83.24
CA LYS E 218 -110.72 46.57 82.12
C LYS E 218 -111.11 47.36 80.86
N ALA E 219 -111.51 48.62 81.02
CA ALA E 219 -111.94 49.41 79.87
C ALA E 219 -110.94 49.56 78.72
N VAL E 220 -109.64 49.51 79.00
CA VAL E 220 -108.67 49.68 77.93
C VAL E 220 -108.67 48.51 76.95
N ASP E 221 -108.95 47.30 77.43
CA ASP E 221 -108.98 46.16 76.54
C ASP E 221 -110.09 46.30 75.51
N TRP E 222 -111.24 46.84 75.93
CA TRP E 222 -112.37 47.02 75.03
C TRP E 222 -112.08 48.11 74.01
N TRP E 223 -111.37 49.15 74.43
CA TRP E 223 -111.01 50.21 73.51
C TRP E 223 -110.11 49.60 72.44
N ALA E 224 -109.09 48.85 72.89
CA ALA E 224 -108.17 48.18 71.98
C ALA E 224 -108.92 47.29 70.97
N LEU E 225 -109.95 46.61 71.43
CA LEU E 225 -110.76 45.76 70.57
C LEU E 225 -111.36 46.61 69.45
N GLY E 226 -111.83 47.80 69.81
CA GLY E 226 -112.40 48.70 68.83
C GLY E 226 -111.38 49.05 67.79
N VAL E 227 -110.15 49.25 68.24
CA VAL E 227 -109.06 49.57 67.32
C VAL E 227 -108.78 48.35 66.44
N LEU E 228 -108.70 47.19 67.08
CA LEU E 228 -108.44 45.94 66.41
C LEU E 228 -109.49 45.62 65.37
N ILE E 229 -110.77 45.85 65.69
CA ILE E 229 -111.82 45.54 64.73
C ILE E 229 -111.76 46.49 63.56
N TYR E 230 -111.52 47.76 63.85
CA TYR E 230 -111.45 48.77 62.81
C TYR E 230 -110.33 48.42 61.80
N GLU E 231 -109.12 48.16 62.30
CA GLU E 231 -108.01 47.83 61.44
C GLU E 231 -108.24 46.59 60.58
N MET E 232 -108.92 45.60 61.13
CA MET E 232 -109.20 44.39 60.36
C MET E 232 -110.11 44.69 59.18
N ALA E 233 -111.13 45.52 59.40
CA ALA E 233 -112.09 45.84 58.36
C ALA E 233 -111.68 47.00 57.45
N ALA E 234 -110.60 47.69 57.80
CA ALA E 234 -110.16 48.82 57.01
C ALA E 234 -108.78 48.58 56.43
N GLY E 235 -107.95 47.86 57.18
CA GLY E 235 -106.60 47.58 56.73
C GLY E 235 -105.60 48.45 57.48
N TYR E 236 -106.11 49.50 58.10
CA TYR E 236 -105.28 50.42 58.87
C TYR E 236 -106.02 50.87 60.14
N PRO E 237 -105.26 51.20 61.20
CA PRO E 237 -105.82 51.65 62.49
C PRO E 237 -106.48 53.04 62.40
N PRO E 238 -107.56 53.25 63.19
CA PRO E 238 -108.35 54.50 63.26
C PRO E 238 -107.62 55.79 63.60
N PHE E 239 -106.53 55.71 64.35
CA PHE E 239 -105.78 56.90 64.71
C PHE E 239 -104.36 56.88 64.19
N PHE E 240 -104.19 56.45 62.95
CA PHE E 240 -102.86 56.38 62.36
C PHE E 240 -102.26 57.74 62.05
N ALA E 241 -100.94 57.79 62.08
CA ALA E 241 -100.17 59.00 61.79
C ALA E 241 -98.70 58.63 61.73
N ASP E 242 -97.91 59.47 61.08
CA ASP E 242 -96.49 59.21 60.97
C ASP E 242 -95.75 59.51 62.29
N GLN E 243 -96.23 60.50 63.05
CA GLN E 243 -95.60 60.83 64.32
C GLN E 243 -96.42 60.39 65.53
N PRO E 244 -95.78 59.65 66.46
CA PRO E 244 -96.41 59.15 67.68
C PRO E 244 -97.25 60.21 68.40
N ILE E 245 -96.72 61.42 68.46
CA ILE E 245 -97.41 62.53 69.12
C ILE E 245 -98.78 62.76 68.49
N GLN E 246 -98.84 62.81 67.17
CA GLN E 246 -100.11 63.03 66.48
C GLN E 246 -101.08 61.87 66.74
N ILE E 247 -100.57 60.66 66.78
CA ILE E 247 -101.41 59.51 67.04
C ILE E 247 -102.14 59.73 68.35
N TYR E 248 -101.40 60.11 69.38
CA TYR E 248 -102.00 60.32 70.70
C TYR E 248 -102.99 61.48 70.73
N GLU E 249 -102.68 62.57 70.02
CA GLU E 249 -103.59 63.69 70.03
C GLU E 249 -104.90 63.30 69.37
N LYS E 250 -104.81 62.43 68.36
CA LYS E 250 -106.02 61.97 67.67
C LYS E 250 -106.76 61.06 68.63
N ILE E 251 -106.04 60.16 69.27
CA ILE E 251 -106.64 59.24 70.22
C ILE E 251 -107.40 60.03 71.29
N VAL E 252 -106.77 61.06 71.84
CA VAL E 252 -107.42 61.87 72.86
C VAL E 252 -108.66 62.63 72.38
N SER E 253 -108.67 63.04 71.12
CA SER E 253 -109.81 63.78 70.58
C SER E 253 -110.97 62.85 70.29
N GLY E 254 -110.68 61.56 70.18
CA GLY E 254 -111.71 60.57 69.91
C GLY E 254 -112.37 60.63 68.54
N LYS E 255 -112.07 61.66 67.76
CA LYS E 255 -112.68 61.81 66.43
C LYS E 255 -112.19 60.72 65.46
N VAL E 256 -113.15 60.01 64.88
CA VAL E 256 -112.83 58.93 63.95
C VAL E 256 -113.57 59.08 62.63
N ARG E 257 -112.88 58.76 61.54
CA ARG E 257 -113.44 58.81 60.20
C ARG E 257 -113.48 57.38 59.65
N PHE E 258 -114.66 56.89 59.30
CA PHE E 258 -114.83 55.53 58.79
C PHE E 258 -114.83 55.41 57.26
N PRO E 259 -114.24 54.34 56.75
CA PRO E 259 -114.21 54.16 55.30
C PRO E 259 -115.64 54.12 54.77
N SER E 260 -115.79 54.38 53.48
CA SER E 260 -117.08 54.39 52.81
C SER E 260 -117.78 53.04 52.90
N HIS E 261 -117.00 51.96 52.70
CA HIS E 261 -117.52 50.60 52.70
C HIS E 261 -117.97 50.01 54.03
N PHE E 262 -117.65 50.67 55.15
CA PHE E 262 -118.06 50.19 56.46
C PHE E 262 -119.59 50.20 56.59
N SER E 263 -120.16 49.11 57.05
CA SER E 263 -121.62 49.02 57.20
C SER E 263 -122.09 49.85 58.39
N SER E 264 -123.39 50.09 58.48
CA SER E 264 -123.95 50.86 59.58
C SER E 264 -123.73 50.20 60.94
N ASP E 265 -124.11 48.93 61.03
CA ASP E 265 -123.95 48.22 62.28
C ASP E 265 -122.52 48.27 62.78
N LEU E 266 -121.58 48.24 61.85
CA LEU E 266 -120.17 48.25 62.23
C LEU E 266 -119.79 49.61 62.79
N LYS E 267 -120.15 50.66 62.07
CA LYS E 267 -119.84 52.01 62.49
C LYS E 267 -120.40 52.24 63.88
N ASP E 268 -121.65 51.85 64.09
CA ASP E 268 -122.25 52.05 65.40
C ASP E 268 -121.47 51.32 66.48
N LEU E 269 -121.18 50.03 66.26
CA LEU E 269 -120.43 49.26 67.25
C LEU E 269 -119.11 49.94 67.56
N LEU E 270 -118.41 50.36 66.52
CA LEU E 270 -117.13 51.02 66.68
C LEU E 270 -117.21 52.38 67.38
N ARG E 271 -118.31 53.12 67.19
CA ARG E 271 -118.41 54.41 67.86
C ARG E 271 -118.54 54.18 69.37
N ASN E 272 -119.09 53.03 69.72
CA ASN E 272 -119.29 52.65 71.11
C ASN E 272 -118.08 52.01 71.76
N LEU E 273 -117.17 51.46 70.95
CA LEU E 273 -115.98 50.85 71.49
C LEU E 273 -114.91 51.92 71.60
N LEU E 274 -114.87 52.80 70.62
CA LEU E 274 -113.89 53.87 70.62
C LEU E 274 -114.48 55.13 71.24
N GLN E 275 -114.99 54.96 72.46
CA GLN E 275 -115.57 56.05 73.23
C GLN E 275 -114.54 56.62 74.19
N VAL E 276 -114.18 57.89 74.05
CA VAL E 276 -113.23 58.48 74.99
C VAL E 276 -113.93 58.63 76.35
N ASP E 277 -115.25 58.75 76.29
CA ASP E 277 -116.11 58.90 77.45
C ASP E 277 -116.44 57.54 78.07
N LEU E 278 -115.83 57.27 79.22
CA LEU E 278 -116.03 56.01 79.91
C LEU E 278 -117.47 55.73 80.31
N THR E 279 -118.30 56.77 80.38
CA THR E 279 -119.70 56.57 80.75
C THR E 279 -120.49 56.02 79.57
N LYS E 280 -119.87 56.03 78.40
CA LYS E 280 -120.52 55.55 77.17
C LYS E 280 -119.82 54.41 76.46
N ARG E 281 -118.69 53.94 76.98
CA ARG E 281 -117.96 52.87 76.32
C ARG E 281 -118.49 51.45 76.55
N PHE E 282 -118.73 50.73 75.45
CA PHE E 282 -119.21 49.35 75.53
C PHE E 282 -118.24 48.45 76.28
N GLY E 283 -118.80 47.66 77.19
CA GLY E 283 -117.99 46.76 77.98
C GLY E 283 -117.86 47.35 79.38
N ASN E 284 -117.84 48.68 79.45
CA ASN E 284 -117.69 49.37 80.73
C ASN E 284 -119.00 49.77 81.37
N LEU E 285 -120.09 49.61 80.64
CA LEU E 285 -121.40 49.99 81.15
C LEU E 285 -122.07 48.89 81.96
N LYS E 286 -123.27 49.20 82.45
CA LYS E 286 -124.08 48.33 83.26
C LYS E 286 -124.07 46.86 82.85
N ASN E 287 -124.30 46.58 81.57
CA ASN E 287 -124.32 45.19 81.11
C ASN E 287 -122.97 44.56 80.75
N GLY E 288 -121.91 45.34 80.82
CA GLY E 288 -120.61 44.82 80.51
C GLY E 288 -120.46 44.31 79.08
N VAL E 289 -119.94 43.10 78.95
CA VAL E 289 -119.68 42.48 77.65
C VAL E 289 -120.91 42.11 76.82
N ASN E 290 -122.10 42.17 77.41
CA ASN E 290 -123.30 41.84 76.65
C ASN E 290 -123.71 42.97 75.74
N ASP E 291 -123.34 44.19 76.09
CA ASP E 291 -123.66 45.33 75.24
C ASP E 291 -122.98 45.06 73.91
N ILE E 292 -121.86 44.34 73.95
CA ILE E 292 -121.10 43.98 72.77
C ILE E 292 -121.68 42.73 72.11
N LYS E 293 -121.86 41.68 72.91
CA LYS E 293 -122.41 40.44 72.38
C LYS E 293 -123.79 40.55 71.74
N ASN E 294 -124.57 41.53 72.20
CA ASN E 294 -125.92 41.71 71.69
C ASN E 294 -126.02 42.81 70.66
N HIS E 295 -124.88 43.31 70.22
CA HIS E 295 -124.93 44.38 69.23
C HIS E 295 -125.33 43.83 67.86
N LYS E 296 -126.10 44.62 67.12
CA LYS E 296 -126.56 44.23 65.78
C LYS E 296 -125.45 43.70 64.87
N TRP E 297 -124.21 44.14 65.08
CA TRP E 297 -123.15 43.67 64.22
C TRP E 297 -122.83 42.22 64.49
N PHE E 298 -123.07 41.77 65.73
CA PHE E 298 -122.79 40.39 66.11
C PHE E 298 -124.01 39.48 66.11
N ALA E 299 -125.11 39.96 65.54
CA ALA E 299 -126.36 39.19 65.48
C ALA E 299 -126.23 37.80 64.84
N THR E 300 -125.45 37.69 63.79
CA THR E 300 -125.30 36.40 63.13
C THR E 300 -124.19 35.57 63.76
N THR E 301 -123.83 35.90 65.00
CA THR E 301 -122.77 35.19 65.66
C THR E 301 -123.30 34.15 66.64
N ASP E 302 -122.77 32.93 66.55
CA ASP E 302 -123.16 31.88 67.46
C ASP E 302 -122.01 31.71 68.45
N TRP E 303 -122.11 32.45 69.55
CA TRP E 303 -121.11 32.48 70.60
C TRP E 303 -120.66 31.14 71.13
N ILE E 304 -121.59 30.21 71.30
CA ILE E 304 -121.22 28.90 71.80
C ILE E 304 -120.41 28.16 70.73
N ALA E 305 -120.87 28.28 69.50
CA ALA E 305 -120.23 27.65 68.36
C ALA E 305 -118.78 28.12 68.23
N ILE E 306 -118.57 29.43 68.35
CA ILE E 306 -117.23 30.00 68.25
C ILE E 306 -116.37 29.47 69.38
N TYR E 307 -116.97 29.35 70.56
CA TYR E 307 -116.27 28.84 71.74
C TYR E 307 -115.80 27.42 71.56
N GLN E 308 -116.66 26.58 71.01
CA GLN E 308 -116.34 25.17 70.80
C GLN E 308 -115.56 24.98 69.50
N ARG E 309 -115.23 26.09 68.85
CA ARG E 309 -114.47 26.06 67.61
C ARG E 309 -115.13 25.19 66.55
N LYS E 310 -116.46 25.21 66.53
CA LYS E 310 -117.21 24.41 65.56
C LYS E 310 -117.48 25.17 64.27
N VAL E 311 -117.35 26.49 64.30
CA VAL E 311 -117.59 27.31 63.11
C VAL E 311 -116.44 27.11 62.13
N GLU E 312 -116.72 27.24 60.85
CA GLU E 312 -115.66 27.08 59.84
C GLU E 312 -114.92 28.40 59.61
N ALA E 313 -113.66 28.42 60.01
CA ALA E 313 -112.82 29.60 59.83
C ALA E 313 -112.75 29.92 58.36
N PRO E 314 -112.55 31.20 58.02
CA PRO E 314 -112.45 31.62 56.61
C PRO E 314 -111.07 31.50 56.01
N PHE E 315 -110.08 31.10 56.82
CA PHE E 315 -108.72 30.99 56.30
C PHE E 315 -107.84 30.01 57.06
N ILE E 316 -107.38 28.97 56.37
CA ILE E 316 -106.50 27.99 56.99
C ILE E 316 -105.10 28.39 56.58
N PRO E 317 -104.25 28.72 57.55
CA PRO E 317 -102.87 29.14 57.29
C PRO E 317 -101.97 28.05 56.74
N LYS E 318 -100.82 28.48 56.26
CA LYS E 318 -99.81 27.60 55.71
C LYS E 318 -99.19 26.75 56.81
N PHE E 319 -98.86 25.50 56.49
CA PHE E 319 -98.24 24.59 57.45
C PHE E 319 -97.71 23.31 56.81
N GLU E 333 -78.68 28.17 64.73
CA GLU E 333 -78.90 27.27 65.86
C GLU E 333 -77.61 27.07 66.65
N GLU E 334 -77.73 26.46 67.83
CA GLU E 334 -76.59 26.19 68.70
C GLU E 334 -76.95 25.13 69.73
N GLU E 335 -76.13 25.05 70.79
CA GLU E 335 -76.34 24.07 71.86
C GLU E 335 -75.86 24.62 73.22
N ILE E 336 -76.74 25.33 73.92
CA ILE E 336 -76.41 25.91 75.22
C ILE E 336 -76.38 24.87 76.33
N ARG E 337 -75.84 25.25 77.48
CA ARG E 337 -75.75 24.36 78.64
C ARG E 337 -75.84 25.12 79.95
N VAL E 338 -76.14 24.40 81.03
CA VAL E 338 -76.27 24.98 82.36
C VAL E 338 -74.95 25.56 82.88
N SER E 339 -74.90 25.74 84.20
CA SER E 339 -73.72 26.27 84.89
C SER E 339 -73.28 25.24 85.93
N ILE E 340 -73.97 24.11 85.94
CA ILE E 340 -73.70 23.02 86.88
C ILE E 340 -73.87 23.57 88.30
N ASN E 341 -74.42 24.78 88.38
CA ASN E 341 -74.65 25.44 89.65
C ASN E 341 -75.78 26.47 89.51
N GLU E 342 -76.69 26.48 90.48
CA GLU E 342 -77.82 27.39 90.47
C GLU E 342 -77.42 28.78 90.97
N LYS E 343 -77.66 29.79 90.14
CA LYS E 343 -77.31 31.16 90.47
C LYS E 343 -78.45 31.99 91.06
N CYS E 344 -79.01 32.88 90.26
CA CYS E 344 -80.08 33.78 90.68
C CYS E 344 -81.29 33.10 91.32
N GLY E 345 -81.11 31.88 91.80
CA GLY E 345 -82.19 31.14 92.45
C GLY E 345 -82.48 31.66 93.85
N LYS E 346 -81.75 32.69 94.24
CA LYS E 346 -81.91 33.30 95.55
C LYS E 346 -82.92 34.44 95.48
N GLU E 347 -83.84 34.35 94.52
CA GLU E 347 -84.85 35.37 94.31
C GLU E 347 -85.96 34.87 93.39
N PHE E 348 -85.57 34.10 92.37
CA PHE E 348 -86.55 33.54 91.43
C PHE E 348 -87.13 32.27 92.02
N THR E 349 -87.13 32.20 93.35
CA THR E 349 -87.68 31.05 94.06
C THR E 349 -89.05 30.74 93.48
N GLU E 350 -89.97 31.68 93.66
CA GLU E 350 -91.32 31.55 93.16
C GLU E 350 -91.31 31.44 91.65
N PHE E 351 -91.46 30.22 91.15
CA PHE E 351 -91.47 29.96 89.72
C PHE E 351 -91.74 28.48 89.48
#